data_2YUC
#
_entry.id   2YUC
#
loop_
_entity.id
_entity.type
_entity.pdbx_description
1 polymer 'TNF receptor-associated factor 4'
2 non-polymer 'ZINC ION'
#
_entity_poly.entity_id   1
_entity_poly.type   'polypeptide(L)'
_entity_poly.pdbx_seq_one_letter_code
;GSSGSSGHLNTCSFNVIPCPNRCPMKLSRRDLPAHLQHDCPKRRLKCEFCGCDFSGEAYESHEGMCPQESSGPSSG
;
_entity_poly.pdbx_strand_id   A
#
loop_
_chem_comp.id
_chem_comp.type
_chem_comp.name
_chem_comp.formula
ZN non-polymer 'ZINC ION' 'Zn 2'
#
# COMPACT_ATOMS: atom_id res chain seq x y z
N GLY A 1 16.56 -10.52 -12.62
CA GLY A 1 15.70 -9.78 -13.52
C GLY A 1 14.42 -9.34 -12.86
N SER A 2 13.75 -8.36 -13.48
CA SER A 2 12.50 -7.83 -12.94
C SER A 2 11.41 -7.83 -14.00
N SER A 3 10.59 -8.87 -14.00
CA SER A 3 9.50 -8.99 -14.97
C SER A 3 8.29 -9.68 -14.36
N GLY A 4 7.10 -9.19 -14.68
CA GLY A 4 5.89 -9.77 -14.15
C GLY A 4 4.99 -8.74 -13.50
N SER A 5 5.59 -7.85 -12.70
CA SER A 5 4.84 -6.81 -12.01
C SER A 5 3.78 -7.43 -11.10
N SER A 6 4.22 -8.30 -10.20
CA SER A 6 3.32 -8.97 -9.27
C SER A 6 4.06 -9.38 -8.01
N GLY A 7 3.32 -9.96 -7.05
CA GLY A 7 3.92 -10.40 -5.81
C GLY A 7 5.15 -11.26 -6.03
N HIS A 8 6.14 -11.13 -5.15
CA HIS A 8 7.37 -11.89 -5.25
C HIS A 8 7.65 -12.65 -3.96
N LEU A 9 8.55 -13.63 -4.03
CA LEU A 9 8.90 -14.43 -2.87
C LEU A 9 9.25 -13.53 -1.68
N ASN A 10 9.63 -14.16 -0.56
CA ASN A 10 10.00 -13.41 0.64
C ASN A 10 11.10 -14.13 1.40
N THR A 11 12.10 -13.36 1.86
CA THR A 11 13.20 -13.92 2.61
C THR A 11 12.96 -13.85 4.11
N CYS A 12 13.90 -14.36 4.89
CA CYS A 12 13.78 -14.35 6.34
C CYS A 12 14.65 -13.25 6.95
N SER A 13 14.16 -12.03 6.91
CA SER A 13 14.90 -10.89 7.45
C SER A 13 15.23 -11.12 8.92
N PHE A 14 16.20 -10.36 9.43
CA PHE A 14 16.62 -10.47 10.82
C PHE A 14 16.86 -9.09 11.43
N ASN A 15 16.74 -9.02 12.75
CA ASN A 15 16.94 -7.76 13.46
C ASN A 15 15.99 -6.69 12.94
N VAL A 16 14.73 -7.06 12.77
CA VAL A 16 13.72 -6.12 12.27
C VAL A 16 12.43 -6.21 13.09
N ILE A 17 11.43 -5.43 12.69
CA ILE A 17 10.16 -5.43 13.38
C ILE A 17 9.00 -5.60 12.40
N PRO A 18 7.92 -6.26 12.86
CA PRO A 18 6.74 -6.50 12.04
C PRO A 18 5.95 -5.21 11.78
N CYS A 19 5.09 -5.25 10.76
CA CYS A 19 4.28 -4.10 10.40
C CYS A 19 3.04 -4.00 11.30
N PRO A 20 2.75 -2.78 11.77
CA PRO A 20 1.60 -2.52 12.64
C PRO A 20 0.28 -2.65 11.90
N ASN A 21 0.33 -2.55 10.58
CA ASN A 21 -0.87 -2.66 9.75
C ASN A 21 -1.42 -4.08 9.78
N ARG A 22 -0.64 -5.00 10.33
CA ARG A 22 -1.04 -6.40 10.42
C ARG A 22 -0.76 -7.13 9.12
N CYS A 23 0.16 -6.58 8.32
CA CYS A 23 0.54 -7.18 7.05
C CYS A 23 1.80 -8.03 7.20
N PRO A 24 1.84 -9.15 6.46
CA PRO A 24 2.99 -10.06 6.49
C PRO A 24 4.23 -9.46 5.83
N MET A 25 4.74 -8.39 6.43
CA MET A 25 5.93 -7.72 5.92
C MET A 25 6.63 -6.93 7.02
N LYS A 26 7.91 -7.20 7.21
CA LYS A 26 8.70 -6.50 8.23
C LYS A 26 9.79 -5.65 7.58
N LEU A 27 10.05 -4.48 8.17
CA LEU A 27 11.08 -3.58 7.66
C LEU A 27 12.15 -3.32 8.72
N SER A 28 11.78 -2.59 9.76
CA SER A 28 12.71 -2.26 10.83
C SER A 28 12.15 -1.14 11.70
N ARG A 29 13.00 -0.60 12.58
CA ARG A 29 12.60 0.47 13.48
C ARG A 29 12.97 1.83 12.89
N ARG A 30 13.03 1.90 11.57
CA ARG A 30 13.38 3.14 10.88
C ARG A 30 12.56 3.30 9.60
N ASP A 31 12.41 2.21 8.86
CA ASP A 31 11.66 2.22 7.61
C ASP A 31 10.18 1.94 7.87
N LEU A 32 9.80 1.91 9.14
CA LEU A 32 8.41 1.65 9.52
C LEU A 32 7.50 2.76 9.02
N PRO A 33 7.87 4.02 9.30
CA PRO A 33 7.10 5.18 8.88
C PRO A 33 7.14 5.40 7.37
N ALA A 34 7.99 4.63 6.70
CA ALA A 34 8.13 4.74 5.25
C ALA A 34 7.52 3.54 4.55
N HIS A 35 6.87 2.67 5.32
CA HIS A 35 6.24 1.47 4.77
C HIS A 35 4.73 1.59 4.81
N LEU A 36 4.21 2.14 5.90
CA LEU A 36 2.77 2.31 6.06
C LEU A 36 2.26 3.50 5.25
N GLN A 37 3.19 4.22 4.62
CA GLN A 37 2.84 5.38 3.81
C GLN A 37 2.46 4.96 2.40
N HIS A 38 3.41 4.37 1.69
CA HIS A 38 3.16 3.91 0.32
C HIS A 38 4.00 2.68 0.01
N ASP A 39 4.29 1.89 1.03
CA ASP A 39 5.08 0.68 0.86
C ASP A 39 4.43 -0.50 1.58
N CYS A 40 3.20 -0.29 2.05
CA CYS A 40 2.47 -1.33 2.76
C CYS A 40 1.34 -1.89 1.89
N PRO A 41 1.23 -3.23 1.84
CA PRO A 41 0.21 -3.91 1.05
C PRO A 41 -1.18 -3.73 1.64
N LYS A 42 -1.32 -4.01 2.94
CA LYS A 42 -2.60 -3.88 3.62
C LYS A 42 -2.79 -2.46 4.14
N ARG A 43 -2.12 -1.50 3.51
CA ARG A 43 -2.22 -0.11 3.90
C ARG A 43 -3.68 0.28 4.16
N ARG A 44 -4.59 -0.48 3.58
CA ARG A 44 -6.02 -0.21 3.74
C ARG A 44 -6.45 0.97 2.87
N LEU A 45 -6.24 0.85 1.57
CA LEU A 45 -6.61 1.90 0.64
C LEU A 45 -7.11 1.32 -0.68
N LYS A 46 -8.43 1.36 -0.88
CA LYS A 46 -9.03 0.82 -2.09
C LYS A 46 -9.64 1.95 -2.93
N CYS A 47 -9.52 1.83 -4.24
CA CYS A 47 -10.06 2.84 -5.15
C CYS A 47 -11.58 2.95 -5.00
N GLU A 48 -12.12 4.13 -5.29
CA GLU A 48 -13.54 4.37 -5.19
C GLU A 48 -14.26 4.02 -6.49
N PHE A 49 -13.47 3.71 -7.52
CA PHE A 49 -14.03 3.35 -8.82
C PHE A 49 -13.77 1.88 -9.13
N CYS A 50 -12.52 1.57 -9.49
CA CYS A 50 -12.14 0.21 -9.82
C CYS A 50 -12.14 -0.68 -8.58
N GLY A 51 -12.06 -0.05 -7.41
CA GLY A 51 -12.05 -0.78 -6.16
C GLY A 51 -10.98 -1.85 -6.13
N CYS A 52 -9.72 -1.43 -6.17
CA CYS A 52 -8.60 -2.38 -6.14
C CYS A 52 -7.45 -1.83 -5.30
N ASP A 53 -7.14 -2.52 -4.22
CA ASP A 53 -6.06 -2.10 -3.32
C ASP A 53 -4.91 -1.52 -4.12
N PHE A 54 -4.30 -0.46 -3.58
CA PHE A 54 -3.19 0.21 -4.24
C PHE A 54 -2.23 0.81 -3.22
N SER A 55 -1.11 1.33 -3.69
CA SER A 55 -0.11 1.94 -2.82
C SER A 55 -0.33 3.44 -2.70
N GLY A 56 0.62 4.12 -2.06
CA GLY A 56 0.51 5.56 -1.89
C GLY A 56 0.96 6.32 -3.11
N GLU A 57 1.87 5.72 -3.88
CA GLU A 57 2.39 6.37 -5.08
C GLU A 57 1.41 6.21 -6.24
N ALA A 58 0.52 5.22 -6.14
CA ALA A 58 -0.46 4.98 -7.18
C ALA A 58 -1.80 5.60 -6.82
N TYR A 59 -2.31 5.27 -5.64
CA TYR A 59 -3.59 5.80 -5.19
C TYR A 59 -3.65 7.31 -5.36
N GLU A 60 -2.47 7.94 -5.40
CA GLU A 60 -2.39 9.38 -5.56
C GLU A 60 -2.63 9.78 -7.03
N SER A 61 -1.74 9.32 -7.91
CA SER A 61 -1.85 9.63 -9.33
C SER A 61 -2.88 8.72 -10.00
N HIS A 62 -3.48 7.83 -9.22
CA HIS A 62 -4.48 6.90 -9.74
C HIS A 62 -5.89 7.46 -9.54
N GLU A 63 -6.00 8.51 -8.74
CA GLU A 63 -7.29 9.13 -8.45
C GLU A 63 -7.90 9.72 -9.73
N GLY A 64 -7.03 10.10 -10.66
CA GLY A 64 -7.50 10.67 -11.91
C GLY A 64 -7.34 9.73 -13.09
N MET A 65 -6.41 8.79 -12.95
CA MET A 65 -6.14 7.82 -14.02
C MET A 65 -6.55 6.41 -13.58
N CYS A 66 -7.86 6.21 -13.42
CA CYS A 66 -8.37 4.91 -13.00
C CYS A 66 -8.82 4.09 -14.21
N PRO A 67 -8.48 2.79 -14.19
CA PRO A 67 -8.83 1.87 -15.29
C PRO A 67 -10.32 1.58 -15.35
N GLN A 68 -10.97 1.58 -14.19
CA GLN A 68 -12.40 1.32 -14.10
C GLN A 68 -13.13 2.49 -13.46
N GLU A 69 -13.11 3.64 -14.11
CA GLU A 69 -13.76 4.83 -13.60
C GLU A 69 -15.28 4.64 -13.55
N SER A 70 -15.81 3.93 -14.53
CA SER A 70 -17.25 3.67 -14.61
C SER A 70 -17.54 2.17 -14.53
N SER A 71 -17.15 1.45 -15.57
CA SER A 71 -17.36 0.01 -15.62
C SER A 71 -16.98 -0.65 -14.31
N GLY A 72 -17.89 -1.44 -13.74
CA GLY A 72 -17.62 -2.12 -12.49
C GLY A 72 -17.86 -3.62 -12.57
N PRO A 73 -18.00 -4.27 -11.41
CA PRO A 73 -18.23 -5.71 -11.33
C PRO A 73 -19.62 -6.10 -11.83
N SER A 74 -19.78 -7.37 -12.20
CA SER A 74 -21.04 -7.87 -12.70
C SER A 74 -22.11 -7.83 -11.61
N SER A 75 -21.94 -8.67 -10.58
CA SER A 75 -22.88 -8.73 -9.48
C SER A 75 -22.25 -8.22 -8.20
N GLY A 76 -22.49 -6.95 -7.88
CA GLY A 76 -21.94 -6.36 -6.67
C GLY A 76 -21.70 -4.88 -6.80
ZN ZN B . 2.79 -3.22 6.05
ZN ZN C . -9.13 2.89 -9.74
N GLY A 1 29.30 -1.24 5.61
CA GLY A 1 28.32 -1.63 4.61
C GLY A 1 28.01 -0.50 3.64
N SER A 2 26.74 -0.11 3.60
CA SER A 2 26.31 0.96 2.71
C SER A 2 25.14 1.73 3.31
N SER A 3 24.64 2.73 2.58
CA SER A 3 23.53 3.54 3.05
C SER A 3 22.33 3.42 2.10
N GLY A 4 22.23 2.26 1.44
CA GLY A 4 21.14 2.04 0.50
C GLY A 4 20.83 0.57 0.33
N SER A 5 19.91 0.26 -0.59
CA SER A 5 19.52 -1.12 -0.85
C SER A 5 20.59 -1.84 -1.67
N SER A 6 21.76 -2.04 -1.06
CA SER A 6 22.86 -2.72 -1.73
C SER A 6 23.10 -4.10 -1.12
N GLY A 7 23.30 -5.09 -1.99
CA GLY A 7 23.54 -6.44 -1.52
C GLY A 7 24.83 -6.56 -0.73
N HIS A 8 25.63 -7.57 -1.05
CA HIS A 8 26.90 -7.80 -0.36
C HIS A 8 26.71 -7.77 1.14
N LEU A 9 25.70 -8.49 1.63
CA LEU A 9 25.42 -8.53 3.06
C LEU A 9 26.62 -9.07 3.83
N ASN A 10 26.68 -8.75 5.12
CA ASN A 10 27.77 -9.20 5.97
C ASN A 10 27.29 -9.42 7.40
N THR A 11 28.00 -10.27 8.13
CA THR A 11 27.65 -10.57 9.52
C THR A 11 27.34 -9.29 10.29
N CYS A 12 26.07 -9.09 10.62
CA CYS A 12 25.65 -7.91 11.36
C CYS A 12 24.31 -8.15 12.05
N SER A 13 24.25 -7.86 13.34
CA SER A 13 23.03 -8.06 14.12
C SER A 13 21.90 -7.18 13.56
N PHE A 14 21.14 -7.75 12.63
CA PHE A 14 20.03 -7.03 12.02
C PHE A 14 18.72 -7.31 12.77
N ASN A 15 18.17 -6.27 13.38
CA ASN A 15 16.93 -6.40 14.14
C ASN A 15 15.81 -5.58 13.50
N VAL A 16 14.67 -6.22 13.25
CA VAL A 16 13.53 -5.54 12.65
C VAL A 16 12.26 -5.80 13.44
N ILE A 17 11.18 -5.14 13.05
CA ILE A 17 9.89 -5.29 13.72
C ILE A 17 8.77 -5.52 12.72
N PRO A 18 7.73 -6.25 13.15
CA PRO A 18 6.57 -6.56 12.31
C PRO A 18 5.72 -5.33 12.03
N CYS A 19 5.08 -5.30 10.86
CA CYS A 19 4.23 -4.18 10.49
C CYS A 19 2.95 -4.16 11.32
N PRO A 20 2.59 -2.97 11.81
CA PRO A 20 1.39 -2.78 12.62
C PRO A 20 0.10 -2.95 11.82
N ASN A 21 0.18 -2.69 10.52
CA ASN A 21 -0.97 -2.81 9.64
C ASN A 21 -1.47 -4.26 9.60
N ARG A 22 -0.72 -5.15 10.22
CA ARG A 22 -1.07 -6.57 10.25
C ARG A 22 -0.79 -7.24 8.92
N CYS A 23 0.25 -6.78 8.23
CA CYS A 23 0.63 -7.33 6.94
C CYS A 23 1.91 -8.17 7.07
N PRO A 24 1.97 -9.26 6.29
CA PRO A 24 3.12 -10.17 6.30
C PRO A 24 4.35 -9.53 5.66
N MET A 25 4.86 -8.48 6.28
CA MET A 25 6.03 -7.79 5.78
C MET A 25 6.75 -7.03 6.89
N LYS A 26 8.05 -7.26 7.01
CA LYS A 26 8.86 -6.61 8.04
C LYS A 26 9.92 -5.71 7.41
N LEU A 27 10.17 -4.56 8.04
CA LEU A 27 11.15 -3.61 7.54
C LEU A 27 12.23 -3.35 8.59
N SER A 28 11.85 -2.65 9.66
CA SER A 28 12.78 -2.33 10.73
C SER A 28 12.24 -1.19 11.59
N ARG A 29 13.09 -0.67 12.47
CA ARG A 29 12.70 0.42 13.36
C ARG A 29 13.10 1.77 12.76
N ARG A 30 13.14 1.83 11.44
CA ARG A 30 13.51 3.07 10.74
C ARG A 30 12.67 3.24 9.48
N ASP A 31 12.50 2.16 8.73
CA ASP A 31 11.72 2.19 7.50
C ASP A 31 10.25 1.91 7.78
N LEU A 32 9.88 1.91 9.05
CA LEU A 32 8.50 1.65 9.45
C LEU A 32 7.58 2.75 8.96
N PRO A 33 7.96 4.01 9.22
CA PRO A 33 7.18 5.18 8.81
C PRO A 33 7.21 5.39 7.30
N ALA A 34 8.04 4.62 6.61
CA ALA A 34 8.16 4.71 5.16
C ALA A 34 7.56 3.50 4.48
N HIS A 35 6.92 2.63 5.27
CA HIS A 35 6.30 1.43 4.74
C HIS A 35 4.77 1.53 4.80
N LEU A 36 4.26 2.03 5.92
CA LEU A 36 2.82 2.18 6.10
C LEU A 36 2.30 3.35 5.28
N GLN A 37 3.20 4.12 4.69
CA GLN A 37 2.83 5.26 3.88
C GLN A 37 2.41 4.84 2.48
N HIS A 38 3.39 4.40 1.69
CA HIS A 38 3.11 3.95 0.32
C HIS A 38 3.94 2.72 -0.02
N ASP A 39 4.29 1.94 1.01
CA ASP A 39 5.09 0.73 0.81
C ASP A 39 4.45 -0.46 1.54
N CYS A 40 3.23 -0.25 2.04
CA CYS A 40 2.51 -1.30 2.76
C CYS A 40 1.28 -1.74 1.98
N PRO A 41 1.05 -3.06 1.92
CA PRO A 41 -0.10 -3.63 1.21
C PRO A 41 -1.41 -3.34 1.92
N LYS A 42 -1.44 -3.57 3.23
CA LYS A 42 -2.65 -3.34 4.02
C LYS A 42 -2.59 -1.97 4.69
N ARG A 43 -1.88 -1.03 4.06
CA ARG A 43 -1.76 0.32 4.60
C ARG A 43 -3.04 0.75 5.30
N ARG A 44 -4.18 0.32 4.75
CA ARG A 44 -5.48 0.67 5.33
C ARG A 44 -5.65 2.18 5.41
N LEU A 45 -5.28 2.87 4.33
CA LEU A 45 -5.39 4.32 4.28
C LEU A 45 -6.69 4.75 3.59
N LYS A 46 -7.60 5.33 4.37
CA LYS A 46 -8.88 5.78 3.84
C LYS A 46 -9.06 7.28 4.07
N CYS A 47 -9.93 7.89 3.27
CA CYS A 47 -10.21 9.31 3.39
C CYS A 47 -11.35 9.57 4.35
N GLU A 48 -11.11 10.44 5.33
CA GLU A 48 -12.13 10.77 6.32
C GLU A 48 -13.09 11.84 5.78
N PHE A 49 -13.08 12.01 4.47
CA PHE A 49 -13.95 12.99 3.82
C PHE A 49 -14.89 12.32 2.82
N CYS A 50 -14.30 11.58 1.88
CA CYS A 50 -15.08 10.90 0.86
C CYS A 50 -15.20 9.40 1.18
N GLY A 51 -14.30 8.92 2.02
CA GLY A 51 -14.32 7.52 2.40
C GLY A 51 -13.76 6.61 1.32
N CYS A 52 -12.58 6.95 0.82
CA CYS A 52 -11.94 6.16 -0.23
C CYS A 52 -10.56 5.70 0.20
N ASP A 53 -10.14 4.54 -0.30
CA ASP A 53 -8.83 3.99 0.04
C ASP A 53 -7.77 4.48 -0.93
N PHE A 54 -6.60 4.83 -0.40
CA PHE A 54 -5.50 5.32 -1.22
C PHE A 54 -4.15 4.94 -0.61
N SER A 55 -3.08 5.29 -1.30
CA SER A 55 -1.73 4.97 -0.84
C SER A 55 -1.02 6.23 -0.32
N GLY A 56 0.21 6.06 0.14
CA GLY A 56 0.97 7.18 0.65
C GLY A 56 1.47 8.09 -0.45
N GLU A 57 1.57 7.55 -1.66
CA GLU A 57 2.05 8.32 -2.80
C GLU A 57 0.90 9.06 -3.48
N ALA A 58 -0.30 8.51 -3.35
CA ALA A 58 -1.49 9.11 -3.94
C ALA A 58 -2.25 9.94 -2.92
N TYR A 59 -2.55 9.34 -1.77
CA TYR A 59 -3.28 10.02 -0.71
C TYR A 59 -2.74 11.44 -0.50
N GLU A 60 -1.46 11.62 -0.78
CA GLU A 60 -0.82 12.92 -0.63
C GLU A 60 -1.51 13.97 -1.49
N SER A 61 -1.65 13.67 -2.78
CA SER A 61 -2.30 14.60 -3.72
C SER A 61 -3.81 14.65 -3.47
N HIS A 62 -4.31 13.66 -2.75
CA HIS A 62 -5.74 13.60 -2.44
C HIS A 62 -6.08 14.49 -1.25
N GLU A 63 -5.07 14.78 -0.43
CA GLU A 63 -5.26 15.61 0.76
C GLU A 63 -5.33 17.09 0.37
N GLY A 64 -6.35 17.78 0.88
CA GLY A 64 -6.51 19.19 0.58
C GLY A 64 -7.65 19.45 -0.39
N MET A 65 -7.81 18.57 -1.38
CA MET A 65 -8.86 18.71 -2.38
C MET A 65 -9.97 17.69 -2.13
N CYS A 66 -9.71 16.44 -2.47
CA CYS A 66 -10.69 15.38 -2.28
C CYS A 66 -11.95 15.67 -3.08
N PRO A 67 -12.51 14.61 -3.71
CA PRO A 67 -13.72 14.73 -4.52
C PRO A 67 -14.96 14.99 -3.66
N GLN A 68 -14.99 14.39 -2.47
CA GLN A 68 -16.12 14.56 -1.56
C GLN A 68 -15.64 15.08 -0.20
N GLU A 69 -15.31 16.36 -0.15
CA GLU A 69 -14.85 16.98 1.09
C GLU A 69 -16.01 17.15 2.09
N SER A 70 -17.22 17.20 1.56
CA SER A 70 -18.41 17.36 2.40
C SER A 70 -19.33 16.16 2.27
N SER A 71 -20.46 16.21 2.96
CA SER A 71 -21.44 15.12 2.92
C SER A 71 -22.28 15.19 1.66
N GLY A 72 -21.99 14.32 0.71
CA GLY A 72 -22.74 14.30 -0.54
C GLY A 72 -24.21 14.01 -0.33
N PRO A 73 -24.96 13.87 -1.44
CA PRO A 73 -26.39 13.59 -1.39
C PRO A 73 -26.70 12.19 -0.88
N SER A 74 -26.57 12.00 0.43
CA SER A 74 -26.83 10.69 1.04
C SER A 74 -28.02 10.78 1.99
N SER A 75 -28.18 11.93 2.64
CA SER A 75 -29.27 12.13 3.58
C SER A 75 -30.09 13.37 3.21
N GLY A 76 -31.40 13.28 3.39
CA GLY A 76 -32.28 14.40 3.07
C GLY A 76 -33.22 14.08 1.93
ZN ZN B . 2.83 -3.28 6.08
ZN ZN C . -11.34 12.07 -0.24
N GLY A 1 14.04 1.86 -22.76
CA GLY A 1 14.74 3.10 -23.03
C GLY A 1 13.98 4.31 -22.51
N SER A 2 12.68 4.17 -22.33
CA SER A 2 11.85 5.25 -21.84
C SER A 2 11.43 5.01 -20.39
N SER A 3 11.99 5.82 -19.49
CA SER A 3 11.68 5.70 -18.07
C SER A 3 11.99 4.29 -17.56
N GLY A 4 13.10 3.72 -18.04
CA GLY A 4 13.48 2.38 -17.63
C GLY A 4 14.07 2.35 -16.24
N SER A 5 13.72 1.33 -15.47
CA SER A 5 14.22 1.19 -14.11
C SER A 5 14.15 -0.27 -13.65
N SER A 6 15.03 -0.64 -12.73
CA SER A 6 15.06 -2.00 -12.20
C SER A 6 14.80 -2.02 -10.70
N GLY A 7 14.49 -3.20 -10.17
CA GLY A 7 14.23 -3.33 -8.75
C GLY A 7 14.46 -4.74 -8.24
N HIS A 8 15.74 -5.10 -8.09
CA HIS A 8 16.10 -6.42 -7.60
C HIS A 8 15.90 -6.52 -6.09
N LEU A 9 16.06 -7.74 -5.56
CA LEU A 9 15.90 -7.96 -4.13
C LEU A 9 17.24 -7.88 -3.41
N ASN A 10 17.30 -7.04 -2.37
CA ASN A 10 18.52 -6.87 -1.59
C ASN A 10 18.44 -7.64 -0.28
N THR A 11 18.81 -8.92 -0.33
CA THR A 11 18.80 -9.77 0.86
C THR A 11 19.89 -9.38 1.84
N CYS A 12 19.50 -8.76 2.94
CA CYS A 12 20.46 -8.34 3.96
C CYS A 12 20.17 -9.02 5.29
N SER A 13 21.02 -8.76 6.28
CA SER A 13 20.86 -9.35 7.60
C SER A 13 20.87 -8.27 8.69
N PHE A 14 19.70 -8.04 9.28
CA PHE A 14 19.57 -7.04 10.33
C PHE A 14 18.23 -7.17 11.04
N ASN A 15 18.24 -7.01 12.36
CA ASN A 15 17.02 -7.11 13.15
C ASN A 15 15.97 -6.11 12.68
N VAL A 16 14.73 -6.58 12.57
CA VAL A 16 13.64 -5.73 12.11
C VAL A 16 12.40 -5.91 13.00
N ILE A 17 11.33 -5.23 12.64
CA ILE A 17 10.09 -5.31 13.40
C ILE A 17 8.89 -5.53 12.48
N PRO A 18 7.84 -6.18 13.01
CA PRO A 18 6.63 -6.47 12.24
C PRO A 18 5.81 -5.21 11.95
N CYS A 19 5.06 -5.23 10.85
CA CYS A 19 4.24 -4.09 10.46
C CYS A 19 2.98 -4.00 11.33
N PRO A 20 2.68 -2.78 11.78
CA PRO A 20 1.50 -2.52 12.62
C PRO A 20 0.20 -2.68 11.85
N ASN A 21 0.28 -2.61 10.53
CA ASN A 21 -0.90 -2.76 9.69
C ASN A 21 -1.43 -4.19 9.71
N ARG A 22 -0.63 -5.09 10.27
CA ARG A 22 -1.01 -6.49 10.36
C ARG A 22 -0.69 -7.23 9.07
N CYS A 23 0.24 -6.67 8.29
CA CYS A 23 0.65 -7.27 7.02
C CYS A 23 1.91 -8.10 7.20
N PRO A 24 1.99 -9.23 6.48
CA PRO A 24 3.15 -10.13 6.54
C PRO A 24 4.38 -9.53 5.90
N MET A 25 4.88 -8.45 6.48
CA MET A 25 6.07 -7.78 5.97
C MET A 25 6.77 -6.99 7.08
N LYS A 26 8.03 -7.34 7.34
CA LYS A 26 8.81 -6.66 8.37
C LYS A 26 9.95 -5.86 7.75
N LEU A 27 9.98 -4.56 8.04
CA LEU A 27 11.03 -3.69 7.51
C LEU A 27 12.10 -3.43 8.56
N SER A 28 11.76 -2.66 9.58
CA SER A 28 12.69 -2.33 10.66
C SER A 28 12.13 -1.23 11.55
N ARG A 29 12.95 -0.77 12.49
CA ARG A 29 12.54 0.28 13.42
C ARG A 29 12.91 1.66 12.86
N ARG A 30 12.98 1.76 11.54
CA ARG A 30 13.33 3.02 10.89
C ARG A 30 12.53 3.21 9.60
N ASP A 31 12.35 2.13 8.86
CA ASP A 31 11.61 2.17 7.61
C ASP A 31 10.13 1.91 7.85
N LEU A 32 9.75 1.84 9.12
CA LEU A 32 8.35 1.60 9.49
C LEU A 32 7.46 2.74 9.03
N PRO A 33 7.86 3.98 9.35
CA PRO A 33 7.11 5.18 8.98
C PRO A 33 7.15 5.45 7.48
N ALA A 34 7.94 4.66 6.76
CA ALA A 34 8.07 4.81 5.31
C ALA A 34 7.52 3.58 4.59
N HIS A 35 6.86 2.71 5.34
CA HIS A 35 6.29 1.49 4.77
C HIS A 35 4.77 1.55 4.78
N LEU A 36 4.21 2.12 5.85
CA LEU A 36 2.77 2.23 5.98
C LEU A 36 2.23 3.40 5.17
N GLN A 37 3.15 4.17 4.58
CA GLN A 37 2.77 5.32 3.76
C GLN A 37 2.41 4.88 2.36
N HIS A 38 3.39 4.34 1.63
CA HIS A 38 3.17 3.88 0.26
C HIS A 38 4.03 2.66 -0.04
N ASP A 39 4.33 1.88 0.99
CA ASP A 39 5.13 0.68 0.84
C ASP A 39 4.50 -0.51 1.56
N CYS A 40 3.27 -0.31 2.03
CA CYS A 40 2.55 -1.36 2.74
C CYS A 40 1.36 -1.86 1.92
N PRO A 41 1.20 -3.19 1.86
CA PRO A 41 0.10 -3.82 1.12
C PRO A 41 -1.25 -3.59 1.78
N LYS A 42 -1.26 -3.49 3.10
CA LYS A 42 -2.48 -3.27 3.84
C LYS A 42 -2.60 -1.82 4.28
N ARG A 43 -1.82 -0.94 3.65
CA ARG A 43 -1.83 0.47 3.98
C ARG A 43 -3.23 0.92 4.38
N ARG A 44 -4.25 0.31 3.78
CA ARG A 44 -5.63 0.65 4.09
C ARG A 44 -5.93 2.10 3.70
N LEU A 45 -5.56 2.47 2.47
CA LEU A 45 -5.79 3.82 1.98
C LEU A 45 -6.71 3.81 0.77
N LYS A 46 -7.85 4.47 0.90
CA LYS A 46 -8.82 4.54 -0.19
C LYS A 46 -9.36 5.96 -0.36
N CYS A 47 -9.66 6.34 -1.60
CA CYS A 47 -10.19 7.67 -1.87
C CYS A 47 -11.55 7.87 -1.22
N GLU A 48 -11.71 8.99 -0.53
CA GLU A 48 -12.97 9.29 0.15
C GLU A 48 -13.97 9.90 -0.83
N PHE A 49 -13.72 9.72 -2.12
CA PHE A 49 -14.60 10.24 -3.16
C PHE A 49 -15.06 9.14 -4.09
N CYS A 50 -14.13 8.57 -4.85
CA CYS A 50 -14.44 7.50 -5.78
C CYS A 50 -14.37 6.14 -5.10
N GLY A 51 -13.63 6.08 -3.99
CA GLY A 51 -13.49 4.84 -3.26
C GLY A 51 -12.57 3.86 -3.95
N CYS A 52 -11.36 4.29 -4.25
CA CYS A 52 -10.38 3.44 -4.92
C CYS A 52 -9.07 3.41 -4.16
N ASP A 53 -8.62 2.22 -3.78
CA ASP A 53 -7.37 2.05 -3.05
C ASP A 53 -6.25 2.86 -3.70
N PHE A 54 -5.40 3.44 -2.86
CA PHE A 54 -4.29 4.25 -3.36
C PHE A 54 -3.10 4.16 -2.40
N SER A 55 -1.93 4.60 -2.88
CA SER A 55 -0.72 4.57 -2.08
C SER A 55 -0.53 5.89 -1.33
N GLY A 56 0.53 5.95 -0.52
CA GLY A 56 0.81 7.16 0.24
C GLY A 56 1.05 8.37 -0.65
N GLU A 57 2.24 8.44 -1.23
CA GLU A 57 2.59 9.55 -2.11
C GLU A 57 1.62 9.65 -3.28
N ALA A 58 1.10 8.50 -3.71
CA ALA A 58 0.16 8.46 -4.82
C ALA A 58 -1.12 9.21 -4.48
N TYR A 59 -1.80 8.77 -3.43
CA TYR A 59 -3.05 9.40 -3.00
C TYR A 59 -2.95 10.92 -3.10
N GLU A 60 -1.81 11.46 -2.66
CA GLU A 60 -1.59 12.91 -2.70
C GLU A 60 -1.80 13.45 -4.11
N SER A 61 -1.33 12.69 -5.11
CA SER A 61 -1.46 13.09 -6.50
C SER A 61 -2.89 12.90 -7.00
N HIS A 62 -3.62 12.02 -6.33
CA HIS A 62 -5.00 11.73 -6.70
C HIS A 62 -5.93 12.85 -6.25
N GLU A 63 -5.65 13.41 -5.08
CA GLU A 63 -6.45 14.49 -4.52
C GLU A 63 -6.51 15.67 -5.48
N GLY A 64 -7.67 15.87 -6.11
CA GLY A 64 -7.83 16.98 -7.04
C GLY A 64 -8.17 16.50 -8.43
N MET A 65 -7.56 15.39 -8.84
CA MET A 65 -7.80 14.83 -10.18
C MET A 65 -8.64 13.56 -10.08
N CYS A 66 -9.40 13.43 -9.00
CA CYS A 66 -10.24 12.26 -8.80
C CYS A 66 -11.31 12.16 -9.88
N PRO A 67 -11.54 10.93 -10.37
CA PRO A 67 -12.53 10.67 -11.43
C PRO A 67 -13.96 10.84 -10.92
N GLN A 68 -14.19 10.50 -9.66
CA GLN A 68 -15.51 10.62 -9.06
C GLN A 68 -15.46 11.46 -7.78
N GLU A 69 -15.42 12.78 -7.96
CA GLU A 69 -15.36 13.70 -6.83
C GLU A 69 -16.76 13.91 -6.24
N SER A 70 -17.75 13.25 -6.82
CA SER A 70 -19.13 13.36 -6.36
C SER A 70 -19.91 12.09 -6.64
N SER A 71 -20.96 11.86 -5.86
CA SER A 71 -21.79 10.68 -6.03
C SER A 71 -22.31 10.57 -7.47
N GLY A 72 -22.76 9.37 -7.83
CA GLY A 72 -23.27 9.16 -9.18
C GLY A 72 -23.70 7.73 -9.41
N PRO A 73 -24.75 7.54 -10.23
CA PRO A 73 -25.27 6.21 -10.56
C PRO A 73 -24.32 5.40 -11.44
N SER A 74 -24.78 4.25 -11.90
CA SER A 74 -23.96 3.38 -12.74
C SER A 74 -24.31 3.59 -14.22
N SER A 75 -23.45 4.31 -14.93
CA SER A 75 -23.65 4.58 -16.34
C SER A 75 -22.83 3.62 -17.21
N GLY A 76 -23.51 2.89 -18.08
CA GLY A 76 -22.83 1.95 -18.94
C GLY A 76 -23.75 0.86 -19.46
ZN ZN B . 2.86 -3.27 6.06
ZN ZN C . -10.84 9.34 -6.21
N GLY A 1 7.34 -15.10 -19.41
CA GLY A 1 7.49 -14.50 -20.72
C GLY A 1 8.69 -13.57 -20.80
N SER A 2 8.97 -13.06 -21.99
CA SER A 2 10.09 -12.15 -22.19
C SER A 2 9.70 -10.71 -21.86
N SER A 3 9.36 -10.48 -20.60
CA SER A 3 8.96 -9.15 -20.16
C SER A 3 9.63 -8.80 -18.83
N GLY A 4 9.53 -7.53 -18.44
CA GLY A 4 10.12 -7.09 -17.19
C GLY A 4 9.51 -7.77 -15.98
N SER A 5 10.29 -7.84 -14.90
CA SER A 5 9.82 -8.47 -13.68
C SER A 5 9.88 -7.51 -12.51
N SER A 6 9.48 -7.98 -11.33
CA SER A 6 9.48 -7.15 -10.13
C SER A 6 10.84 -7.16 -9.45
N GLY A 7 11.04 -6.26 -8.50
CA GLY A 7 12.30 -6.19 -7.79
C GLY A 7 12.67 -7.50 -7.11
N HIS A 8 13.81 -7.51 -6.43
CA HIS A 8 14.27 -8.71 -5.75
C HIS A 8 13.44 -8.97 -4.50
N LEU A 9 13.72 -10.09 -3.82
CA LEU A 9 13.00 -10.45 -2.61
C LEU A 9 13.06 -9.32 -1.58
N ASN A 10 12.18 -9.40 -0.58
CA ASN A 10 12.14 -8.38 0.46
C ASN A 10 13.37 -8.47 1.35
N THR A 11 13.41 -7.63 2.39
CA THR A 11 14.53 -7.61 3.32
C THR A 11 14.47 -8.79 4.28
N CYS A 12 15.59 -9.08 4.93
CA CYS A 12 15.65 -10.18 5.88
C CYS A 12 14.68 -9.97 7.04
N SER A 13 14.74 -10.86 8.02
CA SER A 13 13.85 -10.77 9.18
C SER A 13 14.66 -10.77 10.48
N PHE A 14 15.90 -10.32 10.39
CA PHE A 14 16.78 -10.27 11.56
C PHE A 14 16.84 -8.86 12.12
N ASN A 15 16.73 -8.75 13.45
CA ASN A 15 16.78 -7.46 14.12
C ASN A 15 15.74 -6.51 13.55
N VAL A 16 14.62 -7.07 13.08
CA VAL A 16 13.54 -6.28 12.51
C VAL A 16 12.25 -6.49 13.27
N ILE A 17 11.27 -5.63 13.00
CA ILE A 17 9.96 -5.73 13.66
C ILE A 17 8.84 -5.85 12.63
N PRO A 18 7.75 -6.53 13.04
CA PRO A 18 6.58 -6.73 12.18
C PRO A 18 5.82 -5.43 11.93
N CYS A 19 5.12 -5.37 10.79
CA CYS A 19 4.34 -4.20 10.44
C CYS A 19 3.11 -4.07 11.32
N PRO A 20 2.85 -2.85 11.81
CA PRO A 20 1.69 -2.56 12.67
C PRO A 20 0.37 -2.65 11.92
N ASN A 21 0.44 -2.56 10.60
CA ASN A 21 -0.75 -2.64 9.76
C ASN A 21 -1.33 -4.05 9.77
N ARG A 22 -0.58 -4.99 10.32
CA ARG A 22 -1.02 -6.38 10.38
C ARG A 22 -0.72 -7.11 9.07
N CYS A 23 0.24 -6.59 8.33
CA CYS A 23 0.63 -7.19 7.05
C CYS A 23 1.89 -8.04 7.21
N PRO A 24 1.93 -9.17 6.50
CA PRO A 24 3.07 -10.09 6.54
C PRO A 24 4.31 -9.50 5.87
N MET A 25 4.83 -8.42 6.44
CA MET A 25 6.01 -7.77 5.88
C MET A 25 6.76 -7.00 6.97
N LYS A 26 8.06 -7.27 7.08
CA LYS A 26 8.90 -6.60 8.09
C LYS A 26 9.91 -5.68 7.42
N LEU A 27 10.12 -4.52 8.03
CA LEU A 27 11.07 -3.54 7.49
C LEU A 27 12.13 -3.18 8.54
N SER A 28 11.71 -2.46 9.58
CA SER A 28 12.62 -2.05 10.64
C SER A 28 12.05 -0.85 11.40
N ARG A 29 12.76 -0.45 12.45
CA ARG A 29 12.34 0.68 13.28
C ARG A 29 12.70 2.00 12.62
N ARG A 30 13.08 1.94 11.34
CA ARG A 30 13.46 3.12 10.59
C ARG A 30 12.56 3.31 9.38
N ASP A 31 12.36 2.23 8.63
CA ASP A 31 11.52 2.27 7.44
C ASP A 31 10.08 1.92 7.77
N LEU A 32 9.78 1.87 9.07
CA LEU A 32 8.42 1.54 9.52
C LEU A 32 7.43 2.61 9.08
N PRO A 33 7.76 3.88 9.34
CA PRO A 33 6.90 5.01 8.97
C PRO A 33 6.86 5.23 7.47
N ALA A 34 7.89 4.76 6.76
CA ALA A 34 7.95 4.90 5.32
C ALA A 34 7.40 3.66 4.61
N HIS A 35 6.85 2.75 5.40
CA HIS A 35 6.28 1.52 4.85
C HIS A 35 4.76 1.58 4.83
N LEU A 36 4.18 2.08 5.92
CA LEU A 36 2.73 2.19 6.03
C LEU A 36 2.20 3.33 5.16
N GLN A 37 3.13 4.10 4.59
CA GLN A 37 2.75 5.23 3.74
C GLN A 37 2.37 4.75 2.34
N HIS A 38 3.37 4.31 1.58
CA HIS A 38 3.14 3.82 0.22
C HIS A 38 3.99 2.58 -0.07
N ASP A 39 4.44 1.92 1.00
CA ASP A 39 5.24 0.72 0.86
C ASP A 39 4.62 -0.45 1.59
N CYS A 40 3.37 -0.27 2.04
CA CYS A 40 2.66 -1.32 2.75
C CYS A 40 1.46 -1.82 1.95
N PRO A 41 1.31 -3.15 1.89
CA PRO A 41 0.21 -3.78 1.15
C PRO A 41 -1.15 -3.55 1.82
N LYS A 42 -1.13 -3.40 3.15
CA LYS A 42 -2.35 -3.18 3.90
C LYS A 42 -2.39 -1.76 4.46
N ARG A 43 -1.74 -0.83 3.76
CA ARG A 43 -1.71 0.56 4.19
C ARG A 43 -3.03 0.97 4.81
N ARG A 44 -4.11 0.35 4.36
CA ARG A 44 -5.45 0.65 4.89
C ARG A 44 -5.81 2.11 4.62
N LEU A 45 -5.66 2.54 3.37
CA LEU A 45 -5.97 3.90 2.98
C LEU A 45 -6.84 3.93 1.73
N LYS A 46 -8.13 4.19 1.92
CA LYS A 46 -9.07 4.25 0.81
C LYS A 46 -9.56 5.68 0.58
N CYS A 47 -9.99 5.96 -0.65
CA CYS A 47 -10.49 7.29 -0.99
C CYS A 47 -11.86 7.53 -0.37
N GLU A 48 -12.20 8.81 -0.20
CA GLU A 48 -13.49 9.18 0.38
C GLU A 48 -14.49 9.56 -0.70
N PHE A 49 -13.98 10.07 -1.81
CA PHE A 49 -14.83 10.47 -2.93
C PHE A 49 -15.36 9.26 -3.69
N CYS A 50 -14.44 8.50 -4.27
CA CYS A 50 -14.81 7.30 -5.02
C CYS A 50 -14.92 6.09 -4.11
N GLY A 51 -13.91 5.91 -3.25
CA GLY A 51 -13.91 4.78 -2.34
C GLY A 51 -13.11 3.61 -2.86
N CYS A 52 -11.85 3.86 -3.22
CA CYS A 52 -10.99 2.82 -3.74
C CYS A 52 -9.61 2.85 -3.06
N ASP A 53 -9.12 1.68 -2.68
CA ASP A 53 -7.82 1.58 -2.01
C ASP A 53 -6.77 2.39 -2.76
N PHE A 54 -5.87 3.02 -2.01
CA PHE A 54 -4.81 3.83 -2.60
C PHE A 54 -3.56 3.81 -1.73
N SER A 55 -2.48 4.37 -2.25
CA SER A 55 -1.22 4.42 -1.52
C SER A 55 -1.10 5.70 -0.71
N GLY A 56 0.02 5.86 -0.01
CA GLY A 56 0.23 7.04 0.80
C GLY A 56 0.37 8.30 -0.04
N GLU A 57 1.54 8.47 -0.66
CA GLU A 57 1.80 9.64 -1.49
C GLU A 57 0.73 9.78 -2.57
N ALA A 58 0.28 8.65 -3.08
CA ALA A 58 -0.75 8.64 -4.12
C ALA A 58 -2.05 9.24 -3.62
N TYR A 59 -2.63 8.62 -2.59
CA TYR A 59 -3.87 9.10 -2.01
C TYR A 59 -3.90 10.62 -1.94
N GLU A 60 -2.77 11.22 -1.57
CA GLU A 60 -2.67 12.66 -1.46
C GLU A 60 -2.97 13.33 -2.81
N SER A 61 -2.29 12.87 -3.85
CA SER A 61 -2.48 13.41 -5.19
C SER A 61 -3.86 13.04 -5.75
N HIS A 62 -4.44 11.99 -5.19
CA HIS A 62 -5.76 11.52 -5.62
C HIS A 62 -6.86 12.33 -4.94
N GLU A 63 -6.52 13.01 -3.85
CA GLU A 63 -7.49 13.81 -3.12
C GLU A 63 -8.04 14.93 -3.99
N GLY A 64 -7.24 15.38 -4.95
CA GLY A 64 -7.66 16.44 -5.84
C GLY A 64 -8.13 15.93 -7.19
N MET A 65 -7.70 14.72 -7.53
CA MET A 65 -8.08 14.10 -8.80
C MET A 65 -8.78 12.76 -8.57
N CYS A 66 -10.08 12.81 -8.33
CA CYS A 66 -10.85 11.60 -8.09
C CYS A 66 -11.86 11.37 -9.21
N PRO A 67 -11.97 10.12 -9.67
CA PRO A 67 -12.90 9.73 -10.74
C PRO A 67 -14.36 9.81 -10.30
N GLN A 68 -14.59 9.59 -9.01
CA GLN A 68 -15.94 9.64 -8.46
C GLN A 68 -16.03 10.60 -7.29
N GLU A 69 -16.23 11.88 -7.60
CA GLU A 69 -16.33 12.91 -6.58
C GLU A 69 -17.80 13.25 -6.29
N SER A 70 -18.40 12.49 -5.37
CA SER A 70 -19.79 12.71 -5.01
C SER A 70 -19.90 13.32 -3.61
N SER A 71 -18.94 14.19 -3.28
CA SER A 71 -18.93 14.85 -1.98
C SER A 71 -17.84 15.91 -1.92
N GLY A 72 -17.85 16.71 -0.86
CA GLY A 72 -16.86 17.75 -0.70
C GLY A 72 -17.10 18.91 -1.64
N PRO A 73 -16.67 20.12 -1.22
CA PRO A 73 -16.82 21.33 -2.03
C PRO A 73 -15.92 21.33 -3.26
N SER A 74 -15.74 22.51 -3.86
CA SER A 74 -14.91 22.63 -5.05
C SER A 74 -13.89 23.76 -4.87
N SER A 75 -12.88 23.50 -4.04
CA SER A 75 -11.83 24.49 -3.78
C SER A 75 -10.69 24.33 -4.76
N GLY A 76 -10.20 23.10 -4.91
CA GLY A 76 -9.11 22.83 -5.81
C GLY A 76 -9.56 22.17 -7.11
ZN ZN B . 2.91 -3.25 6.08
ZN ZN C . -11.19 8.77 -5.39
N GLY A 1 6.35 -7.30 24.53
CA GLY A 1 5.84 -7.90 23.31
C GLY A 1 6.57 -9.18 22.95
N SER A 2 6.04 -10.31 23.39
CA SER A 2 6.65 -11.60 23.10
C SER A 2 6.05 -12.23 21.85
N SER A 3 4.88 -11.75 21.45
CA SER A 3 4.20 -12.26 20.27
C SER A 3 5.14 -12.24 19.07
N GLY A 4 5.72 -13.40 18.76
CA GLY A 4 6.62 -13.49 17.63
C GLY A 4 6.73 -14.90 17.08
N SER A 5 7.86 -15.21 16.46
CA SER A 5 8.08 -16.53 15.89
C SER A 5 9.17 -17.28 16.64
N SER A 6 9.16 -18.60 16.54
CA SER A 6 10.15 -19.43 17.22
C SER A 6 11.17 -19.99 16.23
N GLY A 7 11.17 -19.43 15.02
CA GLY A 7 12.09 -19.87 13.99
C GLY A 7 13.54 -19.77 14.43
N HIS A 8 14.46 -20.01 13.50
CA HIS A 8 15.89 -19.93 13.80
C HIS A 8 16.45 -18.57 13.40
N LEU A 9 17.51 -18.15 14.10
CA LEU A 9 18.14 -16.87 13.82
C LEU A 9 19.54 -17.07 13.25
N ASN A 10 19.73 -16.68 12.00
CA ASN A 10 21.02 -16.81 11.34
C ASN A 10 21.71 -15.46 11.21
N THR A 11 20.94 -14.43 10.85
CA THR A 11 21.47 -13.08 10.69
C THR A 11 20.73 -12.09 11.59
N CYS A 12 21.31 -11.82 12.76
CA CYS A 12 20.71 -10.89 13.70
C CYS A 12 21.59 -9.65 13.88
N SER A 13 21.93 -9.02 12.76
CA SER A 13 22.77 -7.82 12.78
C SER A 13 21.92 -6.56 12.92
N PHE A 14 20.74 -6.58 12.29
CA PHE A 14 19.83 -5.45 12.33
C PHE A 14 18.40 -5.91 12.58
N ASN A 15 18.10 -6.29 13.81
CA ASN A 15 16.77 -6.75 14.18
C ASN A 15 15.70 -5.84 13.58
N VAL A 16 14.74 -6.43 12.88
CA VAL A 16 13.66 -5.69 12.25
C VAL A 16 12.34 -5.91 12.99
N ILE A 17 11.42 -4.96 12.84
CA ILE A 17 10.12 -5.06 13.48
C ILE A 17 9.01 -5.26 12.46
N PRO A 18 7.97 -6.03 12.85
CA PRO A 18 6.83 -6.31 11.97
C PRO A 18 5.96 -5.09 11.74
N CYS A 19 5.11 -5.15 10.72
CA CYS A 19 4.22 -4.05 10.39
C CYS A 19 2.99 -4.04 11.31
N PRO A 20 2.66 -2.84 11.83
CA PRO A 20 1.51 -2.67 12.73
C PRO A 20 0.18 -2.85 12.01
N ASN A 21 0.18 -2.61 10.70
CA ASN A 21 -1.03 -2.74 9.90
C ASN A 21 -1.53 -4.19 9.91
N ARG A 22 -0.69 -5.09 10.40
CA ARG A 22 -1.05 -6.51 10.46
C ARG A 22 -0.75 -7.20 9.14
N CYS A 23 0.16 -6.62 8.37
CA CYS A 23 0.54 -7.18 7.08
C CYS A 23 1.81 -8.04 7.21
N PRO A 24 1.84 -9.16 6.47
CA PRO A 24 2.97 -10.07 6.47
C PRO A 24 4.21 -9.48 5.81
N MET A 25 4.75 -8.42 6.40
CA MET A 25 5.93 -7.76 5.87
C MET A 25 6.65 -6.96 6.95
N LYS A 26 7.93 -7.25 7.14
CA LYS A 26 8.72 -6.55 8.14
C LYS A 26 9.82 -5.71 7.49
N LEU A 27 10.10 -4.55 8.07
CA LEU A 27 11.13 -3.66 7.54
C LEU A 27 12.21 -3.40 8.57
N SER A 28 11.86 -2.64 9.61
CA SER A 28 12.80 -2.31 10.67
C SER A 28 12.21 -1.27 11.62
N ARG A 29 13.06 -0.71 12.48
CA ARG A 29 12.62 0.30 13.43
C ARG A 29 12.87 1.71 12.88
N ARG A 30 12.95 1.82 11.56
CA ARG A 30 13.19 3.10 10.92
C ARG A 30 12.39 3.22 9.63
N ASP A 31 12.30 2.12 8.89
CA ASP A 31 11.56 2.10 7.64
C ASP A 31 10.09 1.75 7.87
N LEU A 32 9.71 1.70 9.15
CA LEU A 32 8.33 1.37 9.51
C LEU A 32 7.36 2.43 9.00
N PRO A 33 7.67 3.71 9.29
CA PRO A 33 6.85 4.84 8.87
C PRO A 33 6.90 5.06 7.35
N ALA A 34 8.00 4.65 6.74
CA ALA A 34 8.17 4.81 5.29
C ALA A 34 7.53 3.64 4.55
N HIS A 35 7.09 2.63 5.29
CA HIS A 35 6.46 1.46 4.70
C HIS A 35 4.94 1.56 4.77
N LEU A 36 4.45 2.16 5.85
CA LEU A 36 3.01 2.31 6.05
C LEU A 36 2.47 3.51 5.26
N GLN A 37 3.39 4.25 4.66
CA GLN A 37 3.01 5.43 3.86
C GLN A 37 2.60 5.01 2.45
N HIS A 38 3.54 4.43 1.72
CA HIS A 38 3.28 3.99 0.35
C HIS A 38 4.11 2.76 0.01
N ASP A 39 4.32 1.90 1.00
CA ASP A 39 5.10 0.68 0.81
C ASP A 39 4.45 -0.49 1.54
N CYS A 40 3.22 -0.29 2.00
CA CYS A 40 2.50 -1.33 2.72
C CYS A 40 1.34 -1.86 1.88
N PRO A 41 1.19 -3.19 1.84
CA PRO A 41 0.12 -3.85 1.09
C PRO A 41 -1.25 -3.62 1.70
N LYS A 42 -1.37 -3.87 3.00
CA LYS A 42 -2.63 -3.70 3.71
C LYS A 42 -2.75 -2.27 4.25
N ARG A 43 -2.09 -1.33 3.58
CA ARG A 43 -2.12 0.07 3.99
C ARG A 43 -3.56 0.52 4.27
N ARG A 44 -4.51 -0.23 3.72
CA ARG A 44 -5.92 0.10 3.90
C ARG A 44 -6.34 1.26 3.01
N LEU A 45 -6.13 1.11 1.70
CA LEU A 45 -6.47 2.14 0.74
C LEU A 45 -7.00 1.53 -0.56
N LYS A 46 -8.31 1.58 -0.74
CA LYS A 46 -8.94 1.04 -1.94
C LYS A 46 -9.66 2.13 -2.72
N CYS A 47 -9.71 1.97 -4.04
CA CYS A 47 -10.38 2.94 -4.90
C CYS A 47 -11.89 2.78 -4.83
N GLU A 48 -12.60 3.90 -4.69
CA GLU A 48 -14.05 3.89 -4.61
C GLU A 48 -14.68 3.84 -6.01
N PHE A 49 -13.90 3.39 -6.98
CA PHE A 49 -14.37 3.29 -8.36
C PHE A 49 -14.17 1.88 -8.90
N CYS A 50 -12.91 1.49 -9.04
CA CYS A 50 -12.58 0.17 -9.56
C CYS A 50 -12.54 -0.87 -8.43
N GLY A 51 -12.44 -0.38 -7.19
CA GLY A 51 -12.39 -1.26 -6.05
C GLY A 51 -11.15 -2.14 -6.05
N CYS A 52 -9.98 -1.51 -6.06
CA CYS A 52 -8.71 -2.24 -6.06
C CYS A 52 -7.67 -1.51 -5.22
N ASP A 53 -7.17 -2.19 -4.20
CA ASP A 53 -6.16 -1.61 -3.32
C ASP A 53 -5.06 -0.94 -4.13
N PHE A 54 -4.42 0.05 -3.51
CA PHE A 54 -3.33 0.77 -4.18
C PHE A 54 -2.30 1.26 -3.17
N SER A 55 -1.31 1.98 -3.65
CA SER A 55 -0.24 2.51 -2.79
C SER A 55 -0.45 4.00 -2.52
N GLY A 56 0.52 4.61 -1.85
CA GLY A 56 0.44 6.02 -1.54
C GLY A 56 0.66 6.90 -2.75
N GLU A 57 1.86 6.86 -3.30
CA GLU A 57 2.20 7.67 -4.47
C GLU A 57 1.27 7.34 -5.64
N ALA A 58 0.57 6.22 -5.53
CA ALA A 58 -0.36 5.80 -6.58
C ALA A 58 -1.79 6.20 -6.24
N TYR A 59 -2.32 5.59 -5.18
CA TYR A 59 -3.69 5.88 -4.75
C TYR A 59 -3.98 7.38 -4.83
N GLU A 60 -2.93 8.18 -4.77
CA GLU A 60 -3.08 9.64 -4.83
C GLU A 60 -3.23 10.10 -6.28
N SER A 61 -2.40 9.54 -7.16
CA SER A 61 -2.43 9.90 -8.57
C SER A 61 -3.49 9.08 -9.32
N HIS A 62 -4.06 8.10 -8.63
CA HIS A 62 -5.08 7.25 -9.22
C HIS A 62 -6.47 7.82 -8.98
N GLU A 63 -6.58 8.70 -7.98
CA GLU A 63 -7.85 9.32 -7.64
C GLU A 63 -8.21 10.43 -8.63
N GLY A 64 -8.04 10.14 -9.92
CA GLY A 64 -8.35 11.12 -10.94
C GLY A 64 -8.44 10.52 -12.33
N MET A 65 -7.60 9.52 -12.60
CA MET A 65 -7.59 8.85 -13.88
C MET A 65 -7.92 7.36 -13.73
N CYS A 66 -8.83 7.06 -12.82
CA CYS A 66 -9.23 5.68 -12.57
C CYS A 66 -9.66 5.00 -13.86
N PRO A 67 -9.23 3.75 -14.05
CA PRO A 67 -9.56 2.96 -15.24
C PRO A 67 -11.03 2.55 -15.29
N GLN A 68 -11.61 2.34 -14.12
CA GLN A 68 -13.02 1.96 -14.03
C GLN A 68 -13.79 2.90 -13.12
N GLU A 69 -13.82 4.18 -13.49
CA GLU A 69 -14.52 5.19 -12.70
C GLU A 69 -15.87 4.67 -12.22
N SER A 70 -16.51 3.85 -13.05
CA SER A 70 -17.80 3.28 -12.73
C SER A 70 -17.65 1.99 -11.94
N SER A 71 -18.58 1.75 -11.00
CA SER A 71 -18.54 0.54 -10.19
C SER A 71 -19.12 -0.65 -10.93
N GLY A 72 -20.33 -0.47 -11.46
CA GLY A 72 -20.98 -1.54 -12.19
C GLY A 72 -21.92 -2.36 -11.32
N PRO A 73 -22.97 -2.92 -11.94
CA PRO A 73 -23.96 -3.74 -11.23
C PRO A 73 -23.38 -5.08 -10.78
N SER A 74 -23.51 -5.38 -9.49
CA SER A 74 -23.00 -6.62 -8.93
C SER A 74 -24.07 -7.31 -8.09
N SER A 75 -25.29 -6.79 -8.14
CA SER A 75 -26.40 -7.36 -7.38
C SER A 75 -27.04 -8.52 -8.12
N GLY A 76 -27.26 -9.63 -7.43
CA GLY A 76 -27.86 -10.79 -8.04
C GLY A 76 -28.78 -11.54 -7.09
ZN ZN B . 2.82 -3.19 6.01
ZN ZN C . -9.75 3.21 -9.53
N GLY A 1 0.26 -2.14 32.32
CA GLY A 1 0.39 -3.27 31.43
C GLY A 1 1.80 -3.41 30.87
N SER A 2 2.32 -4.63 30.87
CA SER A 2 3.66 -4.90 30.37
C SER A 2 3.63 -5.92 29.24
N SER A 3 2.50 -5.99 28.54
CA SER A 3 2.34 -6.93 27.44
C SER A 3 3.30 -6.60 26.30
N GLY A 4 3.18 -7.34 25.20
CA GLY A 4 4.03 -7.12 24.05
C GLY A 4 4.85 -8.35 23.69
N SER A 5 4.22 -9.51 23.79
CA SER A 5 4.90 -10.78 23.47
C SER A 5 4.45 -11.30 22.12
N SER A 6 5.35 -11.27 21.14
CA SER A 6 5.05 -11.74 19.80
C SER A 6 5.97 -12.88 19.40
N GLY A 7 5.52 -13.71 18.46
CA GLY A 7 6.32 -14.83 18.01
C GLY A 7 5.72 -15.52 16.81
N HIS A 8 6.56 -16.18 16.02
CA HIS A 8 6.10 -16.89 14.83
C HIS A 8 7.22 -17.76 14.25
N LEU A 9 6.92 -19.04 14.08
CA LEU A 9 7.91 -19.98 13.53
C LEU A 9 8.25 -19.63 12.09
N ASN A 10 9.53 -19.36 11.83
CA ASN A 10 9.99 -19.01 10.50
C ASN A 10 11.52 -19.05 10.42
N THR A 11 12.05 -18.89 9.22
CA THR A 11 13.49 -18.91 9.01
C THR A 11 13.97 -17.62 8.36
N CYS A 12 13.93 -16.53 9.12
CA CYS A 12 14.37 -15.23 8.62
C CYS A 12 15.81 -14.95 9.01
N SER A 13 16.12 -15.16 10.29
CA SER A 13 17.47 -14.92 10.79
C SER A 13 17.83 -13.44 10.71
N PHE A 14 16.94 -12.59 11.22
CA PHE A 14 17.16 -11.15 11.20
C PHE A 14 16.45 -10.47 12.37
N ASN A 15 17.11 -9.49 12.97
CA ASN A 15 16.55 -8.77 14.10
C ASN A 15 15.76 -7.54 13.62
N VAL A 16 14.52 -7.77 13.24
CA VAL A 16 13.66 -6.69 12.76
C VAL A 16 12.33 -6.68 13.50
N ILE A 17 11.39 -5.90 13.00
CA ILE A 17 10.06 -5.80 13.62
C ILE A 17 8.96 -5.89 12.57
N PRO A 18 7.85 -6.58 12.93
CA PRO A 18 6.71 -6.75 12.04
C PRO A 18 5.95 -5.45 11.81
N CYS A 19 5.18 -5.40 10.72
CA CYS A 19 4.41 -4.21 10.39
C CYS A 19 3.19 -4.07 11.30
N PRO A 20 2.95 -2.86 11.80
CA PRO A 20 1.82 -2.57 12.68
C PRO A 20 0.48 -2.65 11.96
N ASN A 21 0.52 -2.53 10.63
CA ASN A 21 -0.69 -2.58 9.83
C ASN A 21 -1.26 -4.00 9.80
N ARG A 22 -0.54 -4.94 10.40
CA ARG A 22 -0.97 -6.33 10.45
C ARG A 22 -0.76 -7.00 9.10
N CYS A 23 0.32 -6.65 8.42
CA CYS A 23 0.63 -7.21 7.11
C CYS A 23 1.88 -8.08 7.18
N PRO A 24 1.90 -9.15 6.37
CA PRO A 24 3.03 -10.08 6.31
C PRO A 24 4.26 -9.46 5.68
N MET A 25 4.80 -8.43 6.33
CA MET A 25 5.99 -7.75 5.82
C MET A 25 6.69 -6.98 6.93
N LYS A 26 7.99 -7.19 7.06
CA LYS A 26 8.78 -6.52 8.09
C LYS A 26 9.82 -5.60 7.46
N LEU A 27 10.08 -4.46 8.11
CA LEU A 27 11.05 -3.50 7.61
C LEU A 27 12.08 -3.15 8.69
N SER A 28 11.64 -2.43 9.71
CA SER A 28 12.52 -2.02 10.80
C SER A 28 11.96 -0.80 11.52
N ARG A 29 12.67 -0.38 12.58
CA ARG A 29 12.24 0.78 13.35
C ARG A 29 12.70 2.08 12.69
N ARG A 30 13.00 2.00 11.40
CA ARG A 30 13.46 3.17 10.65
C ARG A 30 12.58 3.41 9.43
N ASP A 31 12.33 2.35 8.66
CA ASP A 31 11.52 2.43 7.46
C ASP A 31 10.06 2.11 7.78
N LEU A 32 9.75 1.94 9.06
CA LEU A 32 8.40 1.63 9.50
C LEU A 32 7.41 2.68 9.02
N PRO A 33 7.74 3.96 9.27
CA PRO A 33 6.90 5.09 8.88
C PRO A 33 6.88 5.29 7.36
N ALA A 34 7.90 4.77 6.68
CA ALA A 34 7.98 4.89 5.23
C ALA A 34 7.44 3.65 4.55
N HIS A 35 6.83 2.76 5.32
CA HIS A 35 6.27 1.53 4.79
C HIS A 35 4.75 1.58 4.78
N LEU A 36 4.17 2.06 5.88
CA LEU A 36 2.72 2.17 6.01
C LEU A 36 2.18 3.31 5.15
N GLN A 37 3.09 4.05 4.53
CA GLN A 37 2.71 5.19 3.68
C GLN A 37 2.34 4.71 2.28
N HIS A 38 3.34 4.30 1.52
CA HIS A 38 3.12 3.83 0.15
C HIS A 38 3.97 2.60 -0.13
N ASP A 39 4.39 1.91 0.93
CA ASP A 39 5.21 0.72 0.78
C ASP A 39 4.60 -0.45 1.55
N CYS A 40 3.36 -0.28 2.00
CA CYS A 40 2.66 -1.32 2.74
C CYS A 40 1.44 -1.81 1.97
N PRO A 41 1.27 -3.15 1.92
CA PRO A 41 0.15 -3.78 1.22
C PRO A 41 -1.19 -3.52 1.90
N LYS A 42 -1.17 -3.48 3.24
CA LYS A 42 -2.38 -3.25 4.01
C LYS A 42 -2.37 -1.84 4.60
N ARG A 43 -1.80 -0.90 3.86
CA ARG A 43 -1.74 0.49 4.31
C ARG A 43 -3.01 0.88 5.04
N ARG A 44 -4.11 0.23 4.68
CA ARG A 44 -5.41 0.52 5.31
C ARG A 44 -5.83 1.96 5.06
N LEU A 45 -5.71 2.38 3.80
CA LEU A 45 -6.09 3.74 3.42
C LEU A 45 -7.23 3.74 2.41
N LYS A 46 -8.43 4.06 2.88
CA LYS A 46 -9.61 4.08 2.04
C LYS A 46 -10.14 5.52 1.89
N CYS A 47 -10.72 5.81 0.74
CA CYS A 47 -11.27 7.13 0.47
C CYS A 47 -12.72 7.22 0.93
N GLU A 48 -12.96 8.05 1.93
CA GLU A 48 -14.31 8.23 2.47
C GLU A 48 -15.20 8.99 1.48
N PHE A 49 -14.62 9.35 0.34
CA PHE A 49 -15.35 10.09 -0.69
C PHE A 49 -15.89 9.14 -1.75
N CYS A 50 -15.02 8.32 -2.30
CA CYS A 50 -15.40 7.35 -3.33
C CYS A 50 -15.44 5.94 -2.77
N GLY A 51 -14.63 5.69 -1.75
CA GLY A 51 -14.60 4.38 -1.14
C GLY A 51 -13.68 3.42 -1.88
N CYS A 52 -12.54 3.92 -2.32
CA CYS A 52 -11.57 3.11 -3.04
C CYS A 52 -10.20 3.17 -2.38
N ASP A 53 -9.70 2.03 -1.95
CA ASP A 53 -8.40 1.95 -1.29
C ASP A 53 -7.34 2.68 -2.11
N PHE A 54 -6.38 3.29 -1.42
CA PHE A 54 -5.31 4.02 -2.08
C PHE A 54 -4.02 3.93 -1.27
N SER A 55 -2.93 4.42 -1.87
CA SER A 55 -1.62 4.39 -1.22
C SER A 55 -1.30 5.75 -0.61
N GLY A 56 -0.16 5.84 0.06
CA GLY A 56 0.26 7.08 0.68
C GLY A 56 0.65 8.13 -0.35
N GLU A 57 1.28 7.70 -1.43
CA GLU A 57 1.71 8.61 -2.48
C GLU A 57 0.56 8.89 -3.45
N ALA A 58 -0.31 7.91 -3.64
CA ALA A 58 -1.45 8.06 -4.53
C ALA A 58 -2.54 8.91 -3.90
N TYR A 59 -2.89 8.59 -2.65
CA TYR A 59 -3.91 9.33 -1.93
C TYR A 59 -3.68 10.83 -2.01
N GLU A 60 -2.43 11.24 -1.82
CA GLU A 60 -2.06 12.65 -1.88
C GLU A 60 -2.61 13.30 -3.13
N SER A 61 -2.32 12.71 -4.29
CA SER A 61 -2.78 13.24 -5.57
C SER A 61 -4.27 12.97 -5.75
N HIS A 62 -4.76 11.91 -5.11
CA HIS A 62 -6.17 11.55 -5.21
C HIS A 62 -7.05 12.60 -4.55
N GLU A 63 -6.46 13.41 -3.67
CA GLU A 63 -7.18 14.45 -2.96
C GLU A 63 -7.62 15.55 -3.94
N GLY A 64 -8.89 15.93 -3.86
CA GLY A 64 -9.40 16.96 -4.74
C GLY A 64 -9.77 16.44 -6.11
N MET A 65 -9.02 15.45 -6.58
CA MET A 65 -9.27 14.85 -7.89
C MET A 65 -10.17 13.63 -7.77
N CYS A 66 -10.41 13.20 -6.54
CA CYS A 66 -11.25 12.03 -6.29
C CYS A 66 -12.39 11.96 -7.30
N PRO A 67 -12.67 10.73 -7.78
CA PRO A 67 -13.74 10.50 -8.76
C PRO A 67 -15.13 10.68 -8.17
N GLN A 68 -15.28 10.31 -6.90
CA GLN A 68 -16.55 10.44 -6.21
C GLN A 68 -16.41 11.28 -4.95
N GLU A 69 -16.00 12.53 -5.12
CA GLU A 69 -15.82 13.44 -4.00
C GLU A 69 -17.02 13.38 -3.05
N SER A 70 -18.18 13.79 -3.56
CA SER A 70 -19.40 13.78 -2.77
C SER A 70 -20.53 13.09 -3.51
N SER A 71 -20.25 11.91 -4.05
CA SER A 71 -21.25 11.14 -4.80
C SER A 71 -21.38 9.73 -4.23
N GLY A 72 -22.62 9.31 -4.01
CA GLY A 72 -22.87 7.98 -3.47
C GLY A 72 -23.43 7.03 -4.51
N PRO A 73 -23.20 5.73 -4.30
CA PRO A 73 -23.69 4.68 -5.22
C PRO A 73 -25.20 4.54 -5.18
N SER A 74 -25.85 5.29 -4.30
CA SER A 74 -27.30 5.24 -4.16
C SER A 74 -27.90 6.64 -4.28
N SER A 75 -28.83 6.80 -5.21
CA SER A 75 -29.49 8.08 -5.43
C SER A 75 -30.54 8.34 -4.36
N GLY A 76 -30.48 9.51 -3.73
CA GLY A 76 -31.43 9.86 -2.70
C GLY A 76 -31.17 11.23 -2.11
ZN ZN B . 2.93 -3.25 6.06
ZN ZN C . -11.73 9.06 -3.76
N GLY A 1 28.79 -10.82 -16.86
CA GLY A 1 29.37 -12.15 -16.69
C GLY A 1 28.45 -13.09 -15.94
N SER A 2 27.15 -12.97 -16.19
CA SER A 2 26.16 -13.81 -15.52
C SER A 2 25.30 -14.54 -16.54
N SER A 3 24.82 -15.72 -16.17
CA SER A 3 23.98 -16.52 -17.05
C SER A 3 22.69 -16.95 -16.33
N GLY A 4 21.72 -16.04 -16.28
CA GLY A 4 20.46 -16.34 -15.63
C GLY A 4 20.33 -15.66 -14.28
N SER A 5 19.52 -16.24 -13.41
CA SER A 5 19.31 -15.69 -12.07
C SER A 5 19.71 -16.69 -11.00
N SER A 6 20.78 -17.42 -11.26
CA SER A 6 21.28 -18.42 -10.31
C SER A 6 22.08 -17.76 -9.20
N GLY A 7 21.42 -16.92 -8.41
CA GLY A 7 22.10 -16.23 -7.32
C GLY A 7 21.46 -16.53 -5.97
N HIS A 8 21.19 -15.48 -5.21
CA HIS A 8 20.57 -15.63 -3.89
C HIS A 8 19.43 -14.64 -3.70
N LEU A 9 18.46 -15.02 -2.89
CA LEU A 9 17.30 -14.16 -2.62
C LEU A 9 17.61 -13.16 -1.52
N ASN A 10 16.60 -12.38 -1.14
CA ASN A 10 16.78 -11.37 -0.09
C ASN A 10 17.33 -12.01 1.18
N THR A 11 18.03 -11.20 1.97
CA THR A 11 18.61 -11.68 3.22
C THR A 11 18.08 -10.90 4.42
N CYS A 12 18.14 -11.51 5.59
CA CYS A 12 17.66 -10.87 6.81
C CYS A 12 18.68 -11.01 7.94
N SER A 13 19.47 -9.97 8.16
CA SER A 13 20.48 -9.98 9.21
C SER A 13 20.19 -8.91 10.26
N PHE A 14 19.96 -7.69 9.81
CA PHE A 14 19.68 -6.58 10.71
C PHE A 14 18.39 -6.83 11.49
N ASN A 15 18.25 -6.14 12.61
CA ASN A 15 17.06 -6.29 13.45
C ASN A 15 15.90 -5.48 12.89
N VAL A 16 14.70 -6.07 12.92
CA VAL A 16 13.51 -5.40 12.42
C VAL A 16 12.28 -5.79 13.23
N ILE A 17 11.13 -5.21 12.89
CA ILE A 17 9.89 -5.51 13.58
C ILE A 17 8.74 -5.68 12.60
N PRO A 18 7.71 -6.44 13.02
CA PRO A 18 6.54 -6.71 12.19
C PRO A 18 5.67 -5.47 11.99
N CYS A 19 5.24 -5.24 10.75
CA CYS A 19 4.40 -4.09 10.43
C CYS A 19 3.20 -4.01 11.37
N PRO A 20 2.92 -2.80 11.88
CA PRO A 20 1.80 -2.57 12.79
C PRO A 20 0.45 -2.68 12.09
N ASN A 21 0.47 -2.59 10.76
CA ASN A 21 -0.75 -2.69 9.97
C ASN A 21 -1.26 -4.13 9.93
N ARG A 22 -0.46 -5.05 10.46
CA ARG A 22 -0.82 -6.46 10.48
C ARG A 22 -0.62 -7.09 9.12
N CYS A 23 0.42 -6.67 8.42
CA CYS A 23 0.73 -7.20 7.09
C CYS A 23 1.99 -8.06 7.12
N PRO A 24 2.00 -9.11 6.30
CA PRO A 24 3.14 -10.03 6.22
C PRO A 24 4.37 -9.39 5.57
N MET A 25 4.92 -8.38 6.25
CA MET A 25 6.09 -7.68 5.73
C MET A 25 6.82 -6.97 6.87
N LYS A 26 8.06 -7.38 7.12
CA LYS A 26 8.87 -6.77 8.18
C LYS A 26 9.97 -5.89 7.58
N LEU A 27 10.00 -4.63 8.01
CA LEU A 27 10.99 -3.68 7.53
C LEU A 27 12.02 -3.38 8.60
N SER A 28 11.59 -2.64 9.62
CA SER A 28 12.48 -2.27 10.73
C SER A 28 11.93 -1.06 11.49
N ARG A 29 12.61 -0.69 12.56
CA ARG A 29 12.19 0.45 13.37
C ARG A 29 12.61 1.77 12.72
N ARG A 30 13.00 1.70 11.46
CA ARG A 30 13.43 2.89 10.72
C ARG A 30 12.56 3.11 9.49
N ASP A 31 12.34 2.05 8.73
CA ASP A 31 11.52 2.13 7.52
C ASP A 31 10.08 1.73 7.82
N LEU A 32 9.73 1.72 9.10
CA LEU A 32 8.38 1.35 9.51
C LEU A 32 7.36 2.38 9.03
N PRO A 33 7.64 3.65 9.28
CA PRO A 33 6.76 4.75 8.87
C PRO A 33 6.75 4.96 7.36
N ALA A 34 7.90 4.74 6.73
CA ALA A 34 8.01 4.90 5.28
C ALA A 34 7.44 3.68 4.55
N HIS A 35 6.96 2.71 5.32
CA HIS A 35 6.39 1.50 4.74
C HIS A 35 4.86 1.57 4.74
N LEU A 36 4.30 2.10 5.81
CA LEU A 36 2.85 2.22 5.94
C LEU A 36 2.32 3.38 5.10
N GLN A 37 3.25 4.15 4.53
CA GLN A 37 2.88 5.29 3.70
C GLN A 37 2.48 4.83 2.30
N HIS A 38 3.47 4.36 1.53
CA HIS A 38 3.23 3.89 0.18
C HIS A 38 4.04 2.64 -0.12
N ASP A 39 4.39 1.91 0.92
CA ASP A 39 5.18 0.68 0.77
C ASP A 39 4.54 -0.47 1.53
N CYS A 40 3.32 -0.26 2.01
CA CYS A 40 2.59 -1.29 2.75
C CYS A 40 1.36 -1.76 1.98
N PRO A 41 1.18 -3.09 1.92
CA PRO A 41 0.05 -3.70 1.21
C PRO A 41 -1.28 -3.44 1.91
N LYS A 42 -1.24 -3.32 3.23
CA LYS A 42 -2.44 -3.07 4.02
C LYS A 42 -2.43 -1.65 4.58
N ARG A 43 -1.82 -0.73 3.86
CA ARG A 43 -1.74 0.65 4.30
C ARG A 43 -3.07 1.12 4.88
N ARG A 44 -4.15 0.48 4.46
CA ARG A 44 -5.48 0.83 4.93
C ARG A 44 -5.92 2.18 4.38
N LEU A 45 -5.79 2.34 3.07
CA LEU A 45 -6.18 3.59 2.41
C LEU A 45 -7.01 3.31 1.17
N LYS A 46 -8.31 3.57 1.27
CA LYS A 46 -9.21 3.35 0.13
C LYS A 46 -9.82 4.67 -0.33
N CYS A 47 -10.11 4.75 -1.63
CA CYS A 47 -10.70 5.96 -2.21
C CYS A 47 -12.19 6.03 -1.93
N GLU A 48 -12.64 7.18 -1.45
CA GLU A 48 -14.05 7.37 -1.15
C GLU A 48 -14.84 7.75 -2.40
N PHE A 49 -14.26 7.46 -3.56
CA PHE A 49 -14.91 7.78 -4.83
C PHE A 49 -15.03 6.53 -5.69
N CYS A 50 -13.89 5.97 -6.09
CA CYS A 50 -13.86 4.78 -6.92
C CYS A 50 -13.87 3.51 -6.07
N GLY A 51 -13.72 3.69 -4.76
CA GLY A 51 -13.70 2.56 -3.85
C GLY A 51 -12.61 1.56 -4.18
N CYS A 52 -11.37 2.04 -4.22
CA CYS A 52 -10.24 1.18 -4.53
C CYS A 52 -9.02 1.58 -3.71
N ASP A 53 -8.39 0.60 -3.07
CA ASP A 53 -7.22 0.84 -2.25
C ASP A 53 -6.16 1.61 -3.03
N PHE A 54 -5.36 2.41 -2.33
CA PHE A 54 -4.31 3.20 -2.96
C PHE A 54 -3.12 3.37 -2.02
N SER A 55 -2.02 3.87 -2.56
CA SER A 55 -0.80 4.08 -1.77
C SER A 55 -0.85 5.43 -1.07
N GLY A 56 0.21 5.74 -0.32
CA GLY A 56 0.27 7.01 0.39
C GLY A 56 0.46 8.18 -0.55
N GLU A 57 1.69 8.41 -0.97
CA GLU A 57 2.01 9.52 -1.87
C GLU A 57 1.05 9.54 -3.06
N ALA A 58 0.55 8.36 -3.44
CA ALA A 58 -0.38 8.24 -4.56
C ALA A 58 -1.77 8.76 -4.17
N TYR A 59 -2.33 8.20 -3.11
CA TYR A 59 -3.65 8.59 -2.64
C TYR A 59 -3.82 10.11 -2.73
N GLU A 60 -2.72 10.84 -2.54
CA GLU A 60 -2.75 12.30 -2.59
C GLU A 60 -3.08 12.78 -4.01
N SER A 61 -2.26 12.38 -4.97
CA SER A 61 -2.46 12.77 -6.36
C SER A 61 -3.75 12.15 -6.92
N HIS A 62 -4.30 11.19 -6.18
CA HIS A 62 -5.52 10.52 -6.60
C HIS A 62 -6.75 11.21 -6.01
N GLU A 63 -6.52 12.16 -5.11
CA GLU A 63 -7.61 12.89 -4.47
C GLU A 63 -7.96 14.15 -5.27
N GLY A 64 -7.78 14.09 -6.58
CA GLY A 64 -8.08 15.22 -7.43
C GLY A 64 -8.78 14.82 -8.71
N MET A 65 -8.37 13.68 -9.27
CA MET A 65 -8.95 13.19 -10.51
C MET A 65 -9.81 11.94 -10.26
N CYS A 66 -9.15 10.83 -9.93
CA CYS A 66 -9.85 9.58 -9.66
C CYS A 66 -10.66 9.13 -10.88
N PRO A 67 -10.61 7.83 -11.16
CA PRO A 67 -11.34 7.24 -12.30
C PRO A 67 -12.85 7.25 -12.09
N GLN A 68 -13.27 7.06 -10.84
CA GLN A 68 -14.69 7.05 -10.52
C GLN A 68 -15.01 8.08 -9.45
N GLU A 69 -15.20 9.33 -9.88
CA GLU A 69 -15.52 10.41 -8.96
C GLU A 69 -17.00 10.39 -8.57
N SER A 70 -17.86 10.26 -9.58
CA SER A 70 -19.30 10.22 -9.34
C SER A 70 -19.70 8.98 -8.56
N SER A 71 -19.70 9.09 -7.23
CA SER A 71 -20.06 7.97 -6.36
C SER A 71 -21.41 7.37 -6.78
N GLY A 72 -21.40 6.08 -7.08
CA GLY A 72 -22.62 5.41 -7.49
C GLY A 72 -22.40 3.94 -7.78
N PRO A 73 -23.50 3.15 -7.75
CA PRO A 73 -23.44 1.71 -8.00
C PRO A 73 -23.14 1.39 -9.46
N SER A 74 -22.71 0.16 -9.72
CA SER A 74 -22.38 -0.27 -11.07
C SER A 74 -22.53 -1.77 -11.21
N SER A 75 -22.53 -2.25 -12.46
CA SER A 75 -22.66 -3.67 -12.74
C SER A 75 -21.34 -4.27 -13.19
N GLY A 76 -20.96 -5.39 -12.58
CA GLY A 76 -19.72 -6.05 -12.94
C GLY A 76 -18.85 -6.34 -11.74
ZN ZN B . 2.93 -3.16 6.10
ZN ZN C . -10.56 7.01 -6.77
N GLY A 1 13.34 -23.85 -18.87
CA GLY A 1 11.97 -23.44 -18.66
C GLY A 1 11.84 -22.30 -17.66
N SER A 2 11.72 -22.66 -16.38
CA SER A 2 11.60 -21.67 -15.32
C SER A 2 12.90 -20.89 -15.14
N SER A 3 12.80 -19.66 -14.68
CA SER A 3 13.97 -18.82 -14.46
C SER A 3 14.51 -19.01 -13.04
N GLY A 4 13.74 -18.56 -12.06
CA GLY A 4 14.16 -18.70 -10.68
C GLY A 4 14.77 -17.41 -10.13
N SER A 5 15.30 -17.49 -8.91
CA SER A 5 15.91 -16.32 -8.29
C SER A 5 17.22 -16.70 -7.60
N SER A 6 18.20 -15.79 -7.64
CA SER A 6 19.49 -16.03 -7.04
C SER A 6 19.72 -15.11 -5.85
N GLY A 7 18.63 -14.51 -5.36
CA GLY A 7 18.74 -13.61 -4.23
C GLY A 7 19.53 -14.20 -3.07
N HIS A 8 20.80 -13.82 -2.97
CA HIS A 8 21.67 -14.32 -1.91
C HIS A 8 21.05 -14.04 -0.54
N LEU A 9 21.32 -14.94 0.41
CA LEU A 9 20.79 -14.80 1.76
C LEU A 9 21.49 -13.67 2.50
N ASN A 10 20.78 -13.02 3.42
CA ASN A 10 21.32 -11.92 4.19
C ASN A 10 22.44 -12.41 5.11
N THR A 11 23.63 -11.85 4.95
CA THR A 11 24.78 -12.22 5.75
C THR A 11 24.88 -11.35 7.01
N CYS A 12 24.37 -10.13 6.91
CA CYS A 12 24.40 -9.20 8.04
C CYS A 12 23.14 -9.34 8.89
N SER A 13 23.33 -9.62 10.18
CA SER A 13 22.22 -9.79 11.10
C SER A 13 21.62 -8.44 11.48
N PHE A 14 20.59 -8.03 10.75
CA PHE A 14 19.93 -6.75 11.02
C PHE A 14 18.65 -6.96 11.82
N ASN A 15 18.38 -6.05 12.74
CA ASN A 15 17.18 -6.12 13.57
C ASN A 15 16.01 -5.42 12.91
N VAL A 16 14.81 -5.94 13.13
CA VAL A 16 13.60 -5.35 12.55
C VAL A 16 12.37 -5.73 13.37
N ILE A 17 11.21 -5.24 12.95
CA ILE A 17 9.96 -5.52 13.63
C ILE A 17 8.82 -5.71 12.63
N PRO A 18 7.75 -6.40 13.06
CA PRO A 18 6.58 -6.66 12.23
C PRO A 18 5.76 -5.39 11.98
N CYS A 19 5.17 -5.29 10.79
CA CYS A 19 4.37 -4.14 10.42
C CYS A 19 3.12 -4.05 11.31
N PRO A 20 2.82 -2.83 11.78
CA PRO A 20 1.66 -2.57 12.64
C PRO A 20 0.34 -2.71 11.87
N ASN A 21 0.39 -2.48 10.56
CA ASN A 21 -0.80 -2.58 9.73
C ASN A 21 -1.34 -4.00 9.71
N ARG A 22 -0.58 -4.93 10.30
CA ARG A 22 -0.98 -6.33 10.35
C ARG A 22 -0.75 -7.01 9.01
N CYS A 23 0.35 -6.66 8.34
CA CYS A 23 0.68 -7.23 7.05
C CYS A 23 1.94 -8.09 7.15
N PRO A 24 1.97 -9.19 6.38
CA PRO A 24 3.10 -10.12 6.35
C PRO A 24 4.33 -9.51 5.70
N MET A 25 4.88 -8.47 6.33
CA MET A 25 6.06 -7.80 5.80
C MET A 25 6.79 -7.04 6.91
N LYS A 26 8.04 -7.42 7.15
CA LYS A 26 8.85 -6.78 8.17
C LYS A 26 9.93 -5.90 7.55
N LEU A 27 10.00 -4.65 7.99
CA LEU A 27 10.98 -3.70 7.49
C LEU A 27 12.05 -3.39 8.54
N SER A 28 11.64 -2.66 9.57
CA SER A 28 12.55 -2.29 10.65
C SER A 28 12.03 -1.09 11.42
N ARG A 29 12.75 -0.71 12.47
CA ARG A 29 12.35 0.42 13.29
C ARG A 29 12.79 1.74 12.66
N ARG A 30 13.12 1.69 11.37
CA ARG A 30 13.55 2.88 10.64
C ARG A 30 12.66 3.13 9.42
N ASP A 31 12.41 2.08 8.66
CA ASP A 31 11.57 2.18 7.47
C ASP A 31 10.12 1.81 7.79
N LEU A 32 9.81 1.76 9.08
CA LEU A 32 8.46 1.42 9.51
C LEU A 32 7.46 2.49 9.08
N PRO A 33 7.79 3.76 9.37
CA PRO A 33 6.94 4.90 9.02
C PRO A 33 6.90 5.15 7.51
N ALA A 34 7.93 4.69 6.81
CA ALA A 34 8.01 4.86 5.37
C ALA A 34 7.45 3.64 4.64
N HIS A 35 6.87 2.71 5.40
CA HIS A 35 6.30 1.50 4.82
C HIS A 35 4.77 1.58 4.80
N LEU A 36 4.19 2.10 5.88
CA LEU A 36 2.75 2.22 5.98
C LEU A 36 2.24 3.40 5.17
N GLN A 37 3.18 4.18 4.63
CA GLN A 37 2.82 5.34 3.82
C GLN A 37 2.42 4.93 2.41
N HIS A 38 3.36 4.34 1.68
CA HIS A 38 3.10 3.89 0.32
C HIS A 38 3.93 2.65 -0.02
N ASP A 39 4.35 1.94 1.02
CA ASP A 39 5.15 0.73 0.84
C ASP A 39 4.53 -0.45 1.57
N CYS A 40 3.29 -0.28 2.03
CA CYS A 40 2.58 -1.32 2.75
C CYS A 40 1.39 -1.82 1.94
N PRO A 41 1.23 -3.15 1.88
CA PRO A 41 0.12 -3.79 1.15
C PRO A 41 -1.23 -3.55 1.81
N LYS A 42 -1.22 -3.49 3.14
CA LYS A 42 -2.45 -3.27 3.90
C LYS A 42 -2.51 -1.84 4.43
N ARG A 43 -1.91 -0.91 3.70
CA ARG A 43 -1.89 0.48 4.10
C ARG A 43 -3.29 0.94 4.54
N ARG A 44 -4.31 0.35 3.93
CA ARG A 44 -5.69 0.69 4.25
C ARG A 44 -6.07 2.04 3.63
N LEU A 45 -5.74 2.21 2.36
CA LEU A 45 -6.05 3.45 1.65
C LEU A 45 -6.56 3.15 0.24
N LYS A 46 -7.86 3.29 0.04
CA LYS A 46 -8.47 3.05 -1.25
C LYS A 46 -9.26 4.27 -1.73
N CYS A 47 -9.49 4.35 -3.03
CA CYS A 47 -10.24 5.45 -3.61
C CYS A 47 -11.68 5.46 -3.13
N GLU A 48 -12.32 6.62 -3.18
CA GLU A 48 -13.71 6.76 -2.74
C GLU A 48 -14.65 6.74 -3.93
N PHE A 49 -14.17 7.22 -5.08
CA PHE A 49 -14.97 7.25 -6.30
C PHE A 49 -15.12 5.86 -6.89
N CYS A 50 -14.04 5.34 -7.45
CA CYS A 50 -14.04 4.01 -8.06
C CYS A 50 -13.91 2.93 -7.00
N GLY A 51 -13.00 3.14 -6.04
CA GLY A 51 -12.80 2.17 -4.98
C GLY A 51 -11.71 1.17 -5.31
N CYS A 52 -10.51 1.67 -5.56
CA CYS A 52 -9.38 0.80 -5.89
C CYS A 52 -8.22 1.03 -4.93
N ASP A 53 -7.72 -0.05 -4.35
CA ASP A 53 -6.61 0.03 -3.40
C ASP A 53 -5.51 0.94 -3.94
N PHE A 54 -5.05 1.86 -3.10
CA PHE A 54 -4.00 2.79 -3.49
C PHE A 54 -3.09 3.11 -2.30
N SER A 55 -2.02 3.85 -2.57
CA SER A 55 -1.06 4.22 -1.53
C SER A 55 -1.42 5.59 -0.93
N GLY A 56 -0.57 6.05 -0.02
CA GLY A 56 -0.81 7.34 0.62
C GLY A 56 -0.31 8.49 -0.22
N GLU A 57 0.72 8.24 -1.03
CA GLU A 57 1.29 9.27 -1.88
C GLU A 57 0.61 9.29 -3.25
N ALA A 58 0.00 8.17 -3.61
CA ALA A 58 -0.70 8.05 -4.89
C ALA A 58 -2.16 8.44 -4.77
N TYR A 59 -2.85 7.84 -3.81
CA TYR A 59 -4.26 8.12 -3.58
C TYR A 59 -4.56 9.60 -3.80
N GLU A 60 -3.70 10.46 -3.27
CA GLU A 60 -3.87 11.90 -3.41
C GLU A 60 -3.83 12.32 -4.88
N SER A 61 -2.88 11.75 -5.62
CA SER A 61 -2.73 12.07 -7.03
C SER A 61 -3.78 11.34 -7.87
N HIS A 62 -4.42 10.34 -7.26
CA HIS A 62 -5.44 9.56 -7.94
C HIS A 62 -6.79 10.26 -7.87
N GLU A 63 -7.08 10.88 -6.74
CA GLU A 63 -8.34 11.59 -6.54
C GLU A 63 -8.62 12.53 -7.70
N GLY A 64 -7.57 12.89 -8.44
CA GLY A 64 -7.72 13.78 -9.58
C GLY A 64 -7.71 13.04 -10.90
N MET A 65 -7.05 11.89 -10.94
CA MET A 65 -6.96 11.10 -12.15
C MET A 65 -7.71 9.78 -11.99
N CYS A 66 -8.92 9.85 -11.44
CA CYS A 66 -9.73 8.66 -11.24
C CYS A 66 -10.45 8.25 -12.52
N PRO A 67 -10.43 6.95 -12.82
CA PRO A 67 -11.07 6.40 -14.02
C PRO A 67 -12.59 6.45 -13.94
N GLN A 68 -13.10 6.63 -12.73
CA GLN A 68 -14.55 6.70 -12.51
C GLN A 68 -14.90 7.73 -11.44
N GLU A 69 -15.18 8.96 -11.88
CA GLU A 69 -15.53 10.03 -10.96
C GLU A 69 -17.01 10.37 -11.05
N SER A 70 -17.38 11.56 -10.58
CA SER A 70 -18.76 12.00 -10.60
C SER A 70 -19.32 11.97 -12.02
N SER A 71 -18.60 12.58 -12.96
CA SER A 71 -19.02 12.61 -14.34
C SER A 71 -18.99 11.22 -14.97
N GLY A 72 -20.10 10.81 -15.57
CA GLY A 72 -20.16 9.51 -16.19
C GLY A 72 -20.57 8.42 -15.22
N PRO A 73 -21.77 8.57 -14.65
CA PRO A 73 -22.32 7.60 -13.68
C PRO A 73 -22.69 6.27 -14.34
N SER A 74 -22.55 6.21 -15.67
CA SER A 74 -22.87 5.00 -16.40
C SER A 74 -22.42 3.76 -15.65
N SER A 75 -23.38 2.98 -15.17
CA SER A 75 -23.08 1.76 -14.43
C SER A 75 -22.52 0.68 -15.34
N GLY A 76 -23.05 0.62 -16.56
CA GLY A 76 -22.59 -0.37 -17.52
C GLY A 76 -21.08 -0.43 -17.62
ZN ZN B . 2.91 -3.23 6.07
ZN ZN C . -10.50 6.29 -8.22
N GLY A 1 7.50 9.98 -20.98
CA GLY A 1 8.29 8.76 -21.12
C GLY A 1 7.48 7.51 -20.82
N SER A 2 8.11 6.35 -20.97
CA SER A 2 7.45 5.08 -20.72
C SER A 2 8.40 4.07 -20.10
N SER A 3 7.91 3.30 -19.13
CA SER A 3 8.72 2.31 -18.46
C SER A 3 7.85 1.24 -17.81
N GLY A 4 8.35 0.00 -17.77
CA GLY A 4 7.61 -1.08 -17.17
C GLY A 4 8.43 -1.87 -16.17
N SER A 5 8.03 -1.79 -14.90
CA SER A 5 8.74 -2.49 -13.84
C SER A 5 7.85 -3.57 -13.23
N SER A 6 8.49 -4.53 -12.54
CA SER A 6 7.76 -5.63 -11.92
C SER A 6 7.64 -5.40 -10.41
N GLY A 7 7.09 -6.39 -9.72
CA GLY A 7 6.92 -6.28 -8.27
C GLY A 7 8.12 -6.82 -7.52
N HIS A 8 7.88 -7.28 -6.30
CA HIS A 8 8.94 -7.83 -5.46
C HIS A 8 8.57 -9.22 -4.94
N LEU A 9 9.44 -9.80 -4.13
CA LEU A 9 9.21 -11.12 -3.56
C LEU A 9 9.52 -11.14 -2.07
N ASN A 10 9.42 -12.32 -1.46
CA ASN A 10 9.70 -12.48 -0.04
C ASN A 10 11.10 -11.96 0.30
N THR A 11 11.43 -11.98 1.59
CA THR A 11 12.73 -11.52 2.05
C THR A 11 13.16 -12.25 3.31
N CYS A 12 14.46 -12.44 3.46
CA CYS A 12 15.01 -13.15 4.62
C CYS A 12 15.80 -12.18 5.51
N SER A 13 15.09 -11.48 6.39
CA SER A 13 15.72 -10.53 7.29
C SER A 13 15.35 -10.82 8.75
N PHE A 14 16.35 -10.88 9.61
CA PHE A 14 16.13 -11.14 11.02
C PHE A 14 16.28 -9.87 11.85
N ASN A 15 16.12 -10.00 13.16
CA ASN A 15 16.22 -8.86 14.07
C ASN A 15 15.44 -7.67 13.53
N VAL A 16 14.25 -7.94 13.01
CA VAL A 16 13.39 -6.90 12.47
C VAL A 16 12.08 -6.81 13.22
N ILE A 17 11.29 -5.78 12.94
CA ILE A 17 10.00 -5.58 13.58
C ILE A 17 8.85 -5.74 12.59
N PRO A 18 7.77 -6.40 13.03
CA PRO A 18 6.58 -6.64 12.20
C PRO A 18 5.82 -5.36 11.93
N CYS A 19 5.09 -5.34 10.81
CA CYS A 19 4.30 -4.17 10.44
C CYS A 19 3.04 -4.05 11.31
N PRO A 20 2.76 -2.83 11.77
CA PRO A 20 1.59 -2.56 12.62
C PRO A 20 0.28 -2.68 11.86
N ASN A 21 0.36 -2.57 10.54
CA ASN A 21 -0.83 -2.66 9.69
C ASN A 21 -1.40 -4.08 9.71
N ARG A 22 -0.63 -5.01 10.27
CA ARG A 22 -1.05 -6.40 10.34
C ARG A 22 -0.73 -7.14 9.04
N CYS A 23 0.23 -6.61 8.28
CA CYS A 23 0.62 -7.22 7.02
C CYS A 23 1.89 -8.05 7.20
N PRO A 24 1.95 -9.19 6.49
CA PRO A 24 3.10 -10.10 6.55
C PRO A 24 4.34 -9.51 5.89
N MET A 25 4.85 -8.42 6.47
CA MET A 25 6.04 -7.77 5.95
C MET A 25 6.73 -6.93 7.03
N LYS A 26 8.02 -7.16 7.21
CA LYS A 26 8.80 -6.43 8.21
C LYS A 26 9.88 -5.60 7.55
N LEU A 27 10.17 -4.44 8.13
CA LEU A 27 11.20 -3.55 7.60
C LEU A 27 12.27 -3.26 8.65
N SER A 28 11.91 -2.51 9.68
CA SER A 28 12.83 -2.16 10.74
C SER A 28 12.25 -1.08 11.65
N ARG A 29 13.12 -0.41 12.40
CA ARG A 29 12.69 0.65 13.30
C ARG A 29 13.01 2.02 12.73
N ARG A 30 13.05 2.11 11.40
CA ARG A 30 13.35 3.36 10.73
C ARG A 30 12.53 3.51 9.45
N ASP A 31 12.37 2.40 8.74
CA ASP A 31 11.61 2.40 7.49
C ASP A 31 10.13 2.13 7.76
N LEU A 32 9.76 2.08 9.05
CA LEU A 32 8.38 1.83 9.44
C LEU A 32 7.46 2.93 8.94
N PRO A 33 7.86 4.19 9.18
CA PRO A 33 7.08 5.36 8.76
C PRO A 33 7.09 5.55 7.24
N ALA A 34 7.89 4.74 6.56
CA ALA A 34 7.98 4.81 5.11
C ALA A 34 7.33 3.60 4.45
N HIS A 35 6.91 2.64 5.27
CA HIS A 35 6.27 1.43 4.76
C HIS A 35 4.74 1.57 4.80
N LEU A 36 4.23 2.09 5.92
CA LEU A 36 2.79 2.27 6.07
C LEU A 36 2.30 3.48 5.28
N GLN A 37 3.26 4.24 4.73
CA GLN A 37 2.91 5.43 3.95
C GLN A 37 2.48 5.04 2.54
N HIS A 38 3.37 4.40 1.80
CA HIS A 38 3.07 3.97 0.44
C HIS A 38 3.88 2.74 0.06
N ASP A 39 4.29 1.97 1.07
CA ASP A 39 5.06 0.76 0.85
C ASP A 39 4.44 -0.43 1.59
N CYS A 40 3.21 -0.27 2.03
CA CYS A 40 2.51 -1.32 2.76
C CYS A 40 1.36 -1.88 1.92
N PRO A 41 1.29 -3.22 1.85
CA PRO A 41 0.23 -3.91 1.10
C PRO A 41 -1.14 -3.75 1.74
N LYS A 42 -1.21 -3.98 3.05
CA LYS A 42 -2.46 -3.87 3.79
C LYS A 42 -2.70 -2.43 4.23
N ARG A 43 -2.02 -1.49 3.59
CA ARG A 43 -2.17 -0.08 3.92
C ARG A 43 -3.63 0.31 4.06
N ARG A 44 -4.50 -0.49 3.44
CA ARG A 44 -5.93 -0.24 3.48
C ARG A 44 -6.28 1.11 2.83
N LEU A 45 -5.83 1.27 1.58
CA LEU A 45 -6.08 2.50 0.84
C LEU A 45 -6.31 2.20 -0.63
N LYS A 46 -7.57 2.26 -1.05
CA LYS A 46 -7.93 2.01 -2.44
C LYS A 46 -8.61 3.22 -3.07
N CYS A 47 -8.59 3.29 -4.39
CA CYS A 47 -9.20 4.39 -5.11
C CYS A 47 -10.67 4.56 -4.72
N GLU A 48 -11.09 5.81 -4.57
CA GLU A 48 -12.48 6.10 -4.20
C GLU A 48 -13.40 6.09 -5.41
N PHE A 49 -12.92 5.46 -6.48
CA PHE A 49 -13.70 5.39 -7.72
C PHE A 49 -13.79 3.95 -8.21
N CYS A 50 -12.66 3.40 -8.67
CA CYS A 50 -12.62 2.03 -9.17
C CYS A 50 -12.42 1.04 -8.03
N GLY A 51 -12.43 1.56 -6.80
CA GLY A 51 -12.25 0.71 -5.64
C GLY A 51 -11.23 -0.39 -5.88
N CYS A 52 -10.00 0.00 -6.17
CA CYS A 52 -8.93 -0.96 -6.42
C CYS A 52 -7.70 -0.64 -5.58
N ASP A 53 -7.32 -1.57 -4.71
CA ASP A 53 -6.16 -1.39 -3.85
C ASP A 53 -5.07 -0.61 -4.57
N PHE A 54 -4.45 0.33 -3.85
CA PHE A 54 -3.38 1.15 -4.42
C PHE A 54 -2.38 1.54 -3.35
N SER A 55 -1.40 2.36 -3.74
CA SER A 55 -0.36 2.81 -2.82
C SER A 55 -0.59 4.26 -2.41
N GLY A 56 0.33 4.80 -1.61
CA GLY A 56 0.21 6.16 -1.16
C GLY A 56 0.38 7.17 -2.28
N GLU A 57 1.63 7.51 -2.59
CA GLU A 57 1.92 8.45 -3.66
C GLU A 57 1.10 8.14 -4.91
N ALA A 58 1.04 6.86 -5.26
CA ALA A 58 0.30 6.43 -6.44
C ALA A 58 -1.18 6.82 -6.32
N TYR A 59 -1.82 6.35 -5.27
CA TYR A 59 -3.23 6.64 -5.04
C TYR A 59 -3.54 8.11 -5.31
N GLU A 60 -2.57 8.98 -5.00
CA GLU A 60 -2.73 10.41 -5.21
C GLU A 60 -2.74 10.74 -6.71
N SER A 61 -1.67 10.37 -7.39
CA SER A 61 -1.56 10.63 -8.83
C SER A 61 -2.66 9.92 -9.61
N HIS A 62 -3.25 8.90 -8.97
CA HIS A 62 -4.31 8.13 -9.60
C HIS A 62 -5.63 8.91 -9.59
N GLU A 63 -5.73 9.86 -8.68
CA GLU A 63 -6.94 10.67 -8.56
C GLU A 63 -7.19 11.45 -9.84
N GLY A 64 -6.18 11.53 -10.69
CA GLY A 64 -6.31 12.25 -11.95
C GLY A 64 -6.44 11.32 -13.15
N MET A 65 -5.87 10.13 -13.02
CA MET A 65 -5.92 9.15 -14.10
C MET A 65 -6.57 7.85 -13.62
N CYS A 66 -7.88 7.87 -13.47
CA CYS A 66 -8.62 6.69 -13.01
C CYS A 66 -9.36 6.04 -14.17
N PRO A 67 -9.31 4.70 -14.23
CA PRO A 67 -9.97 3.92 -15.29
C PRO A 67 -11.49 3.95 -15.16
N GLN A 68 -11.98 3.91 -13.93
CA GLN A 68 -13.42 3.93 -13.68
C GLN A 68 -13.78 5.06 -12.71
N GLU A 69 -13.74 6.29 -13.21
CA GLU A 69 -14.06 7.46 -12.39
C GLU A 69 -15.57 7.54 -12.15
N SER A 70 -16.34 6.83 -12.96
CA SER A 70 -17.79 6.83 -12.84
C SER A 70 -18.32 5.41 -12.65
N SER A 71 -19.11 5.21 -11.60
CA SER A 71 -19.68 3.89 -11.31
C SER A 71 -20.44 3.36 -12.51
N GLY A 72 -20.36 2.04 -12.72
CA GLY A 72 -21.04 1.42 -13.83
C GLY A 72 -22.55 1.39 -13.65
N PRO A 73 -23.25 0.79 -14.61
CA PRO A 73 -24.72 0.68 -14.58
C PRO A 73 -25.19 -0.28 -13.50
N SER A 74 -26.46 -0.67 -13.58
CA SER A 74 -27.04 -1.58 -12.60
C SER A 74 -28.13 -2.44 -13.25
N SER A 75 -28.47 -3.54 -12.59
CA SER A 75 -29.50 -4.44 -13.09
C SER A 75 -30.89 -3.80 -13.02
N GLY A 76 -31.28 -3.12 -14.08
CA GLY A 76 -32.56 -2.46 -14.12
C GLY A 76 -32.56 -1.13 -13.39
ZN ZN B . 2.90 -3.26 6.06
ZN ZN C . -9.44 4.67 -9.78
N GLY A 1 1.08 -7.38 -15.39
CA GLY A 1 2.31 -7.81 -16.01
C GLY A 1 2.20 -9.19 -16.64
N SER A 2 3.32 -9.91 -16.68
CA SER A 2 3.34 -11.25 -17.26
C SER A 2 3.68 -12.29 -16.20
N SER A 3 3.95 -11.83 -14.99
CA SER A 3 4.28 -12.72 -13.88
C SER A 3 3.89 -12.11 -12.54
N GLY A 4 4.09 -12.86 -11.46
CA GLY A 4 3.76 -12.38 -10.15
C GLY A 4 3.35 -13.48 -9.20
N SER A 5 2.30 -14.22 -9.57
CA SER A 5 1.81 -15.31 -8.74
C SER A 5 2.97 -16.08 -8.10
N SER A 6 3.19 -15.83 -6.82
CA SER A 6 4.27 -16.49 -6.09
C SER A 6 3.99 -16.49 -4.59
N GLY A 7 3.84 -17.68 -4.03
CA GLY A 7 3.58 -17.80 -2.60
C GLY A 7 4.79 -18.24 -1.81
N HIS A 8 5.78 -17.35 -1.72
CA HIS A 8 7.00 -17.66 -0.99
C HIS A 8 7.30 -16.58 0.05
N LEU A 9 7.40 -16.99 1.31
CA LEU A 9 7.67 -16.06 2.40
C LEU A 9 9.12 -15.59 2.36
N ASN A 10 9.33 -14.31 2.60
CA ASN A 10 10.67 -13.73 2.59
C ASN A 10 11.33 -13.90 3.95
N THR A 11 11.81 -15.11 4.23
CA THR A 11 12.48 -15.40 5.49
C THR A 11 13.48 -14.31 5.85
N CYS A 12 13.37 -13.81 7.07
CA CYS A 12 14.27 -12.75 7.54
C CYS A 12 14.69 -13.01 8.99
N SER A 13 15.97 -13.32 9.18
CA SER A 13 16.50 -13.58 10.52
C SER A 13 17.36 -12.42 11.01
N PHE A 14 16.95 -11.21 10.66
CA PHE A 14 17.69 -10.01 11.06
C PHE A 14 16.95 -9.27 12.17
N ASN A 15 17.58 -8.23 12.71
CA ASN A 15 16.99 -7.44 13.78
C ASN A 15 15.97 -6.45 13.22
N VAL A 16 14.74 -6.89 13.07
CA VAL A 16 13.67 -6.04 12.55
C VAL A 16 12.39 -6.21 13.36
N ILE A 17 11.32 -5.57 12.89
CA ILE A 17 10.04 -5.64 13.58
C ILE A 17 8.89 -5.77 12.58
N PRO A 18 7.82 -6.45 13.00
CA PRO A 18 6.63 -6.66 12.16
C PRO A 18 5.85 -5.37 11.94
N CYS A 19 5.02 -5.36 10.90
CA CYS A 19 4.22 -4.18 10.58
C CYS A 19 2.96 -4.13 11.45
N PRO A 20 2.66 -2.95 11.98
CA PRO A 20 1.49 -2.73 12.84
C PRO A 20 0.18 -2.82 12.06
N ASN A 21 0.28 -2.75 10.74
CA ASN A 21 -0.91 -2.83 9.88
C ASN A 21 -1.44 -4.26 9.81
N ARG A 22 -0.68 -5.19 10.39
CA ARG A 22 -1.07 -6.60 10.38
C ARG A 22 -0.73 -7.26 9.07
N CYS A 23 0.17 -6.63 8.30
CA CYS A 23 0.59 -7.16 7.02
C CYS A 23 1.84 -8.04 7.17
N PRO A 24 1.85 -9.16 6.43
CA PRO A 24 2.98 -10.10 6.46
C PRO A 24 4.24 -9.53 5.82
N MET A 25 4.78 -8.48 6.42
CA MET A 25 5.98 -7.84 5.90
C MET A 25 6.74 -7.12 7.01
N LYS A 26 8.06 -7.28 7.04
CA LYS A 26 8.89 -6.65 8.05
C LYS A 26 9.90 -5.70 7.41
N LEU A 27 10.07 -4.53 8.00
CA LEU A 27 11.00 -3.53 7.49
C LEU A 27 12.05 -3.18 8.53
N SER A 28 11.63 -2.46 9.57
CA SER A 28 12.54 -2.07 10.64
C SER A 28 12.00 -0.86 11.40
N ARG A 29 12.69 -0.47 12.46
CA ARG A 29 12.27 0.67 13.26
C ARG A 29 12.65 1.99 12.59
N ARG A 30 13.06 1.90 11.33
CA ARG A 30 13.46 3.08 10.57
C ARG A 30 12.57 3.26 9.34
N ASP A 31 12.37 2.17 8.60
CA ASP A 31 11.53 2.20 7.41
C ASP A 31 10.08 1.91 7.75
N LEU A 32 9.76 1.90 9.04
CA LEU A 32 8.41 1.63 9.50
C LEU A 32 7.45 2.73 9.05
N PRO A 33 7.85 3.99 9.31
CA PRO A 33 7.04 5.16 8.93
C PRO A 33 7.00 5.37 7.42
N ALA A 34 8.03 4.92 6.73
CA ALA A 34 8.11 5.06 5.29
C ALA A 34 7.39 3.91 4.58
N HIS A 35 7.26 2.78 5.28
CA HIS A 35 6.59 1.62 4.73
C HIS A 35 5.07 1.74 4.85
N LEU A 36 4.62 2.35 5.94
CA LEU A 36 3.20 2.53 6.18
C LEU A 36 2.67 3.73 5.41
N GLN A 37 3.52 4.31 4.56
CA GLN A 37 3.14 5.46 3.77
C GLN A 37 2.66 5.04 2.37
N HIS A 38 3.54 4.35 1.65
CA HIS A 38 3.21 3.88 0.31
C HIS A 38 3.95 2.59 -0.02
N ASP A 39 4.24 1.80 1.01
CA ASP A 39 4.96 0.54 0.84
C ASP A 39 4.16 -0.62 1.44
N CYS A 40 3.27 -0.30 2.37
CA CYS A 40 2.45 -1.31 3.03
C CYS A 40 1.36 -1.81 2.09
N PRO A 41 1.24 -3.13 1.96
CA PRO A 41 0.23 -3.76 1.09
C PRO A 41 -1.17 -3.60 1.64
N LYS A 42 -1.35 -3.89 2.93
CA LYS A 42 -2.64 -3.78 3.57
C LYS A 42 -2.92 -2.34 3.98
N ARG A 43 -2.18 -1.40 3.39
CA ARG A 43 -2.35 0.02 3.70
C ARG A 43 -3.82 0.36 3.89
N ARG A 44 -4.70 -0.42 3.24
CA ARG A 44 -6.14 -0.20 3.34
C ARG A 44 -6.47 1.27 3.14
N LEU A 45 -6.05 1.83 2.01
CA LEU A 45 -6.30 3.22 1.69
C LEU A 45 -7.06 3.36 0.37
N LYS A 46 -8.28 3.88 0.46
CA LYS A 46 -9.11 4.06 -0.73
C LYS A 46 -9.62 5.50 -0.82
N CYS A 47 -9.73 6.01 -2.04
CA CYS A 47 -10.20 7.37 -2.27
C CYS A 47 -11.67 7.51 -1.86
N GLU A 48 -11.98 8.60 -1.17
CA GLU A 48 -13.35 8.85 -0.72
C GLU A 48 -14.18 9.46 -1.85
N PHE A 49 -13.67 9.36 -3.07
CA PHE A 49 -14.37 9.90 -4.23
C PHE A 49 -14.52 8.84 -5.32
N CYS A 50 -13.40 8.39 -5.86
CA CYS A 50 -13.40 7.38 -6.90
C CYS A 50 -13.28 5.98 -6.30
N GLY A 51 -13.39 5.89 -4.98
CA GLY A 51 -13.29 4.61 -4.32
C GLY A 51 -12.27 3.70 -4.95
N CYS A 52 -11.01 4.14 -4.97
CA CYS A 52 -9.94 3.36 -5.56
C CYS A 52 -8.72 3.30 -4.63
N ASP A 53 -8.07 2.14 -4.59
CA ASP A 53 -6.90 1.96 -3.74
C ASP A 53 -5.79 2.93 -4.13
N PHE A 54 -5.11 3.48 -3.12
CA PHE A 54 -4.03 4.43 -3.34
C PHE A 54 -2.97 4.32 -2.25
N SER A 55 -1.91 5.10 -2.39
CA SER A 55 -0.82 5.09 -1.41
C SER A 55 -0.89 6.33 -0.52
N GLY A 56 0.11 6.47 0.36
CA GLY A 56 0.14 7.61 1.25
C GLY A 56 0.57 8.89 0.56
N GLU A 57 1.81 8.91 0.08
CA GLU A 57 2.35 10.08 -0.61
C GLU A 57 1.53 10.38 -1.87
N ALA A 58 0.96 9.33 -2.46
CA ALA A 58 0.16 9.49 -3.66
C ALA A 58 -1.22 10.05 -3.34
N TYR A 59 -1.93 9.38 -2.44
CA TYR A 59 -3.28 9.81 -2.05
C TYR A 59 -3.31 11.32 -1.79
N GLU A 60 -2.25 11.82 -1.15
CA GLU A 60 -2.16 13.24 -0.83
C GLU A 60 -2.32 14.09 -2.10
N SER A 61 -1.51 13.79 -3.10
CA SER A 61 -1.56 14.52 -4.37
C SER A 61 -2.86 14.23 -5.12
N HIS A 62 -3.46 13.08 -4.82
CA HIS A 62 -4.70 12.68 -5.46
C HIS A 62 -5.88 13.52 -4.96
N GLU A 63 -5.72 14.10 -3.77
CA GLU A 63 -6.75 14.92 -3.18
C GLU A 63 -7.19 16.02 -4.13
N GLY A 64 -6.27 16.46 -4.97
CA GLY A 64 -6.57 17.51 -5.93
C GLY A 64 -6.92 16.97 -7.30
N MET A 65 -6.51 15.73 -7.57
CA MET A 65 -6.78 15.10 -8.85
C MET A 65 -7.48 13.76 -8.65
N CYS A 66 -8.75 13.70 -9.04
CA CYS A 66 -9.54 12.48 -8.91
C CYS A 66 -10.41 12.25 -10.13
N PRO A 67 -10.46 11.00 -10.60
CA PRO A 67 -11.26 10.62 -11.77
C PRO A 67 -12.76 10.68 -11.50
N GLN A 68 -13.15 10.34 -10.28
CA GLN A 68 -14.56 10.35 -9.89
C GLN A 68 -14.76 11.22 -8.65
N GLU A 69 -14.58 12.53 -8.80
CA GLU A 69 -14.75 13.47 -7.70
C GLU A 69 -16.22 13.71 -7.43
N SER A 70 -16.92 12.68 -6.95
CA SER A 70 -18.34 12.79 -6.64
C SER A 70 -18.63 12.34 -5.21
N SER A 71 -19.83 12.64 -4.73
CA SER A 71 -20.24 12.26 -3.39
C SER A 71 -20.86 10.87 -3.38
N GLY A 72 -20.92 10.23 -4.54
CA GLY A 72 -21.50 8.91 -4.65
C GLY A 72 -22.75 8.77 -3.82
N PRO A 73 -23.71 9.68 -4.01
CA PRO A 73 -24.98 9.67 -3.29
C PRO A 73 -25.88 8.51 -3.70
N SER A 74 -25.72 7.38 -3.01
CA SER A 74 -26.52 6.19 -3.30
C SER A 74 -26.44 5.84 -4.79
N SER A 75 -25.28 6.05 -5.39
CA SER A 75 -25.07 5.77 -6.80
C SER A 75 -24.76 4.29 -7.01
N GLY A 76 -24.51 3.92 -8.27
CA GLY A 76 -24.20 2.54 -8.59
C GLY A 76 -22.78 2.16 -8.23
ZN ZN B . 2.85 -3.11 6.23
ZN ZN C . -10.09 9.61 -6.38
N GLY A 1 -4.50 -13.02 -19.97
CA GLY A 1 -3.62 -12.44 -18.95
C GLY A 1 -3.42 -13.37 -17.78
N SER A 2 -2.36 -13.13 -17.01
CA SER A 2 -2.04 -13.94 -15.86
C SER A 2 -1.01 -13.26 -14.96
N SER A 3 -0.70 -13.88 -13.83
CA SER A 3 0.26 -13.34 -12.89
C SER A 3 1.69 -13.61 -13.36
N GLY A 4 1.88 -14.74 -14.03
CA GLY A 4 3.20 -15.11 -14.53
C GLY A 4 3.98 -15.95 -13.53
N SER A 5 5.04 -15.37 -12.97
CA SER A 5 5.88 -16.08 -12.01
C SER A 5 5.36 -15.87 -10.60
N SER A 6 6.05 -16.47 -9.63
CA SER A 6 5.66 -16.35 -8.22
C SER A 6 6.46 -15.25 -7.53
N GLY A 7 6.05 -14.90 -6.32
CA GLY A 7 6.74 -13.86 -5.57
C GLY A 7 8.19 -14.22 -5.29
N HIS A 8 8.86 -13.38 -4.51
CA HIS A 8 10.26 -13.60 -4.17
C HIS A 8 10.41 -13.92 -2.69
N LEU A 9 11.15 -14.99 -2.39
CA LEU A 9 11.37 -15.41 -1.01
C LEU A 9 11.95 -14.26 -0.19
N ASN A 10 11.43 -14.11 1.03
CA ASN A 10 11.91 -13.05 1.93
C ASN A 10 12.39 -13.63 3.25
N THR A 11 13.48 -13.08 3.77
CA THR A 11 14.05 -13.54 5.03
C THR A 11 13.48 -12.75 6.21
N CYS A 12 13.46 -13.37 7.38
CA CYS A 12 12.95 -12.72 8.59
C CYS A 12 14.03 -12.65 9.66
N SER A 13 14.65 -11.49 9.80
CA SER A 13 15.70 -11.30 10.79
C SER A 13 15.12 -10.79 12.10
N PHE A 14 15.97 -10.71 13.12
CA PHE A 14 15.54 -10.24 14.44
C PHE A 14 15.93 -8.78 14.64
N ASN A 15 16.55 -8.19 13.62
CA ASN A 15 16.98 -6.80 13.69
C ASN A 15 15.85 -5.86 13.30
N VAL A 16 14.80 -6.42 12.69
CA VAL A 16 13.65 -5.64 12.26
C VAL A 16 12.43 -5.93 13.12
N ILE A 17 11.29 -5.38 12.73
CA ILE A 17 10.05 -5.59 13.47
C ILE A 17 8.86 -5.74 12.51
N PRO A 18 7.83 -6.47 12.96
CA PRO A 18 6.63 -6.71 12.17
C PRO A 18 5.79 -5.45 12.00
N CYS A 19 5.11 -5.34 10.87
CA CYS A 19 4.26 -4.19 10.58
C CYS A 19 3.02 -4.19 11.47
N PRO A 20 2.70 -3.01 12.02
CA PRO A 20 1.54 -2.84 12.91
C PRO A 20 0.22 -2.95 12.16
N ASN A 21 0.28 -2.77 10.83
CA ASN A 21 -0.91 -2.85 10.00
C ASN A 21 -1.44 -4.28 9.93
N ARG A 22 -0.63 -5.22 10.42
CA ARG A 22 -1.02 -6.63 10.41
C ARG A 22 -0.69 -7.28 9.08
N CYS A 23 0.26 -6.68 8.35
CA CYS A 23 0.66 -7.19 7.05
C CYS A 23 1.93 -8.04 7.18
N PRO A 24 1.98 -9.14 6.41
CA PRO A 24 3.13 -10.05 6.41
C PRO A 24 4.36 -9.43 5.77
N MET A 25 4.88 -8.37 6.38
CA MET A 25 6.05 -7.68 5.87
C MET A 25 6.79 -6.95 6.98
N LYS A 26 8.03 -7.36 7.24
CA LYS A 26 8.84 -6.73 8.28
C LYS A 26 9.93 -5.87 7.67
N LEU A 27 9.93 -4.59 8.03
CA LEU A 27 10.92 -3.65 7.52
C LEU A 27 11.96 -3.32 8.59
N SER A 28 11.54 -2.56 9.60
CA SER A 28 12.43 -2.18 10.68
C SER A 28 11.88 -0.96 11.43
N ARG A 29 12.58 -0.56 12.49
CA ARG A 29 12.17 0.59 13.29
C ARG A 29 12.60 1.89 12.63
N ARG A 30 12.96 1.82 11.35
CA ARG A 30 13.41 2.99 10.61
C ARG A 30 12.53 3.21 9.38
N ASP A 31 12.31 2.13 8.61
CA ASP A 31 11.50 2.21 7.41
C ASP A 31 10.02 1.97 7.74
N LEU A 32 9.72 1.84 9.02
CA LEU A 32 8.35 1.61 9.47
C LEU A 32 7.43 2.74 9.04
N PRO A 33 7.86 3.99 9.33
CA PRO A 33 7.09 5.18 8.98
C PRO A 33 7.06 5.45 7.48
N ALA A 34 8.05 4.90 6.78
CA ALA A 34 8.15 5.07 5.34
C ALA A 34 7.48 3.91 4.60
N HIS A 35 7.23 2.82 5.32
CA HIS A 35 6.60 1.65 4.74
C HIS A 35 5.08 1.76 4.78
N LEU A 36 4.57 2.32 5.87
CA LEU A 36 3.13 2.48 6.05
C LEU A 36 2.63 3.70 5.26
N GLN A 37 3.51 4.30 4.48
CA GLN A 37 3.17 5.47 3.69
C GLN A 37 2.81 5.07 2.26
N HIS A 38 3.66 4.24 1.65
CA HIS A 38 3.43 3.78 0.28
C HIS A 38 4.15 2.47 0.03
N ASP A 39 4.28 1.65 1.07
CA ASP A 39 4.94 0.36 0.95
C ASP A 39 4.07 -0.76 1.52
N CYS A 40 3.22 -0.42 2.48
CA CYS A 40 2.34 -1.39 3.11
C CYS A 40 1.29 -1.88 2.11
N PRO A 41 1.17 -3.20 1.99
CA PRO A 41 0.19 -3.83 1.09
C PRO A 41 -1.25 -3.64 1.54
N LYS A 42 -1.43 -3.50 2.85
CA LYS A 42 -2.76 -3.30 3.42
C LYS A 42 -2.93 -1.88 3.93
N ARG A 43 -2.18 -0.95 3.34
CA ARG A 43 -2.24 0.46 3.74
C ARG A 43 -3.68 0.85 4.07
N ARG A 44 -4.64 0.18 3.44
CA ARG A 44 -6.05 0.46 3.67
C ARG A 44 -6.39 1.89 3.25
N LEU A 45 -6.04 2.23 2.01
CA LEU A 45 -6.30 3.57 1.48
C LEU A 45 -7.09 3.48 0.19
N LYS A 46 -8.38 3.80 0.27
CA LYS A 46 -9.26 3.77 -0.90
C LYS A 46 -10.05 5.06 -1.01
N CYS A 47 -10.42 5.42 -2.24
CA CYS A 47 -11.17 6.63 -2.50
C CYS A 47 -12.68 6.35 -2.46
N GLU A 48 -13.42 7.22 -1.77
CA GLU A 48 -14.86 7.06 -1.65
C GLU A 48 -15.58 7.77 -2.79
N PHE A 49 -14.84 8.02 -3.88
CA PHE A 49 -15.41 8.69 -5.04
C PHE A 49 -15.22 7.85 -6.30
N CYS A 50 -14.00 7.82 -6.82
CA CYS A 50 -13.70 7.06 -8.02
C CYS A 50 -13.63 5.57 -7.71
N GLY A 51 -13.30 5.24 -6.45
CA GLY A 51 -13.20 3.86 -6.05
C GLY A 51 -11.91 3.21 -6.50
N CYS A 52 -10.79 3.79 -6.11
CA CYS A 52 -9.48 3.27 -6.49
C CYS A 52 -8.50 3.37 -5.32
N ASP A 53 -7.83 2.27 -5.02
CA ASP A 53 -6.85 2.24 -3.94
C ASP A 53 -5.72 3.23 -4.19
N PHE A 54 -5.10 3.70 -3.11
CA PHE A 54 -4.00 4.64 -3.21
C PHE A 54 -3.00 4.45 -2.07
N SER A 55 -2.00 5.32 -2.01
CA SER A 55 -0.98 5.25 -0.98
C SER A 55 -1.04 6.46 -0.07
N GLY A 56 -0.55 6.30 1.16
CA GLY A 56 -0.55 7.40 2.11
C GLY A 56 -0.11 8.70 1.49
N GLU A 57 0.79 8.62 0.52
CA GLU A 57 1.29 9.82 -0.16
C GLU A 57 0.40 10.19 -1.34
N ALA A 58 -0.08 9.18 -2.06
CA ALA A 58 -0.95 9.40 -3.21
C ALA A 58 -2.30 9.94 -2.78
N TYR A 59 -2.99 9.18 -1.93
CA TYR A 59 -4.31 9.57 -1.45
C TYR A 59 -4.38 11.08 -1.24
N GLU A 60 -3.27 11.65 -0.77
CA GLU A 60 -3.21 13.09 -0.52
C GLU A 60 -3.13 13.87 -1.83
N SER A 61 -2.25 13.43 -2.72
CA SER A 61 -2.07 14.08 -4.01
C SER A 61 -3.25 13.79 -4.93
N HIS A 62 -4.05 12.80 -4.57
CA HIS A 62 -5.22 12.43 -5.37
C HIS A 62 -6.42 13.30 -5.01
N GLU A 63 -6.76 13.33 -3.73
CA GLU A 63 -7.89 14.12 -3.25
C GLU A 63 -7.86 15.52 -3.86
N GLY A 64 -9.03 16.02 -4.24
CA GLY A 64 -9.12 17.34 -4.82
C GLY A 64 -9.37 17.31 -6.32
N MET A 65 -9.13 16.14 -6.92
CA MET A 65 -9.33 15.98 -8.36
C MET A 65 -10.23 14.80 -8.65
N CYS A 66 -9.70 13.59 -8.46
CA CYS A 66 -10.46 12.36 -8.70
C CYS A 66 -10.78 12.21 -10.19
N PRO A 67 -10.57 10.98 -10.70
CA PRO A 67 -10.83 10.67 -12.11
C PRO A 67 -12.32 10.67 -12.44
N GLN A 68 -13.13 10.29 -11.46
CA GLN A 68 -14.58 10.24 -11.64
C GLN A 68 -15.29 11.12 -10.62
N GLU A 69 -14.55 11.56 -9.60
CA GLU A 69 -15.11 12.41 -8.56
C GLU A 69 -16.57 12.05 -8.30
N SER A 70 -16.89 10.76 -8.40
CA SER A 70 -18.25 10.29 -8.17
C SER A 70 -18.93 11.10 -7.08
N SER A 71 -19.97 11.84 -7.46
CA SER A 71 -20.70 12.67 -6.52
C SER A 71 -21.84 11.89 -5.87
N GLY A 72 -22.68 11.28 -6.71
CA GLY A 72 -23.80 10.50 -6.22
C GLY A 72 -25.10 11.28 -6.25
N PRO A 73 -25.58 11.57 -7.47
CA PRO A 73 -26.84 12.32 -7.67
C PRO A 73 -28.06 11.50 -7.27
N SER A 74 -29.16 12.20 -6.98
CA SER A 74 -30.40 11.53 -6.59
C SER A 74 -31.14 10.98 -7.81
N SER A 75 -31.44 9.69 -7.78
CA SER A 75 -32.13 9.04 -8.88
C SER A 75 -33.61 8.85 -8.55
N GLY A 76 -34.02 9.31 -7.38
CA GLY A 76 -35.39 9.18 -6.96
C GLY A 76 -35.99 10.50 -6.48
ZN ZN B . 2.78 -3.07 6.28
ZN ZN C . -10.78 9.40 -6.35
N GLY A 1 1.75 2.78 -13.03
CA GLY A 1 1.89 4.13 -13.56
C GLY A 1 2.07 4.14 -15.06
N SER A 2 3.03 4.94 -15.54
CA SER A 2 3.29 5.04 -16.97
C SER A 2 4.73 4.63 -17.28
N SER A 3 4.89 3.38 -17.73
CA SER A 3 6.21 2.86 -18.07
C SER A 3 7.13 2.88 -16.86
N GLY A 4 6.66 2.30 -15.75
CA GLY A 4 7.45 2.26 -14.54
C GLY A 4 8.23 0.97 -14.39
N SER A 5 8.20 0.40 -13.19
CA SER A 5 8.91 -0.84 -12.92
C SER A 5 8.08 -1.77 -12.03
N SER A 6 8.61 -2.96 -11.76
CA SER A 6 7.92 -3.93 -10.93
C SER A 6 8.54 -4.00 -9.54
N GLY A 7 7.87 -4.71 -8.64
CA GLY A 7 8.37 -4.84 -7.28
C GLY A 7 9.65 -5.65 -7.22
N HIS A 8 9.51 -6.97 -7.30
CA HIS A 8 10.67 -7.86 -7.25
C HIS A 8 11.57 -7.51 -6.07
N LEU A 9 10.99 -6.92 -5.03
CA LEU A 9 11.74 -6.53 -3.84
C LEU A 9 12.41 -7.75 -3.21
N ASN A 10 13.27 -7.49 -2.22
CA ASN A 10 13.97 -8.56 -1.52
C ASN A 10 13.73 -8.49 -0.02
N THR A 11 14.03 -9.58 0.68
CA THR A 11 13.84 -9.63 2.12
C THR A 11 15.16 -9.86 2.84
N CYS A 12 15.33 -9.23 3.99
CA CYS A 12 16.55 -9.36 4.77
C CYS A 12 16.35 -10.30 5.95
N SER A 13 17.44 -10.69 6.59
CA SER A 13 17.37 -11.59 7.73
C SER A 13 18.07 -10.98 8.95
N PHE A 14 17.81 -9.70 9.18
CA PHE A 14 18.41 -8.99 10.31
C PHE A 14 17.37 -8.67 11.37
N ASN A 15 17.80 -8.05 12.46
CA ASN A 15 16.91 -7.68 13.54
C ASN A 15 15.91 -6.61 13.10
N VAL A 16 14.66 -7.01 12.93
CA VAL A 16 13.60 -6.09 12.50
C VAL A 16 12.31 -6.34 13.27
N ILE A 17 11.29 -5.55 12.96
CA ILE A 17 9.99 -5.69 13.62
C ILE A 17 8.86 -5.81 12.61
N PRO A 18 7.78 -6.48 13.00
CA PRO A 18 6.61 -6.68 12.14
C PRO A 18 5.84 -5.38 11.89
N CYS A 19 5.14 -5.32 10.77
CA CYS A 19 4.37 -4.14 10.41
C CYS A 19 3.13 -4.02 11.30
N PRO A 20 2.87 -2.78 11.78
CA PRO A 20 1.73 -2.50 12.65
C PRO A 20 0.40 -2.60 11.91
N ASN A 21 0.45 -2.47 10.58
CA ASN A 21 -0.75 -2.55 9.76
C ASN A 21 -1.34 -3.95 9.78
N ARG A 22 -0.57 -4.90 10.31
CA ARG A 22 -1.02 -6.29 10.39
C ARG A 22 -0.74 -7.02 9.09
N CYS A 23 0.23 -6.52 8.33
CA CYS A 23 0.60 -7.13 7.05
C CYS A 23 1.85 -7.99 7.21
N PRO A 24 1.87 -9.13 6.49
CA PRO A 24 3.00 -10.06 6.53
C PRO A 24 4.25 -9.49 5.87
N MET A 25 4.78 -8.41 6.43
CA MET A 25 5.98 -7.78 5.88
C MET A 25 6.69 -6.96 6.96
N LYS A 26 7.99 -7.23 7.12
CA LYS A 26 8.79 -6.52 8.11
C LYS A 26 9.85 -5.65 7.45
N LEU A 27 10.10 -4.48 8.01
CA LEU A 27 11.09 -3.56 7.47
C LEU A 27 12.15 -3.22 8.52
N SER A 28 11.74 -2.47 9.53
CA SER A 28 12.66 -2.07 10.59
C SER A 28 12.10 -0.90 11.39
N ARG A 29 12.79 -0.52 12.46
CA ARG A 29 12.36 0.58 13.31
C ARG A 29 12.71 1.92 12.67
N ARG A 30 13.12 1.89 11.41
CA ARG A 30 13.50 3.10 10.69
C ARG A 30 12.61 3.29 9.46
N ASP A 31 12.43 2.21 8.70
CA ASP A 31 11.60 2.26 7.49
C ASP A 31 10.15 1.92 7.82
N LEU A 32 9.84 1.83 9.10
CA LEU A 32 8.49 1.52 9.55
C LEU A 32 7.49 2.59 9.10
N PRO A 33 7.83 3.86 9.38
CA PRO A 33 6.99 4.99 9.02
C PRO A 33 6.95 5.24 7.51
N ALA A 34 7.96 4.71 6.81
CA ALA A 34 8.05 4.87 5.37
C ALA A 34 7.46 3.67 4.65
N HIS A 35 6.86 2.75 5.42
CA HIS A 35 6.27 1.55 4.85
C HIS A 35 4.74 1.65 4.85
N LEU A 36 4.19 2.18 5.93
CA LEU A 36 2.74 2.34 6.06
C LEU A 36 2.25 3.51 5.23
N GLN A 37 3.17 4.23 4.61
CA GLN A 37 2.82 5.39 3.79
C GLN A 37 2.47 4.95 2.37
N HIS A 38 3.44 4.36 1.68
CA HIS A 38 3.23 3.90 0.31
C HIS A 38 4.06 2.64 0.03
N ASP A 39 4.34 1.87 1.07
CA ASP A 39 5.12 0.66 0.94
C ASP A 39 4.44 -0.51 1.65
N CYS A 40 3.22 -0.28 2.13
CA CYS A 40 2.47 -1.30 2.83
C CYS A 40 1.36 -1.87 1.95
N PRO A 41 1.28 -3.20 1.88
CA PRO A 41 0.27 -3.89 1.07
C PRO A 41 -1.13 -3.75 1.66
N LYS A 42 -1.25 -4.01 2.96
CA LYS A 42 -2.54 -3.91 3.64
C LYS A 42 -2.82 -2.47 4.05
N ARG A 43 -2.18 -1.52 3.36
CA ARG A 43 -2.38 -0.11 3.65
C ARG A 43 -3.85 0.25 3.67
N ARG A 44 -4.66 -0.56 3.01
CA ARG A 44 -6.10 -0.33 2.94
C ARG A 44 -6.40 0.96 2.17
N LEU A 45 -6.09 0.95 0.88
CA LEU A 45 -6.33 2.12 0.03
C LEU A 45 -6.71 1.70 -1.38
N LYS A 46 -8.01 1.80 -1.69
CA LYS A 46 -8.50 1.43 -3.01
C LYS A 46 -8.74 2.67 -3.87
N CYS A 47 -8.79 2.48 -5.19
CA CYS A 47 -9.01 3.58 -6.12
C CYS A 47 -10.51 3.79 -6.36
N GLU A 48 -11.02 4.91 -5.86
CA GLU A 48 -12.44 5.23 -6.02
C GLU A 48 -12.81 5.32 -7.50
N PHE A 49 -11.80 5.32 -8.37
CA PHE A 49 -12.02 5.41 -9.80
C PHE A 49 -12.24 4.02 -10.41
N CYS A 50 -11.19 3.19 -10.37
CA CYS A 50 -11.27 1.85 -10.91
C CYS A 50 -11.67 0.85 -9.82
N GLY A 51 -11.08 1.01 -8.64
CA GLY A 51 -11.39 0.11 -7.54
C GLY A 51 -10.40 -1.03 -7.43
N CYS A 52 -9.12 -0.69 -7.29
CA CYS A 52 -8.07 -1.70 -7.18
C CYS A 52 -6.95 -1.22 -6.25
N ASP A 53 -6.68 -2.00 -5.21
CA ASP A 53 -5.64 -1.65 -4.25
C ASP A 53 -4.48 -0.94 -4.94
N PHE A 54 -3.92 0.07 -4.27
CA PHE A 54 -2.81 0.83 -4.82
C PHE A 54 -1.90 1.34 -3.71
N SER A 55 -0.85 2.05 -4.09
CA SER A 55 0.10 2.60 -3.13
C SER A 55 -0.20 4.07 -2.84
N GLY A 56 0.70 4.71 -2.09
CA GLY A 56 0.51 6.11 -1.75
C GLY A 56 0.87 7.04 -2.90
N GLU A 57 2.16 7.27 -3.08
CA GLU A 57 2.64 8.15 -4.15
C GLU A 57 2.02 7.76 -5.49
N ALA A 58 1.55 6.52 -5.58
CA ALA A 58 0.93 6.02 -6.80
C ALA A 58 -0.56 6.35 -6.84
N TYR A 59 -1.28 5.90 -5.82
CA TYR A 59 -2.72 6.14 -5.74
C TYR A 59 -3.07 7.53 -6.26
N GLU A 60 -2.13 8.46 -6.11
CA GLU A 60 -2.33 9.83 -6.57
C GLU A 60 -1.98 9.98 -8.03
N SER A 61 -0.73 9.68 -8.38
CA SER A 61 -0.27 9.79 -9.75
C SER A 61 -0.91 8.71 -10.63
N HIS A 62 -1.73 7.86 -10.01
CA HIS A 62 -2.41 6.79 -10.72
C HIS A 62 -3.80 7.23 -11.16
N GLU A 63 -4.19 8.44 -10.75
CA GLU A 63 -5.51 8.97 -11.10
C GLU A 63 -5.56 9.34 -12.58
N GLY A 64 -4.43 9.74 -13.13
CA GLY A 64 -4.37 10.12 -14.53
C GLY A 64 -4.17 8.93 -15.44
N MET A 65 -3.44 7.94 -14.96
CA MET A 65 -3.18 6.73 -15.75
C MET A 65 -4.20 5.65 -15.44
N CYS A 66 -5.00 5.88 -14.39
CA CYS A 66 -6.02 4.91 -14.00
C CYS A 66 -6.67 4.27 -15.22
N PRO A 67 -6.83 2.94 -15.16
CA PRO A 67 -7.44 2.17 -16.26
C PRO A 67 -8.93 2.45 -16.41
N GLN A 68 -9.58 2.76 -15.29
CA GLN A 68 -11.02 3.05 -15.31
C GLN A 68 -11.31 4.34 -14.55
N GLU A 69 -10.98 5.47 -15.15
CA GLU A 69 -11.21 6.77 -14.53
C GLU A 69 -12.64 7.24 -14.77
N SER A 70 -13.27 6.72 -15.82
CA SER A 70 -14.64 7.08 -16.17
C SER A 70 -15.36 5.91 -16.81
N SER A 71 -16.67 5.82 -16.57
CA SER A 71 -17.48 4.75 -17.13
C SER A 71 -18.36 5.27 -18.27
N GLY A 72 -18.55 4.44 -19.29
CA GLY A 72 -19.36 4.83 -20.43
C GLY A 72 -19.78 3.65 -21.28
N PRO A 73 -20.98 3.73 -21.85
CA PRO A 73 -21.51 2.66 -22.71
C PRO A 73 -20.78 2.55 -24.04
N SER A 74 -20.13 3.64 -24.44
CA SER A 74 -19.39 3.67 -25.69
C SER A 74 -18.00 3.04 -25.52
N SER A 75 -17.28 3.50 -24.52
CA SER A 75 -15.93 3.00 -24.25
C SER A 75 -16.00 1.68 -23.46
N GLY A 76 -17.20 1.34 -22.99
CA GLY A 76 -17.37 0.11 -22.24
C GLY A 76 -16.83 -1.10 -22.97
ZN ZN B . 2.85 -3.17 6.06
ZN ZN C . -7.60 3.60 -10.56
N GLY A 1 3.82 -7.84 -20.09
CA GLY A 1 3.22 -9.16 -19.94
C GLY A 1 4.25 -10.27 -19.94
N SER A 2 3.89 -11.39 -20.55
CA SER A 2 4.79 -12.54 -20.62
C SER A 2 5.45 -12.80 -19.27
N SER A 3 4.72 -12.52 -18.20
CA SER A 3 5.24 -12.71 -16.85
C SER A 3 4.24 -13.50 -16.00
N GLY A 4 4.77 -14.32 -15.09
CA GLY A 4 3.92 -15.11 -14.23
C GLY A 4 4.70 -15.82 -13.13
N SER A 5 5.42 -15.03 -12.34
CA SER A 5 6.23 -15.59 -11.24
C SER A 5 5.45 -16.68 -10.50
N SER A 6 4.19 -16.38 -10.19
CA SER A 6 3.34 -17.33 -9.47
C SER A 6 4.15 -18.11 -8.43
N GLY A 7 4.92 -17.38 -7.63
CA GLY A 7 5.74 -18.03 -6.61
C GLY A 7 5.99 -17.11 -5.42
N HIS A 8 6.18 -17.71 -4.25
CA HIS A 8 6.45 -16.95 -3.04
C HIS A 8 7.94 -16.75 -2.82
N LEU A 9 8.33 -15.55 -2.45
CA LEU A 9 9.74 -15.23 -2.22
C LEU A 9 9.89 -14.18 -1.12
N ASN A 10 10.54 -14.57 -0.02
CA ASN A 10 10.74 -13.67 1.11
C ASN A 10 11.93 -14.12 1.95
N THR A 11 12.94 -13.27 2.05
CA THR A 11 14.14 -13.58 2.83
C THR A 11 14.00 -13.06 4.26
N CYS A 12 14.18 -13.96 5.23
CA CYS A 12 14.09 -13.60 6.63
C CYS A 12 15.17 -12.60 7.02
N SER A 13 14.76 -11.49 7.62
CA SER A 13 15.70 -10.47 8.04
C SER A 13 15.83 -10.42 9.56
N PHE A 14 16.91 -9.82 10.03
CA PHE A 14 17.16 -9.71 11.46
C PHE A 14 17.20 -8.25 11.91
N ASN A 15 17.02 -8.04 13.20
CA ASN A 15 17.03 -6.69 13.75
C ASN A 15 15.91 -5.85 13.16
N VAL A 16 14.75 -6.48 12.96
CA VAL A 16 13.60 -5.79 12.40
C VAL A 16 12.35 -6.05 13.24
N ILE A 17 11.22 -5.47 12.81
CA ILE A 17 9.96 -5.64 13.52
C ILE A 17 8.80 -5.80 12.54
N PRO A 18 7.73 -6.45 13.01
CA PRO A 18 6.53 -6.69 12.19
C PRO A 18 5.76 -5.40 11.93
N CYS A 19 5.11 -5.34 10.76
CA CYS A 19 4.33 -4.17 10.38
C CYS A 19 3.06 -4.06 11.22
N PRO A 20 2.78 -2.85 11.71
CA PRO A 20 1.59 -2.59 12.53
C PRO A 20 0.30 -2.67 11.72
N ASN A 21 0.40 -2.40 10.43
CA ASN A 21 -0.77 -2.45 9.55
C ASN A 21 -1.36 -3.85 9.52
N ARG A 22 -0.66 -4.80 10.12
CA ARG A 22 -1.12 -6.19 10.15
C ARG A 22 -0.85 -6.88 8.82
N CYS A 23 0.33 -6.66 8.27
CA CYS A 23 0.71 -7.27 6.99
C CYS A 23 1.97 -8.11 7.15
N PRO A 24 2.03 -9.22 6.40
CA PRO A 24 3.18 -10.13 6.42
C PRO A 24 4.43 -9.52 5.80
N MET A 25 4.94 -8.45 6.40
CA MET A 25 6.12 -7.78 5.90
C MET A 25 6.81 -6.98 7.01
N LYS A 26 8.06 -7.34 7.29
CA LYS A 26 8.84 -6.67 8.32
C LYS A 26 9.97 -5.85 7.71
N LEU A 27 10.05 -4.58 8.08
CA LEU A 27 11.10 -3.70 7.58
C LEU A 27 12.12 -3.38 8.66
N SER A 28 11.69 -2.61 9.66
CA SER A 28 12.56 -2.24 10.77
C SER A 28 11.99 -1.04 11.53
N ARG A 29 12.74 -0.56 12.52
CA ARG A 29 12.31 0.57 13.33
C ARG A 29 12.73 1.88 12.68
N ARG A 30 13.08 1.83 11.40
CA ARG A 30 13.51 3.02 10.68
C ARG A 30 12.64 3.23 9.44
N ASP A 31 12.45 2.17 8.66
CA ASP A 31 11.65 2.24 7.45
C ASP A 31 10.18 1.97 7.76
N LEU A 32 9.86 1.81 9.03
CA LEU A 32 8.50 1.55 9.46
C LEU A 32 7.56 2.68 9.02
N PRO A 33 7.96 3.91 9.33
CA PRO A 33 7.17 5.10 8.98
C PRO A 33 7.16 5.37 7.48
N ALA A 34 8.01 4.65 6.75
CA ALA A 34 8.09 4.81 5.30
C ALA A 34 7.51 3.60 4.58
N HIS A 35 6.91 2.69 5.35
CA HIS A 35 6.31 1.49 4.78
C HIS A 35 4.79 1.57 4.81
N LEU A 36 4.25 2.14 5.88
CA LEU A 36 2.81 2.29 6.04
C LEU A 36 2.30 3.50 5.26
N GLN A 37 3.22 4.25 4.66
CA GLN A 37 2.87 5.43 3.90
C GLN A 37 2.44 5.06 2.48
N HIS A 38 3.32 4.35 1.77
CA HIS A 38 3.03 3.93 0.41
C HIS A 38 3.84 2.67 0.05
N ASP A 39 4.21 1.91 1.07
CA ASP A 39 4.99 0.69 0.86
C ASP A 39 4.36 -0.49 1.61
N CYS A 40 3.15 -0.28 2.12
CA CYS A 40 2.45 -1.32 2.86
C CYS A 40 1.26 -1.84 2.06
N PRO A 41 1.17 -3.17 1.93
CA PRO A 41 0.08 -3.83 1.19
C PRO A 41 -1.26 -3.71 1.92
N LYS A 42 -1.23 -3.89 3.23
CA LYS A 42 -2.44 -3.81 4.03
C LYS A 42 -2.74 -2.36 4.43
N ARG A 43 -2.12 -1.42 3.71
CA ARG A 43 -2.32 -0.01 3.98
C ARG A 43 -3.81 0.32 4.10
N ARG A 44 -4.64 -0.56 3.56
CA ARG A 44 -6.09 -0.36 3.60
C ARG A 44 -6.52 0.66 2.56
N LEU A 45 -6.13 0.44 1.31
CA LEU A 45 -6.48 1.35 0.22
C LEU A 45 -6.69 0.57 -1.07
N LYS A 46 -7.96 0.41 -1.45
CA LYS A 46 -8.31 -0.31 -2.67
C LYS A 46 -9.01 0.62 -3.66
N CYS A 47 -8.82 0.34 -4.95
CA CYS A 47 -9.43 1.16 -6.00
C CYS A 47 -10.94 0.99 -6.00
N GLU A 48 -11.66 2.10 -6.14
CA GLU A 48 -13.12 2.07 -6.17
C GLU A 48 -13.64 1.67 -7.55
N PHE A 49 -12.74 1.16 -8.39
CA PHE A 49 -13.10 0.74 -9.74
C PHE A 49 -12.75 -0.73 -9.96
N CYS A 50 -11.45 -0.99 -10.14
CA CYS A 50 -10.98 -2.34 -10.37
C CYS A 50 -10.97 -3.15 -9.08
N GLY A 51 -11.13 -2.45 -7.95
CA GLY A 51 -11.13 -3.11 -6.66
C GLY A 51 -9.90 -3.96 -6.44
N CYS A 52 -8.74 -3.31 -6.46
CA CYS A 52 -7.48 -4.01 -6.25
C CYS A 52 -6.52 -3.17 -5.40
N ASP A 53 -6.21 -3.65 -4.21
CA ASP A 53 -5.32 -2.95 -3.31
C ASP A 53 -4.21 -2.24 -4.08
N PHE A 54 -3.76 -1.10 -3.57
CA PHE A 54 -2.71 -0.33 -4.20
C PHE A 54 -1.86 0.40 -3.17
N SER A 55 -0.76 0.99 -3.63
CA SER A 55 0.14 1.71 -2.74
C SER A 55 -0.18 3.21 -2.75
N GLY A 56 0.68 3.99 -2.11
CA GLY A 56 0.48 5.43 -2.06
C GLY A 56 0.76 6.11 -3.38
N GLU A 57 1.99 5.94 -3.88
CA GLU A 57 2.39 6.54 -5.14
C GLU A 57 1.59 5.95 -6.31
N ALA A 58 0.95 4.81 -6.05
CA ALA A 58 0.16 4.14 -7.08
C ALA A 58 -1.27 4.67 -7.10
N TYR A 59 -2.00 4.43 -6.03
CA TYR A 59 -3.38 4.89 -5.92
C TYR A 59 -3.56 6.26 -6.57
N GLU A 60 -2.50 7.06 -6.51
CA GLU A 60 -2.53 8.40 -7.09
C GLU A 60 -2.38 8.35 -8.60
N SER A 61 -1.25 7.83 -9.07
CA SER A 61 -0.99 7.73 -10.50
C SER A 61 -2.03 6.84 -11.18
N HIS A 62 -2.77 6.08 -10.37
CA HIS A 62 -3.81 5.19 -10.89
C HIS A 62 -5.13 5.93 -11.06
N GLU A 63 -5.16 7.18 -10.62
CA GLU A 63 -6.36 8.00 -10.72
C GLU A 63 -6.85 8.09 -12.17
N GLY A 64 -8.08 7.67 -12.41
CA GLY A 64 -8.63 7.71 -13.75
C GLY A 64 -8.18 6.54 -14.60
N MET A 65 -6.91 6.20 -14.49
CA MET A 65 -6.35 5.08 -15.26
C MET A 65 -6.69 3.75 -14.61
N CYS A 66 -7.84 3.19 -14.96
CA CYS A 66 -8.28 1.91 -14.39
C CYS A 66 -8.56 0.90 -15.50
N PRO A 67 -8.05 -0.32 -15.33
CA PRO A 67 -8.24 -1.40 -16.30
C PRO A 67 -9.68 -1.90 -16.35
N GLN A 68 -10.38 -1.78 -15.21
CA GLN A 68 -11.77 -2.21 -15.12
C GLN A 68 -12.66 -1.09 -14.61
N GLU A 69 -13.05 -0.19 -15.52
CA GLU A 69 -13.90 0.93 -15.15
C GLU A 69 -15.38 0.56 -15.29
N SER A 70 -15.89 -0.18 -14.31
CA SER A 70 -17.27 -0.61 -14.32
C SER A 70 -17.68 -1.11 -15.70
N SER A 71 -16.75 -1.75 -16.39
CA SER A 71 -17.00 -2.28 -17.73
C SER A 71 -16.99 -3.80 -17.73
N GLY A 72 -17.14 -4.38 -16.54
CA GLY A 72 -17.14 -5.84 -16.42
C GLY A 72 -18.44 -6.36 -15.86
N PRO A 73 -18.67 -7.67 -16.02
CA PRO A 73 -19.89 -8.33 -15.53
C PRO A 73 -19.92 -8.42 -14.02
N SER A 74 -21.13 -8.60 -13.46
CA SER A 74 -21.29 -8.69 -12.02
C SER A 74 -20.17 -9.53 -11.39
N SER A 75 -19.95 -9.33 -10.10
CA SER A 75 -18.91 -10.07 -9.38
C SER A 75 -19.04 -11.57 -9.62
N GLY A 76 -17.92 -12.27 -9.56
CA GLY A 76 -17.93 -13.71 -9.77
C GLY A 76 -17.31 -14.47 -8.61
ZN ZN B . 2.94 -3.28 6.00
ZN ZN C . -8.40 0.77 -10.56
N GLY A 1 -9.64 -2.32 -14.27
CA GLY A 1 -9.09 -2.90 -15.48
C GLY A 1 -7.71 -3.51 -15.26
N SER A 2 -6.80 -3.26 -16.19
CA SER A 2 -5.45 -3.80 -16.09
C SER A 2 -4.46 -2.72 -15.67
N SER A 3 -3.68 -3.01 -14.64
CA SER A 3 -2.69 -2.07 -14.14
C SER A 3 -1.34 -2.75 -13.93
N GLY A 4 -1.33 -3.82 -13.14
CA GLY A 4 -0.11 -4.54 -12.87
C GLY A 4 -0.11 -5.21 -11.51
N SER A 5 0.61 -6.32 -11.40
CA SER A 5 0.68 -7.06 -10.14
C SER A 5 1.81 -8.08 -10.18
N SER A 6 2.52 -8.21 -9.06
CA SER A 6 3.63 -9.15 -8.97
C SER A 6 3.95 -9.48 -7.51
N GLY A 7 4.92 -10.35 -7.31
CA GLY A 7 5.32 -10.73 -5.96
C GLY A 7 6.57 -10.01 -5.50
N HIS A 8 6.60 -9.60 -4.23
CA HIS A 8 7.74 -8.90 -3.67
C HIS A 8 8.35 -9.70 -2.51
N LEU A 9 9.28 -10.59 -2.84
CA LEU A 9 9.94 -11.41 -1.83
C LEU A 9 11.46 -11.43 -2.05
N ASN A 10 12.15 -10.47 -1.43
CA ASN A 10 13.59 -10.38 -1.55
C ASN A 10 14.14 -9.26 -0.67
N THR A 11 15.46 -9.21 -0.55
CA THR A 11 16.12 -8.19 0.27
C THR A 11 15.73 -8.32 1.74
N CYS A 12 15.69 -9.56 2.22
CA CYS A 12 15.34 -9.82 3.60
C CYS A 12 16.54 -9.63 4.52
N SER A 13 16.33 -8.95 5.65
CA SER A 13 17.40 -8.70 6.60
C SER A 13 16.94 -9.00 8.02
N PHE A 14 17.84 -8.83 8.98
CA PHE A 14 17.53 -9.10 10.38
C PHE A 14 17.31 -7.78 11.14
N ASN A 15 17.10 -7.89 12.45
CA ASN A 15 16.87 -6.72 13.29
C ASN A 15 15.71 -5.89 12.76
N VAL A 16 14.65 -6.57 12.32
CA VAL A 16 13.48 -5.89 11.79
C VAL A 16 12.24 -6.19 12.63
N ILE A 17 11.30 -5.26 12.65
CA ILE A 17 10.07 -5.42 13.41
C ILE A 17 8.87 -5.62 12.50
N PRO A 18 7.83 -6.30 13.02
CA PRO A 18 6.61 -6.58 12.27
C PRO A 18 5.79 -5.32 12.02
N CYS A 19 5.05 -5.31 10.91
CA CYS A 19 4.22 -4.16 10.56
C CYS A 19 2.94 -4.13 11.40
N PRO A 20 2.62 -2.94 11.93
CA PRO A 20 1.43 -2.74 12.76
C PRO A 20 0.14 -2.85 11.97
N ASN A 21 0.23 -2.62 10.66
CA ASN A 21 -0.94 -2.68 9.78
C ASN A 21 -1.49 -4.11 9.73
N ARG A 22 -0.72 -5.06 10.28
CA ARG A 22 -1.13 -6.46 10.29
C ARG A 22 -0.78 -7.15 8.98
N CYS A 23 0.21 -6.60 8.28
CA CYS A 23 0.65 -7.16 7.01
C CYS A 23 1.89 -8.04 7.20
N PRO A 24 1.92 -9.17 6.48
CA PRO A 24 3.03 -10.11 6.55
C PRO A 24 4.31 -9.56 5.91
N MET A 25 4.83 -8.49 6.49
CA MET A 25 6.05 -7.87 5.97
C MET A 25 6.79 -7.11 7.08
N LYS A 26 8.09 -7.35 7.19
CA LYS A 26 8.90 -6.70 8.20
C LYS A 26 9.94 -5.78 7.55
N LEU A 27 10.05 -4.56 8.07
CA LEU A 27 11.00 -3.59 7.54
C LEU A 27 12.05 -3.24 8.59
N SER A 28 11.62 -2.51 9.62
CA SER A 28 12.53 -2.10 10.68
C SER A 28 11.97 -0.91 11.45
N ARG A 29 12.66 -0.52 12.52
CA ARG A 29 12.22 0.60 13.34
C ARG A 29 12.59 1.93 12.69
N ARG A 30 13.01 1.86 11.42
CA ARG A 30 13.40 3.06 10.68
C ARG A 30 12.52 3.23 9.45
N ASP A 31 12.34 2.15 8.70
CA ASP A 31 11.52 2.18 7.49
C ASP A 31 10.07 1.89 7.81
N LEU A 32 9.75 1.84 9.10
CA LEU A 32 8.38 1.57 9.54
C LEU A 32 7.44 2.69 9.11
N PRO A 33 7.83 3.94 9.38
CA PRO A 33 7.03 5.11 9.02
C PRO A 33 7.00 5.35 7.51
N ALA A 34 8.04 4.87 6.83
CA ALA A 34 8.13 5.03 5.38
C ALA A 34 7.42 3.90 4.65
N HIS A 35 7.30 2.75 5.32
CA HIS A 35 6.64 1.59 4.74
C HIS A 35 5.12 1.72 4.85
N LEU A 36 4.66 2.37 5.91
CA LEU A 36 3.24 2.56 6.13
C LEU A 36 2.72 3.78 5.37
N GLN A 37 3.57 4.34 4.50
CA GLN A 37 3.20 5.50 3.71
C GLN A 37 2.77 5.09 2.31
N HIS A 38 3.60 4.27 1.66
CA HIS A 38 3.30 3.79 0.30
C HIS A 38 4.02 2.49 0.01
N ASP A 39 4.28 1.72 1.06
CA ASP A 39 4.97 0.44 0.92
C ASP A 39 4.13 -0.70 1.52
N CYS A 40 3.28 -0.35 2.48
CA CYS A 40 2.42 -1.35 3.13
C CYS A 40 1.34 -1.83 2.18
N PRO A 41 1.24 -3.15 2.01
CA PRO A 41 0.24 -3.77 1.13
C PRO A 41 -1.18 -3.65 1.71
N LYS A 42 -1.33 -4.02 2.96
CA LYS A 42 -2.63 -3.96 3.63
C LYS A 42 -2.90 -2.56 4.16
N ARG A 43 -2.24 -1.56 3.57
CA ARG A 43 -2.41 -0.18 3.99
C ARG A 43 -3.89 0.20 4.04
N ARG A 44 -4.70 -0.51 3.28
CA ARG A 44 -6.14 -0.25 3.24
C ARG A 44 -6.42 1.12 2.65
N LEU A 45 -6.01 1.31 1.40
CA LEU A 45 -6.22 2.60 0.72
C LEU A 45 -6.68 2.37 -0.71
N LYS A 46 -7.96 2.59 -0.96
CA LYS A 46 -8.53 2.41 -2.29
C LYS A 46 -8.82 3.77 -2.94
N CYS A 47 -8.93 3.77 -4.26
CA CYS A 47 -9.22 4.99 -5.00
C CYS A 47 -10.69 5.38 -4.87
N GLU A 48 -10.95 6.68 -4.77
CA GLU A 48 -12.31 7.18 -4.64
C GLU A 48 -12.97 7.34 -6.01
N PHE A 49 -12.41 6.65 -7.00
CA PHE A 49 -12.95 6.72 -8.36
C PHE A 49 -13.05 5.32 -8.97
N CYS A 50 -11.90 4.76 -9.36
CA CYS A 50 -11.88 3.44 -9.95
C CYS A 50 -12.11 2.35 -8.90
N GLY A 51 -11.73 2.66 -7.66
CA GLY A 51 -11.90 1.70 -6.58
C GLY A 51 -10.96 0.53 -6.68
N CYS A 52 -9.66 0.82 -6.62
CA CYS A 52 -8.64 -0.22 -6.71
C CYS A 52 -7.44 0.11 -5.82
N ASP A 53 -7.15 -0.78 -4.89
CA ASP A 53 -6.03 -0.58 -3.96
C ASP A 53 -4.87 0.15 -4.66
N PHE A 54 -4.22 1.04 -3.94
CA PHE A 54 -3.10 1.80 -4.49
C PHE A 54 -2.08 2.13 -3.40
N SER A 55 -1.06 2.89 -3.77
CA SER A 55 -0.01 3.28 -2.83
C SER A 55 -0.22 4.70 -2.34
N GLY A 56 0.70 5.18 -1.49
CA GLY A 56 0.59 6.53 -0.97
C GLY A 56 0.78 7.57 -2.04
N GLU A 57 2.04 7.95 -2.29
CA GLU A 57 2.35 8.96 -3.30
C GLU A 57 1.54 8.72 -4.57
N ALA A 58 1.14 7.48 -4.78
CA ALA A 58 0.36 7.12 -5.96
C ALA A 58 -1.09 7.56 -5.82
N TYR A 59 -1.74 7.10 -4.76
CA TYR A 59 -3.14 7.44 -4.50
C TYR A 59 -3.35 8.94 -4.62
N GLU A 60 -2.28 9.70 -4.47
CA GLU A 60 -2.36 11.16 -4.57
C GLU A 60 -2.27 11.62 -6.02
N SER A 61 -1.20 11.23 -6.71
CA SER A 61 -1.01 11.60 -8.10
C SER A 61 -1.92 10.77 -9.02
N HIS A 62 -2.60 9.78 -8.44
CA HIS A 62 -3.49 8.92 -9.20
C HIS A 62 -4.91 9.47 -9.19
N GLU A 63 -5.18 10.41 -8.28
CA GLU A 63 -6.50 11.01 -8.15
C GLU A 63 -6.81 11.89 -9.36
N GLY A 64 -5.74 12.34 -10.04
CA GLY A 64 -5.92 13.19 -11.22
C GLY A 64 -5.78 12.40 -12.52
N MET A 65 -5.03 11.32 -12.47
CA MET A 65 -4.82 10.49 -13.65
C MET A 65 -5.46 9.12 -13.49
N CYS A 66 -6.56 9.08 -12.74
CA CYS A 66 -7.27 7.83 -12.50
C CYS A 66 -7.77 7.23 -13.81
N PRO A 67 -7.62 5.91 -13.95
CA PRO A 67 -8.05 5.17 -15.15
C PRO A 67 -9.58 5.12 -15.28
N GLN A 68 -10.26 4.99 -14.14
CA GLN A 68 -11.71 4.92 -14.13
C GLN A 68 -12.30 6.04 -13.27
N GLU A 69 -12.42 7.23 -13.85
CA GLU A 69 -12.97 8.38 -13.13
C GLU A 69 -14.49 8.42 -13.26
N SER A 70 -15.16 7.49 -12.59
CA SER A 70 -16.61 7.42 -12.63
C SER A 70 -17.23 8.81 -12.71
N SER A 71 -17.58 9.22 -13.93
CA SER A 71 -18.17 10.54 -14.14
C SER A 71 -18.59 10.72 -15.59
N GLY A 72 -19.32 11.80 -15.87
CA GLY A 72 -19.78 12.07 -17.22
C GLY A 72 -20.54 10.89 -17.81
N PRO A 73 -21.75 10.64 -17.30
CA PRO A 73 -22.59 9.55 -17.76
C PRO A 73 -23.14 9.80 -19.16
N SER A 74 -23.00 11.04 -19.63
CA SER A 74 -23.49 11.41 -20.96
C SER A 74 -22.69 10.69 -22.05
N SER A 75 -21.43 10.42 -21.76
CA SER A 75 -20.55 9.74 -22.72
C SER A 75 -20.25 8.32 -22.26
N GLY A 76 -19.92 7.45 -23.22
CA GLY A 76 -19.62 6.07 -22.90
C GLY A 76 -18.15 5.74 -23.12
ZN ZN B . 3.00 -3.18 6.14
ZN ZN C . -8.49 5.50 -9.60
N GLY A 1 -0.39 2.64 -16.85
CA GLY A 1 -0.31 1.77 -15.70
C GLY A 1 0.14 0.36 -16.06
N SER A 2 0.77 -0.33 -15.12
CA SER A 2 1.24 -1.69 -15.35
C SER A 2 1.53 -2.40 -14.04
N SER A 3 1.56 -3.72 -14.08
CA SER A 3 1.83 -4.52 -12.88
C SER A 3 3.21 -5.14 -12.94
N GLY A 4 3.72 -5.55 -11.79
CA GLY A 4 5.04 -6.16 -11.73
C GLY A 4 5.28 -6.92 -10.44
N SER A 5 6.54 -7.07 -10.07
CA SER A 5 6.90 -7.79 -8.85
C SER A 5 8.04 -7.10 -8.12
N SER A 6 7.76 -6.62 -6.91
CA SER A 6 8.77 -5.93 -6.11
C SER A 6 9.89 -6.87 -5.73
N GLY A 7 9.59 -7.82 -4.84
CA GLY A 7 10.59 -8.78 -4.40
C GLY A 7 10.97 -8.58 -2.94
N HIS A 8 10.98 -9.67 -2.19
CA HIS A 8 11.33 -9.62 -0.77
C HIS A 8 12.59 -10.43 -0.50
N LEU A 9 13.73 -9.93 -0.98
CA LEU A 9 15.00 -10.61 -0.79
C LEU A 9 15.52 -10.41 0.64
N ASN A 10 16.11 -11.46 1.20
CA ASN A 10 16.64 -11.40 2.55
C ASN A 10 17.70 -12.48 2.77
N THR A 11 18.93 -12.05 2.97
CA THR A 11 20.04 -12.99 3.19
C THR A 11 19.95 -13.63 4.58
N CYS A 12 20.09 -12.80 5.61
CA CYS A 12 20.03 -13.28 6.99
C CYS A 12 19.11 -12.40 7.83
N SER A 13 18.68 -12.93 8.96
CA SER A 13 17.79 -12.19 9.86
C SER A 13 18.54 -11.06 10.55
N PHE A 14 17.95 -9.86 10.52
CA PHE A 14 18.56 -8.69 11.14
C PHE A 14 17.55 -7.93 11.99
N ASN A 15 17.94 -6.76 12.48
CA ASN A 15 17.07 -5.94 13.30
C ASN A 15 15.85 -5.47 12.50
N VAL A 16 14.78 -6.25 12.57
CA VAL A 16 13.55 -5.92 11.86
C VAL A 16 12.33 -6.08 12.75
N ILE A 17 11.33 -5.22 12.53
CA ILE A 17 10.11 -5.27 13.34
C ILE A 17 8.89 -5.50 12.44
N PRO A 18 7.87 -6.18 13.00
CA PRO A 18 6.63 -6.47 12.28
C PRO A 18 5.80 -5.22 12.03
N CYS A 19 5.02 -5.24 10.95
CA CYS A 19 4.17 -4.10 10.60
C CYS A 19 2.89 -4.10 11.44
N PRO A 20 2.55 -2.92 11.97
CA PRO A 20 1.34 -2.76 12.80
C PRO A 20 0.05 -2.88 11.99
N ASN A 21 0.16 -2.68 10.68
CA ASN A 21 -1.00 -2.77 9.80
C ASN A 21 -1.52 -4.21 9.74
N ARG A 22 -0.73 -5.14 10.27
CA ARG A 22 -1.11 -6.55 10.27
C ARG A 22 -0.72 -7.21 8.95
N CYS A 23 0.23 -6.62 8.25
CA CYS A 23 0.70 -7.16 6.98
C CYS A 23 1.93 -8.03 7.16
N PRO A 24 1.97 -9.16 6.44
CA PRO A 24 3.09 -10.10 6.51
C PRO A 24 4.37 -9.53 5.90
N MET A 25 4.89 -8.48 6.52
CA MET A 25 6.11 -7.84 6.03
C MET A 25 6.85 -7.15 7.17
N LYS A 26 8.16 -7.38 7.25
CA LYS A 26 8.98 -6.79 8.30
C LYS A 26 10.04 -5.87 7.70
N LEU A 27 9.94 -4.58 8.00
CA LEU A 27 10.89 -3.59 7.49
C LEU A 27 11.98 -3.30 8.52
N SER A 28 11.59 -2.63 9.60
CA SER A 28 12.53 -2.28 10.65
C SER A 28 11.99 -1.14 11.51
N ARG A 29 12.81 -0.67 12.45
CA ARG A 29 12.41 0.41 13.34
C ARG A 29 12.77 1.77 12.73
N ARG A 30 12.96 1.78 11.41
CA ARG A 30 13.30 3.01 10.70
C ARG A 30 12.46 3.16 9.44
N ASP A 31 12.26 2.06 8.73
CA ASP A 31 11.47 2.07 7.50
C ASP A 31 9.99 1.84 7.81
N LEU A 32 9.65 1.81 9.09
CA LEU A 32 8.27 1.59 9.51
C LEU A 32 7.37 2.73 9.06
N PRO A 33 7.80 3.97 9.34
CA PRO A 33 7.05 5.17 8.97
C PRO A 33 7.05 5.41 7.46
N ALA A 34 8.08 4.91 6.79
CA ALA A 34 8.20 5.06 5.34
C ALA A 34 7.49 3.93 4.61
N HIS A 35 7.29 2.81 5.30
CA HIS A 35 6.63 1.65 4.72
C HIS A 35 5.12 1.78 4.82
N LEU A 36 4.65 2.39 5.90
CA LEU A 36 3.22 2.58 6.12
C LEU A 36 2.71 3.78 5.34
N GLN A 37 3.58 4.37 4.52
CA GLN A 37 3.21 5.52 3.71
C GLN A 37 2.77 5.09 2.32
N HIS A 38 3.61 4.30 1.66
CA HIS A 38 3.31 3.81 0.31
C HIS A 38 4.02 2.50 0.04
N ASP A 39 4.24 1.71 1.08
CA ASP A 39 4.91 0.43 0.95
C ASP A 39 4.06 -0.70 1.54
N CYS A 40 3.21 -0.35 2.50
CA CYS A 40 2.35 -1.33 3.15
C CYS A 40 1.28 -1.82 2.19
N PRO A 41 1.22 -3.16 2.00
CA PRO A 41 0.25 -3.79 1.11
C PRO A 41 -1.18 -3.71 1.65
N LYS A 42 -1.31 -3.86 2.95
CA LYS A 42 -2.62 -3.80 3.60
C LYS A 42 -2.92 -2.39 4.11
N ARG A 43 -2.25 -1.41 3.51
CA ARG A 43 -2.44 -0.01 3.89
C ARG A 43 -3.93 0.34 3.94
N ARG A 44 -4.73 -0.45 3.25
CA ARG A 44 -6.18 -0.22 3.21
C ARG A 44 -6.52 0.93 2.28
N LEU A 45 -6.02 0.85 1.04
CA LEU A 45 -6.27 1.88 0.05
C LEU A 45 -6.44 1.28 -1.34
N LYS A 46 -7.69 1.21 -1.80
CA LYS A 46 -8.00 0.65 -3.11
C LYS A 46 -8.54 1.73 -4.05
N CYS A 47 -8.45 1.47 -5.35
CA CYS A 47 -8.94 2.42 -6.34
C CYS A 47 -10.47 2.45 -6.37
N GLU A 48 -11.04 3.64 -6.51
CA GLU A 48 -12.48 3.80 -6.55
C GLU A 48 -13.03 3.58 -7.96
N PHE A 49 -12.22 2.90 -8.79
CA PHE A 49 -12.62 2.62 -10.16
C PHE A 49 -12.47 1.14 -10.47
N CYS A 50 -11.22 0.70 -10.64
CA CYS A 50 -10.94 -0.69 -10.95
C CYS A 50 -11.13 -1.58 -9.71
N GLY A 51 -10.84 -1.01 -8.54
CA GLY A 51 -10.99 -1.75 -7.31
C GLY A 51 -9.81 -2.68 -7.04
N CYS A 52 -8.61 -2.10 -7.01
CA CYS A 52 -7.41 -2.88 -6.76
C CYS A 52 -6.44 -2.11 -5.87
N ASP A 53 -6.16 -2.67 -4.70
CA ASP A 53 -5.25 -2.04 -3.74
C ASP A 53 -4.14 -1.30 -4.46
N PHE A 54 -3.68 -0.20 -3.88
CA PHE A 54 -2.61 0.60 -4.46
C PHE A 54 -1.76 1.24 -3.38
N SER A 55 -0.63 1.82 -3.79
CA SER A 55 0.28 2.47 -2.86
C SER A 55 -0.03 3.97 -2.75
N GLY A 56 0.77 4.67 -1.94
CA GLY A 56 0.57 6.09 -1.77
C GLY A 56 0.88 6.88 -3.02
N GLU A 57 2.17 7.10 -3.28
CA GLU A 57 2.60 7.85 -4.45
C GLU A 57 1.95 7.30 -5.72
N ALA A 58 1.58 6.03 -5.67
CA ALA A 58 0.94 5.37 -6.82
C ALA A 58 -0.49 5.82 -6.98
N TYR A 59 -1.32 5.48 -6.00
CA TYR A 59 -2.74 5.84 -6.02
C TYR A 59 -2.93 7.22 -6.65
N GLU A 60 -1.94 8.09 -6.47
CA GLU A 60 -2.01 9.45 -7.01
C GLU A 60 -1.77 9.43 -8.52
N SER A 61 -0.70 8.76 -8.93
CA SER A 61 -0.35 8.67 -10.35
C SER A 61 -1.32 7.77 -11.10
N HIS A 62 -2.05 6.95 -10.34
CA HIS A 62 -3.01 6.02 -10.93
C HIS A 62 -4.26 6.78 -11.40
N GLU A 63 -4.49 7.94 -10.81
CA GLU A 63 -5.65 8.76 -11.17
C GLU A 63 -5.68 9.04 -12.66
N GLY A 64 -6.82 8.77 -13.29
CA GLY A 64 -6.96 9.00 -14.72
C GLY A 64 -6.45 7.84 -15.54
N MET A 65 -5.34 7.25 -15.13
CA MET A 65 -4.76 6.12 -15.83
C MET A 65 -5.30 4.81 -15.30
N CYS A 66 -6.60 4.79 -15.02
CA CYS A 66 -7.25 3.58 -14.50
C CYS A 66 -7.66 2.66 -15.63
N PRO A 67 -7.38 1.35 -15.47
CA PRO A 67 -7.71 0.34 -16.48
C PRO A 67 -9.21 0.10 -16.58
N GLN A 68 -9.91 0.28 -15.47
CA GLN A 68 -11.36 0.08 -15.44
C GLN A 68 -12.07 1.33 -14.92
N GLU A 69 -12.07 2.37 -15.73
CA GLU A 69 -12.71 3.63 -15.36
C GLU A 69 -14.23 3.50 -15.42
N SER A 70 -14.83 2.99 -14.34
CA SER A 70 -16.27 2.82 -14.28
C SER A 70 -16.99 4.17 -14.25
N SER A 71 -16.99 4.85 -15.39
CA SER A 71 -17.63 6.15 -15.50
C SER A 71 -18.14 6.40 -16.92
N GLY A 72 -19.42 6.72 -17.04
CA GLY A 72 -20.00 6.97 -18.35
C GLY A 72 -20.34 5.70 -19.09
N PRO A 73 -21.34 5.78 -19.98
CA PRO A 73 -21.78 4.62 -20.77
C PRO A 73 -20.74 4.19 -21.81
N SER A 74 -19.76 5.05 -22.05
CA SER A 74 -18.71 4.76 -23.01
C SER A 74 -17.35 4.71 -22.33
N SER A 75 -16.52 3.75 -22.74
CA SER A 75 -15.19 3.60 -22.17
C SER A 75 -14.30 2.75 -23.08
N GLY A 76 -13.03 2.65 -22.73
CA GLY A 76 -12.09 1.86 -23.52
C GLY A 76 -11.81 0.50 -22.91
ZN ZN B . 3.00 -3.11 6.16
ZN ZN C . -8.01 2.18 -10.93
N GLY A 1 -18.99 -14.36 -2.68
CA GLY A 1 -18.25 -14.69 -3.88
C GLY A 1 -17.04 -15.56 -3.59
N SER A 2 -15.86 -14.97 -3.65
CA SER A 2 -14.62 -15.70 -3.40
C SER A 2 -13.61 -14.83 -2.67
N SER A 3 -12.84 -15.45 -1.78
CA SER A 3 -11.84 -14.72 -1.00
C SER A 3 -10.43 -15.20 -1.36
N GLY A 4 -9.43 -14.54 -0.78
CA GLY A 4 -8.05 -14.91 -1.04
C GLY A 4 -7.09 -14.36 0.00
N SER A 5 -6.07 -13.66 -0.47
CA SER A 5 -5.07 -13.08 0.43
C SER A 5 -4.43 -14.16 1.29
N SER A 6 -4.22 -15.33 0.71
CA SER A 6 -3.62 -16.45 1.43
C SER A 6 -2.29 -16.04 2.06
N GLY A 7 -1.35 -15.62 1.21
CA GLY A 7 -0.05 -15.21 1.70
C GLY A 7 0.76 -16.37 2.24
N HIS A 8 2.04 -16.11 2.51
CA HIS A 8 2.93 -17.14 3.04
C HIS A 8 4.21 -16.52 3.62
N LEU A 9 4.80 -17.21 4.60
CA LEU A 9 6.01 -16.72 5.23
C LEU A 9 6.85 -17.89 5.75
N ASN A 10 8.05 -17.58 6.24
CA ASN A 10 8.95 -18.60 6.76
C ASN A 10 9.78 -18.05 7.91
N THR A 11 9.75 -18.75 9.04
CA THR A 11 10.50 -18.34 10.22
C THR A 11 11.99 -18.26 9.93
N CYS A 12 12.43 -17.09 9.47
CA CYS A 12 13.85 -16.89 9.15
C CYS A 12 14.54 -16.09 10.24
N SER A 13 15.84 -15.87 10.08
CA SER A 13 16.62 -15.13 11.06
C SER A 13 16.97 -13.73 10.54
N PHE A 14 16.18 -12.74 10.93
CA PHE A 14 16.40 -11.37 10.50
C PHE A 14 15.95 -10.38 11.58
N ASN A 15 16.82 -9.44 11.91
CA ASN A 15 16.50 -8.44 12.92
C ASN A 15 15.62 -7.33 12.33
N VAL A 16 14.31 -7.47 12.52
CA VAL A 16 13.36 -6.49 12.02
C VAL A 16 12.08 -6.50 12.83
N ILE A 17 11.29 -5.43 12.71
CA ILE A 17 10.03 -5.33 13.44
C ILE A 17 8.84 -5.53 12.51
N PRO A 18 7.83 -6.25 12.99
CA PRO A 18 6.61 -6.53 12.23
C PRO A 18 5.76 -5.29 12.02
N CYS A 19 5.13 -5.20 10.85
CA CYS A 19 4.27 -4.07 10.52
C CYS A 19 3.05 -4.01 11.43
N PRO A 20 2.75 -2.82 11.95
CA PRO A 20 1.61 -2.61 12.86
C PRO A 20 0.27 -2.73 12.13
N ASN A 21 0.32 -2.68 10.81
CA ASN A 21 -0.89 -2.79 9.99
C ASN A 21 -1.39 -4.22 9.95
N ARG A 22 -0.57 -5.15 10.45
CA ARG A 22 -0.92 -6.56 10.46
C ARG A 22 -0.58 -7.23 9.14
N CYS A 23 0.33 -6.62 8.39
CA CYS A 23 0.74 -7.15 7.10
C CYS A 23 1.99 -8.01 7.23
N PRO A 24 2.03 -9.13 6.49
CA PRO A 24 3.15 -10.06 6.51
C PRO A 24 4.40 -9.47 5.85
N MET A 25 4.93 -8.41 6.46
CA MET A 25 6.13 -7.75 5.93
C MET A 25 6.89 -7.04 7.04
N LYS A 26 8.18 -7.30 7.14
CA LYS A 26 9.02 -6.68 8.15
C LYS A 26 10.03 -5.72 7.52
N LEU A 27 10.09 -4.50 8.04
CA LEU A 27 11.01 -3.49 7.52
C LEU A 27 12.09 -3.16 8.56
N SER A 28 11.68 -2.48 9.63
CA SER A 28 12.60 -2.10 10.69
C SER A 28 12.01 -0.97 11.54
N ARG A 29 12.76 -0.57 12.57
CA ARG A 29 12.31 0.48 13.47
C ARG A 29 12.61 1.86 12.87
N ARG A 30 12.85 1.89 11.56
CA ARG A 30 13.16 3.14 10.87
C ARG A 30 12.31 3.28 9.60
N ASP A 31 12.23 2.19 8.84
CA ASP A 31 11.45 2.19 7.60
C ASP A 31 10.00 1.82 7.87
N LEU A 32 9.61 1.86 9.14
CA LEU A 32 8.24 1.52 9.53
C LEU A 32 7.25 2.52 8.94
N PRO A 33 7.53 3.82 9.14
CA PRO A 33 6.67 4.89 8.64
C PRO A 33 6.71 5.02 7.12
N ALA A 34 7.91 4.87 6.56
CA ALA A 34 8.08 4.95 5.12
C ALA A 34 7.48 3.74 4.41
N HIS A 35 7.09 2.75 5.19
CA HIS A 35 6.49 1.53 4.65
C HIS A 35 4.97 1.59 4.71
N LEU A 36 4.45 2.12 5.81
CA LEU A 36 3.01 2.25 5.99
C LEU A 36 2.45 3.40 5.17
N GLN A 37 3.34 4.15 4.53
CA GLN A 37 2.93 5.27 3.70
C GLN A 37 2.51 4.81 2.32
N HIS A 38 3.50 4.39 1.52
CA HIS A 38 3.23 3.91 0.16
C HIS A 38 4.07 2.68 -0.15
N ASP A 39 4.42 1.93 0.89
CA ASP A 39 5.22 0.72 0.72
C ASP A 39 4.59 -0.44 1.48
N CYS A 40 3.39 -0.24 1.99
CA CYS A 40 2.68 -1.27 2.74
C CYS A 40 1.44 -1.74 1.98
N PRO A 41 1.26 -3.07 1.92
CA PRO A 41 0.12 -3.68 1.23
C PRO A 41 -1.20 -3.43 1.95
N LYS A 42 -1.17 -3.49 3.28
CA LYS A 42 -2.36 -3.26 4.09
C LYS A 42 -2.37 -1.85 4.66
N ARG A 43 -1.82 -0.91 3.91
CA ARG A 43 -1.76 0.48 4.34
C ARG A 43 -3.05 0.88 5.05
N ARG A 44 -4.14 0.20 4.72
CA ARG A 44 -5.44 0.49 5.32
C ARG A 44 -5.78 1.97 5.19
N LEU A 45 -5.71 2.48 3.96
CA LEU A 45 -6.01 3.89 3.70
C LEU A 45 -7.25 4.01 2.81
N LYS A 46 -8.36 4.43 3.41
CA LYS A 46 -9.61 4.60 2.68
C LYS A 46 -9.97 6.07 2.55
N CYS A 47 -10.59 6.43 1.44
CA CYS A 47 -10.99 7.82 1.20
C CYS A 47 -12.31 8.13 1.90
N GLU A 48 -12.30 9.18 2.71
CA GLU A 48 -13.49 9.59 3.45
C GLU A 48 -14.48 10.30 2.52
N PHE A 49 -14.02 10.67 1.34
CA PHE A 49 -14.86 11.36 0.36
C PHE A 49 -15.71 10.36 -0.42
N CYS A 50 -15.05 9.51 -1.20
CA CYS A 50 -15.74 8.52 -2.00
C CYS A 50 -15.95 7.23 -1.20
N GLY A 51 -14.89 6.74 -0.58
CA GLY A 51 -14.98 5.52 0.20
C GLY A 51 -14.27 4.35 -0.45
N CYS A 52 -13.10 4.61 -1.01
CA CYS A 52 -12.32 3.57 -1.67
C CYS A 52 -10.94 3.44 -1.05
N ASP A 53 -10.21 2.39 -1.43
CA ASP A 53 -8.88 2.16 -0.91
C ASP A 53 -7.82 2.75 -1.83
N PHE A 54 -6.76 3.28 -1.24
CA PHE A 54 -5.67 3.88 -2.02
C PHE A 54 -4.34 3.71 -1.30
N SER A 55 -3.28 4.28 -1.88
CA SER A 55 -1.95 4.19 -1.30
C SER A 55 -1.44 5.56 -0.86
N GLY A 56 -0.23 5.61 -0.32
CA GLY A 56 0.34 6.86 0.14
C GLY A 56 0.50 7.86 -0.98
N GLU A 57 1.35 7.55 -1.95
CA GLU A 57 1.58 8.43 -3.08
C GLU A 57 0.31 8.62 -3.91
N ALA A 58 -0.47 7.55 -4.02
CA ALA A 58 -1.71 7.60 -4.77
C ALA A 58 -2.70 8.58 -4.15
N TYR A 59 -2.98 8.39 -2.88
CA TYR A 59 -3.92 9.26 -2.17
C TYR A 59 -3.54 10.73 -2.34
N GLU A 60 -2.24 11.00 -2.32
CA GLU A 60 -1.75 12.36 -2.49
C GLU A 60 -2.48 13.09 -3.60
N SER A 61 -2.44 12.51 -4.81
CA SER A 61 -3.09 13.09 -5.96
C SER A 61 -4.61 12.99 -5.84
N HIS A 62 -5.08 11.84 -5.35
CA HIS A 62 -6.52 11.61 -5.19
C HIS A 62 -7.10 12.59 -4.17
N GLU A 63 -6.23 13.21 -3.38
CA GLU A 63 -6.67 14.18 -2.37
C GLU A 63 -7.88 14.96 -2.87
N GLY A 64 -7.62 16.04 -3.60
CA GLY A 64 -8.69 16.87 -4.12
C GLY A 64 -9.29 16.31 -5.39
N MET A 65 -8.61 15.33 -5.98
CA MET A 65 -9.08 14.71 -7.22
C MET A 65 -9.97 13.50 -6.92
N CYS A 66 -10.86 13.66 -5.96
CA CYS A 66 -11.76 12.58 -5.57
C CYS A 66 -13.03 12.61 -6.41
N PRO A 67 -13.47 11.43 -6.85
CA PRO A 67 -14.68 11.29 -7.67
C PRO A 67 -15.96 11.58 -6.89
N GLN A 68 -15.95 11.23 -5.61
CA GLN A 68 -17.10 11.45 -4.74
C GLN A 68 -16.73 12.30 -3.53
N GLU A 69 -16.68 13.61 -3.73
CA GLU A 69 -16.34 14.53 -2.65
C GLU A 69 -17.58 15.20 -2.07
N SER A 70 -18.34 15.86 -2.93
CA SER A 70 -19.57 16.54 -2.50
C SER A 70 -20.76 15.60 -2.58
N SER A 71 -20.57 14.46 -3.25
CA SER A 71 -21.65 13.49 -3.41
C SER A 71 -21.11 12.07 -3.23
N GLY A 72 -21.86 11.25 -2.50
CA GLY A 72 -21.45 9.88 -2.26
C GLY A 72 -21.51 9.03 -3.51
N PRO A 73 -21.21 7.73 -3.37
CA PRO A 73 -21.22 6.79 -4.49
C PRO A 73 -22.64 6.51 -4.99
N SER A 74 -23.63 6.91 -4.20
CA SER A 74 -25.03 6.70 -4.56
C SER A 74 -25.27 5.25 -4.98
N SER A 75 -24.45 4.34 -4.43
CA SER A 75 -24.58 2.93 -4.74
C SER A 75 -25.86 2.35 -4.16
N GLY A 76 -26.13 1.09 -4.48
CA GLY A 76 -27.33 0.44 -3.99
C GLY A 76 -27.06 -0.94 -3.43
ZN ZN B . 3.06 -3.15 6.10
ZN ZN C . -11.96 9.68 -2.98
N GLY A 1 9.19 -14.17 -26.49
CA GLY A 1 9.90 -13.66 -27.65
C GLY A 1 10.36 -12.22 -27.45
N SER A 2 11.00 -11.96 -26.32
CA SER A 2 11.50 -10.63 -26.00
C SER A 2 12.56 -10.68 -24.91
N SER A 3 13.70 -10.05 -25.16
CA SER A 3 14.79 -10.03 -24.20
C SER A 3 14.42 -9.18 -22.98
N GLY A 4 14.23 -9.84 -21.84
CA GLY A 4 13.88 -9.13 -20.63
C GLY A 4 14.37 -9.85 -19.37
N SER A 5 14.39 -9.13 -18.26
CA SER A 5 14.84 -9.70 -16.99
C SER A 5 13.66 -10.11 -16.13
N SER A 6 13.94 -10.87 -15.07
CA SER A 6 12.90 -11.33 -14.17
C SER A 6 12.83 -10.44 -12.92
N GLY A 7 13.87 -10.50 -12.10
CA GLY A 7 13.90 -9.69 -10.89
C GLY A 7 14.93 -10.18 -9.90
N HIS A 8 15.09 -9.45 -8.80
CA HIS A 8 16.05 -9.82 -7.77
C HIS A 8 15.50 -9.52 -6.37
N LEU A 9 15.53 -10.52 -5.50
CA LEU A 9 15.03 -10.36 -4.14
C LEU A 9 15.78 -11.27 -3.18
N ASN A 10 16.16 -10.73 -2.03
CA ASN A 10 16.88 -11.50 -1.02
C ASN A 10 16.18 -11.42 0.33
N THR A 11 16.64 -12.23 1.28
CA THR A 11 16.05 -12.25 2.62
C THR A 11 17.04 -11.73 3.66
N CYS A 12 16.54 -10.88 4.55
CA CYS A 12 17.38 -10.31 5.61
C CYS A 12 16.59 -10.17 6.90
N SER A 13 17.30 -10.31 8.03
CA SER A 13 16.67 -10.21 9.34
C SER A 13 17.47 -9.30 10.26
N PHE A 14 17.53 -8.01 9.91
CA PHE A 14 18.28 -7.04 10.70
C PHE A 14 17.43 -6.54 11.87
N ASN A 15 17.33 -7.35 12.91
CA ASN A 15 16.54 -6.99 14.09
C ASN A 15 15.31 -6.17 13.70
N VAL A 16 14.70 -6.53 12.58
CA VAL A 16 13.52 -5.83 12.11
C VAL A 16 12.31 -6.11 12.99
N ILE A 17 11.18 -5.50 12.65
CA ILE A 17 9.95 -5.69 13.42
C ILE A 17 8.74 -5.86 12.50
N PRO A 18 7.71 -6.55 13.00
CA PRO A 18 6.48 -6.79 12.23
C PRO A 18 5.67 -5.51 12.03
N CYS A 19 5.17 -5.32 10.82
CA CYS A 19 4.37 -4.14 10.49
C CYS A 19 3.14 -4.05 11.39
N PRO A 20 2.88 -2.85 11.92
CA PRO A 20 1.74 -2.60 12.81
C PRO A 20 0.40 -2.68 12.06
N ASN A 21 0.44 -2.39 10.77
CA ASN A 21 -0.76 -2.43 9.95
C ASN A 21 -1.32 -3.84 9.86
N ARG A 22 -0.59 -4.80 10.40
CA ARG A 22 -1.01 -6.20 10.39
C ARG A 22 -0.77 -6.82 9.02
N CYS A 23 0.43 -6.63 8.49
CA CYS A 23 0.78 -7.18 7.18
C CYS A 23 2.03 -8.05 7.26
N PRO A 24 2.04 -9.15 6.49
CA PRO A 24 3.16 -10.08 6.46
C PRO A 24 4.40 -9.48 5.80
N MET A 25 4.95 -8.45 6.42
CA MET A 25 6.14 -7.78 5.89
C MET A 25 6.88 -7.03 6.99
N LYS A 26 8.11 -7.43 7.25
CA LYS A 26 8.93 -6.78 8.28
C LYS A 26 9.99 -5.90 7.66
N LEU A 27 10.00 -4.64 8.05
CA LEU A 27 10.97 -3.68 7.52
C LEU A 27 12.00 -3.32 8.59
N SER A 28 11.57 -2.57 9.60
CA SER A 28 12.47 -2.16 10.68
C SER A 28 11.91 -0.94 11.41
N ARG A 29 12.61 -0.51 12.45
CA ARG A 29 12.18 0.65 13.23
C ARG A 29 12.53 1.95 12.51
N ARG A 30 12.88 1.84 11.24
CA ARG A 30 13.23 3.01 10.43
C ARG A 30 12.32 3.14 9.22
N ASP A 31 12.12 2.02 8.52
CA ASP A 31 11.26 2.01 7.34
C ASP A 31 9.81 1.73 7.72
N LEU A 32 9.54 1.70 9.02
CA LEU A 32 8.19 1.45 9.51
C LEU A 32 7.24 2.57 9.12
N PRO A 33 7.65 3.82 9.40
CA PRO A 33 6.86 5.01 9.08
C PRO A 33 6.77 5.27 7.58
N ALA A 34 7.80 4.85 6.86
CA ALA A 34 7.84 5.03 5.41
C ALA A 34 7.20 3.86 4.69
N HIS A 35 7.13 2.72 5.36
CA HIS A 35 6.55 1.52 4.79
C HIS A 35 5.02 1.58 4.85
N LEU A 36 4.50 2.21 5.89
CA LEU A 36 3.06 2.34 6.07
C LEU A 36 2.52 3.53 5.27
N GLN A 37 3.41 4.24 4.61
CA GLN A 37 3.02 5.41 3.82
C GLN A 37 2.65 4.99 2.40
N HIS A 38 3.58 4.35 1.71
CA HIS A 38 3.33 3.89 0.34
C HIS A 38 4.15 2.65 0.02
N ASP A 39 4.43 1.85 1.05
CA ASP A 39 5.21 0.64 0.88
C ASP A 39 4.54 -0.53 1.59
N CYS A 40 3.36 -0.29 2.14
CA CYS A 40 2.62 -1.33 2.85
C CYS A 40 1.48 -1.86 1.98
N PRO A 41 1.36 -3.20 1.95
CA PRO A 41 0.32 -3.88 1.16
C PRO A 41 -1.08 -3.66 1.73
N LYS A 42 -1.18 -3.70 3.05
CA LYS A 42 -2.46 -3.50 3.73
C LYS A 42 -2.66 -2.04 4.10
N ARG A 43 -1.99 -1.15 3.37
CA ARG A 43 -2.10 0.28 3.62
C ARG A 43 -3.52 0.65 4.03
N ARG A 44 -4.49 -0.10 3.53
CA ARG A 44 -5.90 0.15 3.83
C ARG A 44 -6.32 1.53 3.35
N LEU A 45 -5.85 1.90 2.16
CA LEU A 45 -6.19 3.20 1.58
C LEU A 45 -6.99 3.03 0.29
N LYS A 46 -8.26 3.42 0.34
CA LYS A 46 -9.13 3.31 -0.82
C LYS A 46 -9.70 4.68 -1.20
N CYS A 47 -9.71 4.97 -2.49
CA CYS A 47 -10.22 6.24 -2.99
C CYS A 47 -11.75 6.30 -2.86
N GLU A 48 -12.24 7.39 -2.27
CA GLU A 48 -13.68 7.57 -2.08
C GLU A 48 -14.31 8.23 -3.31
N PHE A 49 -13.70 8.00 -4.47
CA PHE A 49 -14.21 8.58 -5.71
C PHE A 49 -14.30 7.52 -6.80
N CYS A 50 -13.16 6.98 -7.20
CA CYS A 50 -13.11 5.96 -8.24
C CYS A 50 -13.35 4.57 -7.64
N GLY A 51 -12.80 4.35 -6.44
CA GLY A 51 -12.96 3.07 -5.79
C GLY A 51 -11.82 2.12 -6.08
N CYS A 52 -10.59 2.59 -5.86
CA CYS A 52 -9.40 1.77 -6.11
C CYS A 52 -8.35 2.01 -5.03
N ASP A 53 -7.73 0.93 -4.58
CA ASP A 53 -6.70 1.02 -3.55
C ASP A 53 -5.52 1.87 -4.02
N PHE A 54 -4.97 2.66 -3.11
CA PHE A 54 -3.84 3.54 -3.44
C PHE A 54 -2.86 3.62 -2.28
N SER A 55 -1.75 4.30 -2.49
CA SER A 55 -0.73 4.46 -1.46
C SER A 55 -0.87 5.81 -0.75
N GLY A 56 0.07 6.10 0.14
CA GLY A 56 0.03 7.35 0.88
C GLY A 56 0.40 8.55 0.01
N GLU A 57 1.60 8.50 -0.57
CA GLU A 57 2.08 9.58 -1.41
C GLU A 57 1.21 9.70 -2.67
N ALA A 58 0.53 8.62 -3.02
CA ALA A 58 -0.33 8.61 -4.19
C ALA A 58 -1.73 9.11 -3.85
N TYR A 59 -2.35 8.46 -2.87
CA TYR A 59 -3.70 8.84 -2.44
C TYR A 59 -3.82 10.36 -2.30
N GLU A 60 -2.72 11.00 -1.94
CA GLU A 60 -2.71 12.45 -1.76
C GLU A 60 -2.75 13.16 -3.11
N SER A 61 -1.84 12.78 -4.00
CA SER A 61 -1.77 13.38 -5.33
C SER A 61 -2.82 12.77 -6.26
N HIS A 62 -3.50 11.75 -5.77
CA HIS A 62 -4.52 11.07 -6.56
C HIS A 62 -5.90 11.69 -6.30
N GLU A 63 -5.98 12.56 -5.30
CA GLU A 63 -7.22 13.22 -4.96
C GLU A 63 -7.67 14.18 -6.07
N GLY A 64 -6.69 14.76 -6.75
CA GLY A 64 -6.98 15.69 -7.82
C GLY A 64 -6.78 15.08 -9.20
N MET A 65 -5.98 14.02 -9.26
CA MET A 65 -5.70 13.33 -10.52
C MET A 65 -6.50 12.04 -10.61
N CYS A 66 -7.49 11.88 -9.75
CA CYS A 66 -8.32 10.69 -9.73
C CYS A 66 -9.04 10.51 -11.07
N PRO A 67 -9.10 9.26 -11.55
CA PRO A 67 -9.76 8.92 -12.82
C PRO A 67 -11.28 9.07 -12.75
N GLN A 68 -11.84 8.75 -11.60
CA GLN A 68 -13.28 8.85 -11.40
C GLN A 68 -13.60 9.73 -10.20
N GLU A 69 -13.63 11.04 -10.42
CA GLU A 69 -13.93 11.98 -9.35
C GLU A 69 -15.44 12.13 -9.16
N SER A 70 -16.02 11.24 -8.34
CA SER A 70 -17.45 11.28 -8.07
C SER A 70 -18.25 11.28 -9.37
N SER A 71 -17.69 10.66 -10.41
CA SER A 71 -18.34 10.60 -11.71
C SER A 71 -18.49 9.16 -12.17
N GLY A 72 -19.51 8.91 -12.99
CA GLY A 72 -19.75 7.57 -13.49
C GLY A 72 -21.19 7.36 -13.92
N PRO A 73 -21.55 7.91 -15.09
CA PRO A 73 -22.90 7.78 -15.64
C PRO A 73 -23.22 6.36 -16.08
N SER A 74 -22.27 5.46 -15.91
CA SER A 74 -22.45 4.07 -16.30
C SER A 74 -22.79 3.21 -15.09
N SER A 75 -22.91 1.90 -15.31
CA SER A 75 -23.25 0.97 -14.24
C SER A 75 -22.26 -0.20 -14.21
N GLY A 76 -22.16 -0.86 -13.06
CA GLY A 76 -21.27 -1.99 -12.92
C GLY A 76 -21.99 -3.31 -12.91
ZN ZN B . 2.97 -3.13 6.15
ZN ZN C . -9.63 7.81 -7.37
N GLY A 1 -0.34 -1.90 -26.33
CA GLY A 1 0.00 -3.26 -25.92
C GLY A 1 0.11 -3.40 -24.42
N SER A 2 0.82 -4.44 -23.97
CA SER A 2 0.99 -4.68 -22.55
C SER A 2 2.48 -4.75 -22.19
N SER A 3 2.77 -4.80 -20.90
CA SER A 3 4.14 -4.87 -20.41
C SER A 3 4.33 -6.03 -19.45
N GLY A 4 3.26 -6.81 -19.25
CA GLY A 4 3.33 -7.94 -18.35
C GLY A 4 4.17 -7.66 -17.13
N SER A 5 3.54 -7.14 -16.08
CA SER A 5 4.24 -6.82 -14.85
C SER A 5 4.34 -8.06 -13.95
N SER A 6 5.27 -8.01 -12.99
CA SER A 6 5.46 -9.12 -12.07
C SER A 6 6.43 -8.74 -10.96
N GLY A 7 6.70 -9.68 -10.06
CA GLY A 7 7.60 -9.41 -8.96
C GLY A 7 7.82 -10.63 -8.08
N HIS A 8 8.62 -10.47 -7.03
CA HIS A 8 8.91 -11.57 -6.12
C HIS A 8 9.04 -11.06 -4.69
N LEU A 9 8.49 -11.82 -3.74
CA LEU A 9 8.54 -11.44 -2.33
C LEU A 9 9.60 -12.26 -1.60
N ASN A 10 10.47 -11.56 -0.86
CA ASN A 10 11.53 -12.22 -0.11
C ASN A 10 11.56 -11.71 1.33
N THR A 11 12.41 -12.33 2.16
CA THR A 11 12.54 -11.94 3.55
C THR A 11 14.01 -11.85 3.96
N CYS A 12 14.28 -11.10 5.03
CA CYS A 12 15.65 -10.93 5.52
C CYS A 12 15.78 -11.53 6.92
N SER A 13 16.96 -11.34 7.52
CA SER A 13 17.22 -11.85 8.85
C SER A 13 17.73 -10.74 9.77
N PHE A 14 18.01 -9.59 9.19
CA PHE A 14 18.50 -8.45 9.96
C PHE A 14 17.46 -7.98 10.97
N ASN A 15 17.87 -7.10 11.88
CA ASN A 15 16.97 -6.58 12.89
C ASN A 15 15.80 -5.84 12.26
N VAL A 16 14.62 -6.46 12.32
CA VAL A 16 13.41 -5.86 11.75
C VAL A 16 12.18 -6.21 12.58
N ILE A 17 11.25 -5.28 12.66
CA ILE A 17 10.03 -5.49 13.43
C ILE A 17 8.83 -5.68 12.50
N PRO A 18 7.79 -6.37 12.99
CA PRO A 18 6.58 -6.63 12.23
C PRO A 18 5.75 -5.37 12.01
N CYS A 19 5.04 -5.33 10.89
CA CYS A 19 4.20 -4.18 10.55
C CYS A 19 2.94 -4.15 11.42
N PRO A 20 2.63 -2.97 11.97
CA PRO A 20 1.44 -2.78 12.82
C PRO A 20 0.15 -2.88 12.03
N ASN A 21 0.24 -2.71 10.72
CA ASN A 21 -0.94 -2.78 9.86
C ASN A 21 -1.48 -4.20 9.79
N ARG A 22 -0.71 -5.14 10.32
CA ARG A 22 -1.11 -6.55 10.33
C ARG A 22 -0.76 -7.21 9.00
N CYS A 23 0.21 -6.65 8.29
CA CYS A 23 0.65 -7.18 7.01
C CYS A 23 1.88 -8.05 7.17
N PRO A 24 1.92 -9.18 6.44
CA PRO A 24 3.04 -10.13 6.49
C PRO A 24 4.31 -9.56 5.85
N MET A 25 4.83 -8.49 6.45
CA MET A 25 6.04 -7.86 5.93
C MET A 25 6.77 -7.10 7.05
N LYS A 26 8.07 -7.33 7.15
CA LYS A 26 8.89 -6.67 8.16
C LYS A 26 9.91 -5.74 7.53
N LEU A 27 10.06 -4.55 8.11
CA LEU A 27 11.01 -3.57 7.59
C LEU A 27 12.05 -3.21 8.65
N SER A 28 11.62 -2.49 9.67
CA SER A 28 12.52 -2.08 10.75
C SER A 28 11.95 -0.87 11.50
N ARG A 29 12.64 -0.47 12.56
CA ARG A 29 12.21 0.67 13.37
C ARG A 29 12.61 1.98 12.69
N ARG A 30 13.03 1.89 11.43
CA ARG A 30 13.44 3.08 10.67
C ARG A 30 12.57 3.25 9.43
N ASP A 31 12.36 2.17 8.69
CA ASP A 31 11.55 2.21 7.49
C ASP A 31 10.08 1.94 7.81
N LEU A 32 9.77 1.89 9.09
CA LEU A 32 8.40 1.63 9.54
C LEU A 32 7.47 2.76 9.09
N PRO A 33 7.87 4.01 9.36
CA PRO A 33 7.09 5.19 9.00
C PRO A 33 7.07 5.42 7.49
N ALA A 34 8.06 4.87 6.80
CA ALA A 34 8.15 5.02 5.35
C ALA A 34 7.42 3.89 4.64
N HIS A 35 7.33 2.74 5.30
CA HIS A 35 6.65 1.58 4.74
C HIS A 35 5.14 1.73 4.84
N LEU A 36 4.68 2.37 5.90
CA LEU A 36 3.25 2.57 6.12
C LEU A 36 2.76 3.79 5.34
N GLN A 37 3.61 4.33 4.48
CA GLN A 37 3.25 5.49 3.67
C GLN A 37 2.83 5.07 2.27
N HIS A 38 3.65 4.25 1.63
CA HIS A 38 3.35 3.77 0.28
C HIS A 38 4.07 2.44 0.00
N ASP A 39 4.29 1.67 1.06
CA ASP A 39 4.96 0.38 0.94
C ASP A 39 4.11 -0.73 1.54
N CYS A 40 3.25 -0.37 2.50
CA CYS A 40 2.38 -1.34 3.15
C CYS A 40 1.29 -1.81 2.20
N PRO A 41 1.20 -3.14 2.02
CA PRO A 41 0.20 -3.76 1.15
C PRO A 41 -1.21 -3.65 1.71
N LYS A 42 -1.36 -3.94 3.00
CA LYS A 42 -2.65 -3.87 3.67
C LYS A 42 -2.96 -2.44 4.12
N ARG A 43 -2.25 -1.48 3.55
CA ARG A 43 -2.44 -0.08 3.90
C ARG A 43 -3.92 0.29 3.88
N ARG A 44 -4.71 -0.51 3.16
CA ARG A 44 -6.15 -0.27 3.07
C ARG A 44 -6.44 0.87 2.10
N LEU A 45 -5.95 0.73 0.87
CA LEU A 45 -6.16 1.75 -0.16
C LEU A 45 -6.82 1.15 -1.39
N LYS A 46 -8.12 1.44 -1.54
CA LYS A 46 -8.88 0.94 -2.69
C LYS A 46 -9.59 2.07 -3.42
N CYS A 47 -9.56 2.03 -4.74
CA CYS A 47 -10.20 3.06 -5.55
C CYS A 47 -11.71 3.04 -5.35
N GLU A 48 -12.36 4.16 -5.65
CA GLU A 48 -13.81 4.27 -5.51
C GLU A 48 -14.50 4.05 -6.86
N PHE A 49 -13.80 4.38 -7.94
CA PHE A 49 -14.36 4.23 -9.28
C PHE A 49 -14.14 2.81 -9.79
N CYS A 50 -12.90 2.48 -10.10
CA CYS A 50 -12.56 1.15 -10.60
C CYS A 50 -12.62 0.12 -9.49
N GLY A 51 -12.36 0.56 -8.27
CA GLY A 51 -12.39 -0.34 -7.13
C GLY A 51 -11.26 -1.35 -7.16
N CYS A 52 -10.02 -0.87 -7.17
CA CYS A 52 -8.85 -1.74 -7.21
C CYS A 52 -7.80 -1.28 -6.20
N ASP A 53 -7.31 -2.21 -5.40
CA ASP A 53 -6.30 -1.91 -4.39
C ASP A 53 -5.10 -1.22 -5.03
N PHE A 54 -4.55 -0.24 -4.31
CA PHE A 54 -3.39 0.50 -4.80
C PHE A 54 -2.50 0.94 -3.64
N SER A 55 -1.29 1.39 -3.97
CA SER A 55 -0.34 1.85 -2.96
C SER A 55 -0.37 3.36 -2.82
N GLY A 56 0.55 3.90 -2.02
CA GLY A 56 0.61 5.33 -1.82
C GLY A 56 1.12 6.07 -3.05
N GLU A 57 2.04 5.45 -3.77
CA GLU A 57 2.60 6.06 -4.97
C GLU A 57 1.62 5.99 -6.14
N ALA A 58 0.73 4.99 -6.09
CA ALA A 58 -0.26 4.80 -7.13
C ALA A 58 -1.60 5.41 -6.73
N TYR A 59 -2.17 4.90 -5.63
CA TYR A 59 -3.45 5.38 -5.13
C TYR A 59 -3.50 6.91 -5.15
N GLU A 60 -2.33 7.54 -4.97
CA GLU A 60 -2.25 8.99 -4.96
C GLU A 60 -2.42 9.55 -6.37
N SER A 61 -1.53 9.16 -7.28
CA SER A 61 -1.58 9.62 -8.66
C SER A 61 -2.70 8.92 -9.42
N HIS A 62 -3.35 7.96 -8.77
CA HIS A 62 -4.44 7.21 -9.40
C HIS A 62 -5.78 7.88 -9.12
N GLU A 63 -5.78 8.83 -8.18
CA GLU A 63 -7.01 9.53 -7.82
C GLU A 63 -7.48 10.42 -8.97
N GLY A 64 -6.55 10.80 -9.84
CA GLY A 64 -6.89 11.64 -10.96
C GLY A 64 -6.88 10.88 -12.28
N MET A 65 -6.13 9.78 -12.32
CA MET A 65 -6.04 8.96 -13.52
C MET A 65 -6.52 7.54 -13.26
N CYS A 66 -7.82 7.33 -13.37
CA CYS A 66 -8.41 6.01 -13.14
C CYS A 66 -8.87 5.39 -14.45
N PRO A 67 -8.59 4.08 -14.61
CA PRO A 67 -8.97 3.34 -15.82
C PRO A 67 -10.48 3.13 -15.92
N GLN A 68 -11.13 3.03 -14.76
CA GLN A 68 -12.57 2.82 -14.72
C GLN A 68 -13.26 3.91 -13.89
N GLU A 69 -13.41 5.09 -14.48
CA GLU A 69 -14.04 6.21 -13.80
C GLU A 69 -15.56 6.11 -13.89
N SER A 70 -16.05 5.59 -15.01
CA SER A 70 -17.49 5.44 -15.22
C SER A 70 -18.09 4.49 -14.19
N SER A 71 -18.78 5.04 -13.20
CA SER A 71 -19.39 4.24 -12.15
C SER A 71 -20.48 3.34 -12.72
N GLY A 72 -20.88 2.33 -11.95
CA GLY A 72 -21.91 1.41 -12.41
C GLY A 72 -21.38 0.39 -13.40
N PRO A 73 -20.49 -0.50 -12.92
CA PRO A 73 -19.90 -1.54 -13.77
C PRO A 73 -20.91 -2.61 -14.17
N SER A 74 -20.70 -3.21 -15.34
CA SER A 74 -21.59 -4.24 -15.84
C SER A 74 -21.10 -5.63 -15.43
N SER A 75 -19.78 -5.75 -15.26
CA SER A 75 -19.19 -7.02 -14.87
C SER A 75 -17.97 -6.80 -13.99
N GLY A 76 -17.49 -7.89 -13.37
CA GLY A 76 -16.33 -7.79 -12.50
C GLY A 76 -16.59 -6.95 -11.27
ZN ZN B . 2.96 -3.17 6.16
ZN ZN C . -9.31 3.56 -10.12
N GLY A 1 5.79 -31.12 -7.05
CA GLY A 1 4.46 -30.75 -6.61
C GLY A 1 4.39 -29.32 -6.13
N SER A 2 5.55 -28.66 -6.04
CA SER A 2 5.62 -27.28 -5.59
C SER A 2 6.71 -26.52 -6.35
N SER A 3 6.34 -25.38 -6.92
CA SER A 3 7.27 -24.56 -7.68
C SER A 3 8.59 -24.41 -6.91
N GLY A 4 9.63 -25.07 -7.40
CA GLY A 4 10.94 -24.98 -6.76
C GLY A 4 11.61 -26.34 -6.65
N SER A 5 12.92 -26.37 -6.87
CA SER A 5 13.68 -27.59 -6.81
C SER A 5 13.60 -28.22 -5.42
N SER A 6 13.45 -29.54 -5.37
CA SER A 6 13.35 -30.26 -4.10
C SER A 6 14.27 -29.63 -3.05
N GLY A 7 13.69 -29.21 -1.93
CA GLY A 7 14.48 -28.61 -0.87
C GLY A 7 14.39 -27.09 -0.88
N HIS A 8 14.66 -26.49 0.27
CA HIS A 8 14.61 -25.03 0.39
C HIS A 8 15.83 -24.50 1.12
N LEU A 9 16.33 -23.35 0.69
CA LEU A 9 17.49 -22.73 1.30
C LEU A 9 17.25 -22.44 2.77
N ASN A 10 18.33 -22.17 3.50
CA ASN A 10 18.23 -21.87 4.93
C ASN A 10 18.08 -20.37 5.16
N THR A 11 17.97 -19.98 6.43
CA THR A 11 17.82 -18.57 6.79
C THR A 11 18.36 -18.31 8.18
N CYS A 12 18.44 -17.03 8.54
CA CYS A 12 18.94 -16.64 9.86
C CYS A 12 18.15 -15.45 10.40
N SER A 13 18.46 -15.06 11.64
CA SER A 13 17.77 -13.95 12.28
C SER A 13 18.32 -12.61 11.79
N PHE A 14 17.68 -11.53 12.20
CA PHE A 14 18.11 -10.19 11.80
C PHE A 14 17.28 -9.12 12.51
N ASN A 15 17.78 -7.89 12.49
CA ASN A 15 17.10 -6.77 13.14
C ASN A 15 15.91 -6.30 12.29
N VAL A 16 14.71 -6.53 12.78
CA VAL A 16 13.50 -6.12 12.07
C VAL A 16 12.25 -6.40 12.90
N ILE A 17 11.24 -5.56 12.73
CA ILE A 17 9.99 -5.72 13.46
C ILE A 17 8.81 -5.85 12.51
N PRO A 18 7.75 -6.54 12.97
CA PRO A 18 6.54 -6.76 12.17
C PRO A 18 5.74 -5.48 11.98
N CYS A 19 5.12 -5.35 10.81
CA CYS A 19 4.32 -4.17 10.50
C CYS A 19 3.08 -4.10 11.37
N PRO A 20 2.81 -2.92 11.93
CA PRO A 20 1.64 -2.70 12.80
C PRO A 20 0.32 -2.75 12.03
N ASN A 21 0.39 -2.43 10.74
CA ASN A 21 -0.80 -2.44 9.89
C ASN A 21 -1.37 -3.84 9.78
N ARG A 22 -0.65 -4.83 10.31
CA ARG A 22 -1.09 -6.21 10.26
C ARG A 22 -0.80 -6.83 8.90
N CYS A 23 0.42 -6.64 8.42
CA CYS A 23 0.82 -7.18 7.11
C CYS A 23 2.07 -8.02 7.24
N PRO A 24 2.11 -9.14 6.49
CA PRO A 24 3.25 -10.07 6.49
C PRO A 24 4.48 -9.47 5.84
N MET A 25 5.01 -8.41 6.43
CA MET A 25 6.20 -7.75 5.90
C MET A 25 6.94 -7.00 7.00
N LYS A 26 8.19 -7.41 7.25
CA LYS A 26 9.02 -6.79 8.27
C LYS A 26 10.06 -5.87 7.65
N LEU A 27 10.04 -4.61 8.05
CA LEU A 27 10.99 -3.63 7.52
C LEU A 27 12.02 -3.26 8.58
N SER A 28 11.57 -2.53 9.61
CA SER A 28 12.47 -2.11 10.69
C SER A 28 11.87 -0.93 11.44
N ARG A 29 12.55 -0.52 12.51
CA ARG A 29 12.08 0.60 13.33
C ARG A 29 12.44 1.94 12.68
N ARG A 30 12.85 1.88 11.42
CA ARG A 30 13.23 3.09 10.69
C ARG A 30 12.36 3.25 9.44
N ASP A 31 12.20 2.17 8.68
CA ASP A 31 11.40 2.20 7.46
C ASP A 31 9.94 1.90 7.77
N LEU A 32 9.63 1.74 9.05
CA LEU A 32 8.27 1.44 9.47
C LEU A 32 7.30 2.53 9.00
N PRO A 33 7.66 3.79 9.27
CA PRO A 33 6.83 4.94 8.87
C PRO A 33 6.83 5.15 7.36
N ALA A 34 7.93 4.81 6.71
CA ALA A 34 8.05 4.96 5.27
C ALA A 34 7.38 3.80 4.54
N HIS A 35 7.20 2.68 5.24
CA HIS A 35 6.57 1.51 4.66
C HIS A 35 5.05 1.59 4.75
N LEU A 36 4.57 2.27 5.79
CA LEU A 36 3.13 2.42 6.00
C LEU A 36 2.60 3.62 5.21
N GLN A 37 3.50 4.35 4.57
CA GLN A 37 3.11 5.52 3.78
C GLN A 37 2.68 5.10 2.38
N HIS A 38 3.53 4.37 1.69
CA HIS A 38 3.23 3.92 0.34
C HIS A 38 4.03 2.66 0.00
N ASP A 39 4.32 1.85 1.02
CA ASP A 39 5.07 0.62 0.83
C ASP A 39 4.42 -0.54 1.58
N CYS A 40 3.22 -0.29 2.11
CA CYS A 40 2.49 -1.31 2.86
C CYS A 40 1.31 -1.83 2.04
N PRO A 41 1.19 -3.17 1.96
CA PRO A 41 0.10 -3.82 1.21
C PRO A 41 -1.25 -3.64 1.89
N LYS A 42 -1.27 -3.78 3.21
CA LYS A 42 -2.49 -3.64 3.99
C LYS A 42 -2.62 -2.23 4.55
N ARG A 43 -2.08 -1.26 3.84
CA ARG A 43 -2.12 0.13 4.27
C ARG A 43 -3.57 0.57 4.54
N ARG A 44 -4.52 -0.16 3.98
CA ARG A 44 -5.93 0.14 4.15
C ARG A 44 -6.28 1.50 3.53
N LEU A 45 -5.88 1.67 2.27
CA LEU A 45 -6.15 2.92 1.55
C LEU A 45 -6.43 2.64 0.07
N LYS A 46 -7.69 2.72 -0.31
CA LYS A 46 -8.09 2.50 -1.69
C LYS A 46 -8.85 3.69 -2.25
N CYS A 47 -8.85 3.83 -3.57
CA CYS A 47 -9.56 4.92 -4.23
C CYS A 47 -11.03 4.95 -3.82
N GLU A 48 -11.59 6.15 -3.75
CA GLU A 48 -12.99 6.32 -3.38
C GLU A 48 -13.87 6.41 -4.62
N PHE A 49 -13.38 5.90 -5.73
CA PHE A 49 -14.12 5.93 -6.99
C PHE A 49 -14.18 4.55 -7.63
N CYS A 50 -13.01 3.96 -7.87
CA CYS A 50 -12.93 2.65 -8.48
C CYS A 50 -12.79 1.56 -7.41
N GLY A 51 -12.83 1.98 -6.14
CA GLY A 51 -12.72 1.03 -5.05
C GLY A 51 -11.66 -0.02 -5.30
N CYS A 52 -10.42 0.42 -5.50
CA CYS A 52 -9.31 -0.49 -5.75
C CYS A 52 -8.08 -0.11 -4.93
N ASP A 53 -7.67 -1.00 -4.04
CA ASP A 53 -6.51 -0.76 -3.19
C ASP A 53 -5.45 0.04 -3.94
N PHE A 54 -4.79 0.95 -3.23
CA PHE A 54 -3.75 1.78 -3.83
C PHE A 54 -2.65 2.08 -2.82
N SER A 55 -1.68 2.90 -3.23
CA SER A 55 -0.57 3.27 -2.37
C SER A 55 -0.70 4.71 -1.89
N GLY A 56 0.31 5.20 -1.17
CA GLY A 56 0.28 6.55 -0.67
C GLY A 56 0.56 7.58 -1.74
N GLU A 57 1.74 7.49 -2.36
CA GLU A 57 2.12 8.43 -3.41
C GLU A 57 1.31 8.17 -4.68
N ALA A 58 0.78 6.97 -4.81
CA ALA A 58 -0.02 6.60 -5.98
C ALA A 58 -1.46 7.08 -5.82
N TYR A 59 -2.04 6.82 -4.66
CA TYR A 59 -3.42 7.22 -4.39
C TYR A 59 -3.62 8.71 -4.65
N GLU A 60 -2.52 9.46 -4.56
CA GLU A 60 -2.56 10.90 -4.79
C GLU A 60 -2.62 11.22 -6.28
N SER A 61 -1.61 10.76 -7.02
CA SER A 61 -1.55 11.00 -8.46
C SER A 61 -2.72 10.33 -9.18
N HIS A 62 -3.44 9.49 -8.45
CA HIS A 62 -4.58 8.77 -9.00
C HIS A 62 -5.84 9.64 -8.97
N GLU A 63 -5.76 10.74 -8.24
CA GLU A 63 -6.90 11.66 -8.11
C GLU A 63 -7.17 12.37 -9.42
N GLY A 64 -6.25 12.24 -10.37
CA GLY A 64 -6.40 12.87 -11.66
C GLY A 64 -6.80 11.90 -12.75
N MET A 65 -6.75 10.60 -12.43
CA MET A 65 -7.09 9.56 -13.38
C MET A 65 -7.68 8.35 -12.68
N CYS A 66 -8.96 8.07 -12.95
CA CYS A 66 -9.64 6.94 -12.33
C CYS A 66 -10.36 6.10 -13.38
N PRO A 67 -10.21 4.77 -13.29
CA PRO A 67 -10.84 3.84 -14.22
C PRO A 67 -12.35 3.78 -14.05
N GLN A 68 -12.81 3.89 -12.82
CA GLN A 68 -14.24 3.85 -12.52
C GLN A 68 -14.68 5.13 -11.81
N GLU A 69 -14.81 6.21 -12.58
CA GLU A 69 -15.22 7.49 -12.02
C GLU A 69 -16.75 7.57 -11.91
N SER A 70 -17.41 6.48 -12.29
CA SER A 70 -18.87 6.43 -12.23
C SER A 70 -19.48 7.54 -13.08
N SER A 71 -18.79 7.92 -14.14
CA SER A 71 -19.27 8.99 -15.02
C SER A 71 -20.16 8.42 -16.11
N GLY A 72 -19.58 7.62 -16.99
CA GLY A 72 -20.33 7.02 -18.08
C GLY A 72 -19.54 5.98 -18.84
N PRO A 73 -19.53 4.74 -18.30
CA PRO A 73 -18.80 3.62 -18.91
C PRO A 73 -19.45 3.15 -20.21
N SER A 74 -18.64 3.07 -21.27
CA SER A 74 -19.14 2.64 -22.57
C SER A 74 -18.88 1.15 -22.79
N SER A 75 -19.95 0.39 -22.96
CA SER A 75 -19.85 -1.04 -23.18
C SER A 75 -19.95 -1.39 -24.66
N GLY A 76 -19.97 -2.68 -24.96
CA GLY A 76 -20.06 -3.11 -26.35
C GLY A 76 -19.43 -4.47 -26.57
ZN ZN B . 3.00 -3.10 6.13
ZN ZN C . -9.87 5.41 -8.88
N GLY A 1 3.46 3.33 -7.23
CA GLY A 1 4.09 2.13 -7.73
C GLY A 1 4.69 1.29 -6.62
N SER A 2 5.01 0.04 -6.93
CA SER A 2 5.60 -0.88 -5.95
C SER A 2 6.88 -1.49 -6.49
N SER A 3 7.94 -1.43 -5.68
CA SER A 3 9.22 -1.98 -6.07
C SER A 3 9.36 -3.44 -5.63
N GLY A 4 9.12 -3.69 -4.35
CA GLY A 4 9.21 -5.04 -3.82
C GLY A 4 7.96 -5.86 -4.09
N SER A 5 7.87 -7.01 -3.45
CA SER A 5 6.71 -7.89 -3.63
C SER A 5 6.62 -8.90 -2.49
N SER A 6 5.40 -9.40 -2.26
CA SER A 6 5.18 -10.37 -1.20
C SER A 6 5.77 -11.73 -1.56
N GLY A 7 6.20 -12.47 -0.55
CA GLY A 7 6.79 -13.78 -0.78
C GLY A 7 8.31 -13.76 -0.75
N HIS A 8 8.87 -13.82 0.46
CA HIS A 8 10.31 -13.81 0.63
C HIS A 8 10.70 -14.36 2.00
N LEU A 9 11.73 -15.20 2.03
CA LEU A 9 12.21 -15.80 3.26
C LEU A 9 13.71 -15.62 3.42
N ASN A 10 14.26 -16.10 4.54
CA ASN A 10 15.68 -15.99 4.80
C ASN A 10 16.15 -17.12 5.70
N THR A 11 17.46 -17.21 5.91
CA THR A 11 18.04 -18.25 6.75
C THR A 11 18.89 -17.64 7.86
N CYS A 12 19.31 -16.40 7.68
CA CYS A 12 20.13 -15.70 8.67
C CYS A 12 19.25 -14.96 9.67
N SER A 13 18.18 -14.35 9.18
CA SER A 13 17.27 -13.61 10.03
C SER A 13 17.91 -12.29 10.49
N PHE A 14 17.30 -11.18 10.09
CA PHE A 14 17.81 -9.87 10.47
C PHE A 14 17.08 -9.32 11.69
N ASN A 15 17.56 -8.19 12.21
CA ASN A 15 16.96 -7.58 13.37
C ASN A 15 15.96 -6.49 12.97
N VAL A 16 14.68 -6.86 12.88
CA VAL A 16 13.64 -5.92 12.49
C VAL A 16 12.36 -6.18 13.28
N ILE A 17 11.30 -5.45 12.94
CA ILE A 17 10.01 -5.60 13.60
C ILE A 17 8.89 -5.75 12.59
N PRO A 18 7.82 -6.45 12.99
CA PRO A 18 6.65 -6.69 12.13
C PRO A 18 5.84 -5.41 11.90
N CYS A 19 5.16 -5.34 10.76
CA CYS A 19 4.36 -4.18 10.41
C CYS A 19 3.12 -4.10 11.32
N PRO A 20 2.83 -2.89 11.81
CA PRO A 20 1.68 -2.65 12.69
C PRO A 20 0.35 -2.76 11.93
N ASN A 21 0.40 -2.58 10.63
CA ASN A 21 -0.80 -2.66 9.80
C ASN A 21 -1.35 -4.09 9.79
N ARG A 22 -0.60 -5.01 10.38
CA ARG A 22 -1.02 -6.41 10.43
C ARG A 22 -0.77 -7.10 9.10
N CYS A 23 0.22 -6.61 8.35
CA CYS A 23 0.56 -7.19 7.06
C CYS A 23 1.82 -8.05 7.16
N PRO A 24 1.85 -9.15 6.39
CA PRO A 24 2.98 -10.07 6.37
C PRO A 24 4.22 -9.46 5.72
N MET A 25 4.76 -8.41 6.34
CA MET A 25 5.94 -7.73 5.82
C MET A 25 6.63 -6.93 6.91
N LYS A 26 7.93 -7.15 7.09
CA LYS A 26 8.71 -6.45 8.10
C LYS A 26 9.81 -5.63 7.46
N LEU A 27 10.09 -4.46 8.02
CA LEU A 27 11.14 -3.59 7.51
C LEU A 27 12.19 -3.31 8.57
N SER A 28 11.82 -2.52 9.57
CA SER A 28 12.73 -2.17 10.66
C SER A 28 12.15 -1.06 11.53
N ARG A 29 12.91 -0.63 12.53
CA ARG A 29 12.47 0.42 13.43
C ARG A 29 12.82 1.80 12.88
N ARG A 30 12.98 1.88 11.56
CA ARG A 30 13.32 3.14 10.91
C ARG A 30 12.52 3.32 9.62
N ASP A 31 12.38 2.24 8.87
CA ASP A 31 11.64 2.28 7.62
C ASP A 31 10.16 1.99 7.85
N LEU A 32 9.77 1.92 9.12
CA LEU A 32 8.38 1.65 9.48
C LEU A 32 7.47 2.78 9.02
N PRO A 33 7.86 4.02 9.34
CA PRO A 33 7.09 5.21 8.96
C PRO A 33 7.13 5.48 7.46
N ALA A 34 7.94 4.71 6.76
CA ALA A 34 8.06 4.86 5.30
C ALA A 34 7.52 3.65 4.57
N HIS A 35 6.91 2.74 5.33
CA HIS A 35 6.34 1.52 4.75
C HIS A 35 4.81 1.58 4.75
N LEU A 36 4.25 2.11 5.84
CA LEU A 36 2.80 2.23 5.97
C LEU A 36 2.27 3.38 5.14
N GLN A 37 3.17 4.12 4.50
CA GLN A 37 2.79 5.25 3.67
C GLN A 37 2.44 4.79 2.26
N HIS A 38 3.44 4.31 1.53
CA HIS A 38 3.25 3.85 0.17
C HIS A 38 4.06 2.59 -0.10
N ASP A 39 4.34 1.83 0.94
CA ASP A 39 5.12 0.61 0.82
C ASP A 39 4.47 -0.54 1.59
N CYS A 40 3.24 -0.31 2.04
CA CYS A 40 2.49 -1.32 2.78
C CYS A 40 1.31 -1.84 1.96
N PRO A 41 1.18 -3.17 1.90
CA PRO A 41 0.09 -3.82 1.16
C PRO A 41 -1.27 -3.62 1.82
N LYS A 42 -1.29 -3.69 3.15
CA LYS A 42 -2.52 -3.52 3.90
C LYS A 42 -2.59 -2.12 4.51
N ARG A 43 -2.04 -1.14 3.80
CA ARG A 43 -2.04 0.24 4.25
C ARG A 43 -3.31 0.54 5.06
N ARG A 44 -4.42 -0.06 4.65
CA ARG A 44 -5.69 0.14 5.33
C ARG A 44 -6.12 1.60 5.25
N LEU A 45 -6.17 2.14 4.03
CA LEU A 45 -6.56 3.54 3.83
C LEU A 45 -7.64 3.64 2.76
N LYS A 46 -8.88 3.86 3.20
CA LYS A 46 -10.00 3.99 2.27
C LYS A 46 -10.73 5.30 2.49
N CYS A 47 -11.45 5.75 1.47
CA CYS A 47 -12.21 6.99 1.56
C CYS A 47 -13.56 6.78 2.21
N GLU A 48 -13.86 7.57 3.24
CA GLU A 48 -15.12 7.45 3.96
C GLU A 48 -16.23 8.18 3.22
N PHE A 49 -15.99 8.51 1.95
CA PHE A 49 -16.96 9.21 1.13
C PHE A 49 -17.42 8.34 -0.04
N CYS A 50 -16.48 7.98 -0.90
CA CYS A 50 -16.78 7.16 -2.06
C CYS A 50 -16.56 5.69 -1.76
N GLY A 51 -15.59 5.41 -0.89
CA GLY A 51 -15.28 4.03 -0.53
C GLY A 51 -14.23 3.41 -1.42
N CYS A 52 -13.20 4.18 -1.73
CA CYS A 52 -12.12 3.71 -2.59
C CYS A 52 -10.81 3.59 -1.81
N ASP A 53 -9.98 2.64 -2.20
CA ASP A 53 -8.70 2.42 -1.53
C ASP A 53 -7.66 3.43 -2.02
N PHE A 54 -6.81 3.88 -1.11
CA PHE A 54 -5.77 4.84 -1.46
C PHE A 54 -4.49 4.58 -0.64
N SER A 55 -3.34 4.81 -1.28
CA SER A 55 -2.06 4.60 -0.63
C SER A 55 -1.29 5.91 -0.47
N GLY A 56 -0.53 6.03 0.61
CA GLY A 56 0.23 7.23 0.86
C GLY A 56 -0.65 8.41 1.25
N GLU A 57 -0.03 9.57 1.42
CA GLU A 57 -0.76 10.78 1.81
C GLU A 57 -1.89 11.06 0.83
N ALA A 58 -1.86 10.39 -0.31
CA ALA A 58 -2.89 10.56 -1.33
C ALA A 58 -4.28 10.61 -0.70
N TYR A 59 -4.62 9.56 0.03
CA TYR A 59 -5.93 9.47 0.68
C TYR A 59 -6.31 10.81 1.30
N GLU A 60 -5.31 11.57 1.74
CA GLU A 60 -5.55 12.87 2.35
C GLU A 60 -5.96 13.90 1.30
N SER A 61 -5.15 14.02 0.25
CA SER A 61 -5.43 14.98 -0.82
C SER A 61 -6.70 14.59 -1.56
N HIS A 62 -7.19 13.38 -1.30
CA HIS A 62 -8.41 12.89 -1.95
C HIS A 62 -9.65 13.40 -1.23
N GLU A 63 -9.44 14.00 -0.06
CA GLU A 63 -10.55 14.53 0.73
C GLU A 63 -11.20 15.71 0.03
N GLY A 64 -10.44 16.38 -0.82
CA GLY A 64 -10.96 17.53 -1.55
C GLY A 64 -11.43 17.17 -2.94
N MET A 65 -10.78 16.18 -3.54
CA MET A 65 -11.15 15.74 -4.88
C MET A 65 -11.71 14.32 -4.86
N CYS A 66 -12.91 14.17 -4.30
CA CYS A 66 -13.56 12.87 -4.21
C CYS A 66 -14.74 12.78 -5.17
N PRO A 67 -14.87 11.62 -5.84
CA PRO A 67 -15.95 11.38 -6.80
C PRO A 67 -17.31 11.27 -6.13
N GLN A 68 -17.35 10.61 -4.98
CA GLN A 68 -18.59 10.44 -4.23
C GLN A 68 -18.47 11.04 -2.83
N GLU A 69 -18.46 12.36 -2.76
CA GLU A 69 -18.36 13.06 -1.49
C GLU A 69 -19.56 12.77 -0.61
N SER A 70 -20.70 12.48 -1.24
CA SER A 70 -21.93 12.19 -0.52
C SER A 70 -21.65 11.26 0.67
N SER A 71 -22.54 11.31 1.66
CA SER A 71 -22.39 10.47 2.85
C SER A 71 -22.13 9.02 2.47
N GLY A 72 -23.00 8.47 1.63
CA GLY A 72 -22.85 7.09 1.21
C GLY A 72 -22.89 6.12 2.37
N PRO A 73 -23.27 4.86 2.08
CA PRO A 73 -23.36 3.82 3.09
C PRO A 73 -22.00 3.39 3.62
N SER A 74 -20.94 3.93 3.02
CA SER A 74 -19.58 3.60 3.41
C SER A 74 -19.47 2.13 3.83
N SER A 75 -20.00 1.25 2.98
CA SER A 75 -19.98 -0.19 3.27
C SER A 75 -18.60 -0.77 2.95
N GLY A 76 -18.35 -1.97 3.45
CA GLY A 76 -17.07 -2.62 3.22
C GLY A 76 -17.16 -4.13 3.32
ZN ZN B . 2.84 -3.22 6.08
ZN ZN C . -13.55 9.49 -2.18
#